data_3WIT
# 
_entry.id   3WIT 
# 
_audit_conform.dict_name       mmcif_pdbx.dic 
_audit_conform.dict_version    5.397 
_audit_conform.dict_location   http://mmcif.pdb.org/dictionaries/ascii/mmcif_pdbx.dic 
# 
loop_
_database_2.database_id 
_database_2.database_code 
_database_2.pdbx_database_accession 
_database_2.pdbx_DOI 
PDB   3WIT         pdb_00003wit 10.2210/pdb3wit/pdb 
RCSB  RCSB096388   ?            ?                   
WWPDB D_1000096388 ?            ?                   
# 
loop_
_pdbx_audit_revision_history.ordinal 
_pdbx_audit_revision_history.data_content_type 
_pdbx_audit_revision_history.major_revision 
_pdbx_audit_revision_history.minor_revision 
_pdbx_audit_revision_history.revision_date 
1 'Structure model' 1 0 2013-12-18 
2 'Structure model' 1 1 2014-02-19 
3 'Structure model' 1 2 2014-03-26 
4 'Structure model' 1 3 2017-11-22 
5 'Structure model' 1 4 2024-10-09 
# 
_pdbx_audit_revision_details.ordinal             1 
_pdbx_audit_revision_details.revision_ordinal    1 
_pdbx_audit_revision_details.data_content_type   'Structure model' 
_pdbx_audit_revision_details.provider            repository 
_pdbx_audit_revision_details.type                'Initial release' 
_pdbx_audit_revision_details.description         ? 
_pdbx_audit_revision_details.details             ? 
# 
loop_
_pdbx_audit_revision_group.ordinal 
_pdbx_audit_revision_group.revision_ordinal 
_pdbx_audit_revision_group.data_content_type 
_pdbx_audit_revision_group.group 
1 2 'Structure model' 'Database references'    
2 3 'Structure model' 'Database references'    
3 4 'Structure model' 'Refinement description' 
4 5 'Structure model' 'Data collection'        
5 5 'Structure model' 'Database references'    
6 5 'Structure model' 'Derived calculations'   
7 5 'Structure model' 'Structure summary'      
# 
loop_
_pdbx_audit_revision_category.ordinal 
_pdbx_audit_revision_category.revision_ordinal 
_pdbx_audit_revision_category.data_content_type 
_pdbx_audit_revision_category.category 
1 4 'Structure model' software                  
2 5 'Structure model' chem_comp_atom            
3 5 'Structure model' chem_comp_bond            
4 5 'Structure model' database_2                
5 5 'Structure model' pdbx_entry_details        
6 5 'Structure model' pdbx_modification_feature 
7 5 'Structure model' struct_conn               
8 5 'Structure model' struct_ref_seq_dif        
# 
loop_
_pdbx_audit_revision_item.ordinal 
_pdbx_audit_revision_item.revision_ordinal 
_pdbx_audit_revision_item.data_content_type 
_pdbx_audit_revision_item.item 
1 4 'Structure model' '_software.name'                      
2 5 'Structure model' '_database_2.pdbx_DOI'                
3 5 'Structure model' '_database_2.pdbx_database_accession' 
4 5 'Structure model' '_struct_conn.pdbx_leaving_atom_flag' 
5 5 'Structure model' '_struct_ref_seq_dif.details'         
# 
_pdbx_database_status.status_code                     REL 
_pdbx_database_status.entry_id                        3WIT 
_pdbx_database_status.recvd_initial_deposition_date   2013-09-25 
_pdbx_database_status.deposit_site                    PDBJ 
_pdbx_database_status.process_site                    PDBJ 
_pdbx_database_status.methods_development_category    ? 
_pdbx_database_status.status_code_sf                  REL 
_pdbx_database_status.status_code_mr                  ? 
_pdbx_database_status.SG_entry                        ? 
_pdbx_database_status.status_code_cs                  ? 
_pdbx_database_status.pdb_format_compatible           Y 
_pdbx_database_status.status_code_nmr_data            ? 
# 
loop_
_audit_author.name 
_audit_author.pdbx_ordinal 
'Uchida, K.'   1 
'Leiman, P.G.' 2 
'Arisaka, F.'  3 
'Kanamaru, S.' 4 
# 
_citation.id                        primary 
_citation.title                     
'Structure and properties of the C-terminal beta-helical domain of VgrG protein from Escherichia coli O157' 
_citation.journal_abbrev            J.Biochem. 
_citation.journal_volume            155 
_citation.page_first                173 
_citation.page_last                 182 
_citation.year                      2014 
_citation.journal_id_ASTM           ? 
_citation.country                   JP 
_citation.journal_id_ISSN           0021-924X 
_citation.journal_id_CSD            ? 
_citation.book_publisher            ? 
_citation.pdbx_database_id_PubMed   24307403 
_citation.pdbx_database_id_DOI      10.1093/jb/mvt109 
# 
loop_
_citation_author.citation_id 
_citation_author.name 
_citation_author.ordinal 
_citation_author.identifier_ORCID 
primary 'Uchida, K.'   1 ? 
primary 'Leiman, P.G.' 2 ? 
primary 'Arisaka, F.'  3 ? 
primary 'Kanamaru, S.' 4 ? 
# 
loop_
_entity.id 
_entity.type 
_entity.src_method 
_entity.pdbx_description 
_entity.formula_weight 
_entity.pdbx_number_of_molecules 
_entity.pdbx_ec 
_entity.pdbx_mutation 
_entity.pdbx_fragment 
_entity.details 
1 polymer man 'Putative Vgr protein' 8618.481 1  ? ? 'UNP residues 561-633' ? 
2 water   nat water                  18.015   13 ? ? ?                      ? 
# 
_entity_name_com.entity_id   1 
_entity_name_com.name        'Uncharacterized protein' 
# 
_entity_poly.entity_id                      1 
_entity_poly.type                           'polypeptide(L)' 
_entity_poly.nstd_linkage                   no 
_entity_poly.nstd_monomer                   yes 
_entity_poly.pdbx_seq_one_letter_code       
;GTIAGSVHVDAVNNGGEGNGIQAYTAIKEI(MSE)LAVEESKIALTPDGIQLQVGESTVIRLSKDGITIVGGSVFINGLE
HHHHHH
;
_entity_poly.pdbx_seq_one_letter_code_can   
;GTIAGSVHVDAVNNGGEGNGIQAYTAIKEIMLAVEESKIALTPDGIQLQVGESTVIRLSKDGITIVGGSVFINGLEHHHH
HH
;
_entity_poly.pdbx_strand_id                 A 
_entity_poly.pdbx_target_identifier         ? 
# 
_pdbx_entity_nonpoly.entity_id   2 
_pdbx_entity_nonpoly.name        water 
_pdbx_entity_nonpoly.comp_id     HOH 
# 
loop_
_entity_poly_seq.entity_id 
_entity_poly_seq.num 
_entity_poly_seq.mon_id 
_entity_poly_seq.hetero 
1 1  GLY n 
1 2  THR n 
1 3  ILE n 
1 4  ALA n 
1 5  GLY n 
1 6  SER n 
1 7  VAL n 
1 8  HIS n 
1 9  VAL n 
1 10 ASP n 
1 11 ALA n 
1 12 VAL n 
1 13 ASN n 
1 14 ASN n 
1 15 GLY n 
1 16 GLY n 
1 17 GLU n 
1 18 GLY n 
1 19 ASN n 
1 20 GLY n 
1 21 ILE n 
1 22 GLN n 
1 23 ALA n 
1 24 TYR n 
1 25 THR n 
1 26 ALA n 
1 27 ILE n 
1 28 LYS n 
1 29 GLU n 
1 30 ILE n 
1 31 MSE n 
1 32 LEU n 
1 33 ALA n 
1 34 VAL n 
1 35 GLU n 
1 36 GLU n 
1 37 SER n 
1 38 LYS n 
1 39 ILE n 
1 40 ALA n 
1 41 LEU n 
1 42 THR n 
1 43 PRO n 
1 44 ASP n 
1 45 GLY n 
1 46 ILE n 
1 47 GLN n 
1 48 LEU n 
1 49 GLN n 
1 50 VAL n 
1 51 GLY n 
1 52 GLU n 
1 53 SER n 
1 54 THR n 
1 55 VAL n 
1 56 ILE n 
1 57 ARG n 
1 58 LEU n 
1 59 SER n 
1 60 LYS n 
1 61 ASP n 
1 62 GLY n 
1 63 ILE n 
1 64 THR n 
1 65 ILE n 
1 66 VAL n 
1 67 GLY n 
1 68 GLY n 
1 69 SER n 
1 70 VAL n 
1 71 PHE n 
1 72 ILE n 
1 73 ASN n 
1 74 GLY n 
1 75 LEU n 
1 76 GLU n 
1 77 HIS n 
1 78 HIS n 
1 79 HIS n 
1 80 HIS n 
1 81 HIS n 
1 82 HIS n 
# 
_entity_src_gen.entity_id                          1 
_entity_src_gen.pdbx_src_id                        1 
_entity_src_gen.pdbx_alt_source_flag               sample 
_entity_src_gen.pdbx_seq_type                      ? 
_entity_src_gen.pdbx_beg_seq_num                   ? 
_entity_src_gen.pdbx_end_seq_num                   ? 
_entity_src_gen.gene_src_common_name               ? 
_entity_src_gen.gene_src_genus                     ? 
_entity_src_gen.pdbx_gene_src_gene                 'ECs0607, VgrG1, Z0707' 
_entity_src_gen.gene_src_species                   ? 
_entity_src_gen.gene_src_strain                    'O157:H7 EDL933' 
_entity_src_gen.gene_src_tissue                    ? 
_entity_src_gen.gene_src_tissue_fraction           ? 
_entity_src_gen.gene_src_details                   ? 
_entity_src_gen.pdbx_gene_src_fragment             ? 
_entity_src_gen.pdbx_gene_src_scientific_name      'Escherichia coli' 
_entity_src_gen.pdbx_gene_src_ncbi_taxonomy_id     83334 
_entity_src_gen.pdbx_gene_src_variant              ? 
_entity_src_gen.pdbx_gene_src_cell_line            ? 
_entity_src_gen.pdbx_gene_src_atcc                 ? 
_entity_src_gen.pdbx_gene_src_organ                ? 
_entity_src_gen.pdbx_gene_src_organelle            ? 
_entity_src_gen.pdbx_gene_src_cell                 ? 
_entity_src_gen.pdbx_gene_src_cellular_location    ? 
_entity_src_gen.host_org_common_name               ? 
_entity_src_gen.pdbx_host_org_scientific_name      'Escherichia coli' 
_entity_src_gen.pdbx_host_org_ncbi_taxonomy_id     562 
_entity_src_gen.host_org_genus                     ? 
_entity_src_gen.pdbx_host_org_gene                 ? 
_entity_src_gen.pdbx_host_org_organ                ? 
_entity_src_gen.host_org_species                   ? 
_entity_src_gen.pdbx_host_org_tissue               ? 
_entity_src_gen.pdbx_host_org_tissue_fraction      ? 
_entity_src_gen.pdbx_host_org_strain               'B384(DE3)' 
_entity_src_gen.pdbx_host_org_variant              ? 
_entity_src_gen.pdbx_host_org_cell_line            ? 
_entity_src_gen.pdbx_host_org_atcc                 ? 
_entity_src_gen.pdbx_host_org_culture_collection   ? 
_entity_src_gen.pdbx_host_org_cell                 ? 
_entity_src_gen.pdbx_host_org_organelle            ? 
_entity_src_gen.pdbx_host_org_cellular_location    ? 
_entity_src_gen.pdbx_host_org_vector_type          Plasmid 
_entity_src_gen.pdbx_host_org_vector               ? 
_entity_src_gen.host_org_details                   ? 
_entity_src_gen.expression_system_id               ? 
_entity_src_gen.plasmid_name                       pET29a 
_entity_src_gen.plasmid_details                    ? 
_entity_src_gen.pdbx_description                   ? 
# 
loop_
_chem_comp.id 
_chem_comp.type 
_chem_comp.mon_nstd_flag 
_chem_comp.name 
_chem_comp.pdbx_synonyms 
_chem_comp.formula 
_chem_comp.formula_weight 
ALA 'L-peptide linking' y ALANINE          ? 'C3 H7 N O2'     89.093  
ARG 'L-peptide linking' y ARGININE         ? 'C6 H15 N4 O2 1' 175.209 
ASN 'L-peptide linking' y ASPARAGINE       ? 'C4 H8 N2 O3'    132.118 
ASP 'L-peptide linking' y 'ASPARTIC ACID'  ? 'C4 H7 N O4'     133.103 
GLN 'L-peptide linking' y GLUTAMINE        ? 'C5 H10 N2 O3'   146.144 
GLU 'L-peptide linking' y 'GLUTAMIC ACID'  ? 'C5 H9 N O4'     147.129 
GLY 'peptide linking'   y GLYCINE          ? 'C2 H5 N O2'     75.067  
HIS 'L-peptide linking' y HISTIDINE        ? 'C6 H10 N3 O2 1' 156.162 
HOH non-polymer         . WATER            ? 'H2 O'           18.015  
ILE 'L-peptide linking' y ISOLEUCINE       ? 'C6 H13 N O2'    131.173 
LEU 'L-peptide linking' y LEUCINE          ? 'C6 H13 N O2'    131.173 
LYS 'L-peptide linking' y LYSINE           ? 'C6 H15 N2 O2 1' 147.195 
MSE 'L-peptide linking' n SELENOMETHIONINE ? 'C5 H11 N O2 Se' 196.106 
PHE 'L-peptide linking' y PHENYLALANINE    ? 'C9 H11 N O2'    165.189 
PRO 'L-peptide linking' y PROLINE          ? 'C5 H9 N O2'     115.130 
SER 'L-peptide linking' y SERINE           ? 'C3 H7 N O3'     105.093 
THR 'L-peptide linking' y THREONINE        ? 'C4 H9 N O3'     119.119 
TYR 'L-peptide linking' y TYROSINE         ? 'C9 H11 N O3'    181.189 
VAL 'L-peptide linking' y VALINE           ? 'C5 H11 N O2'    117.146 
# 
loop_
_pdbx_poly_seq_scheme.asym_id 
_pdbx_poly_seq_scheme.entity_id 
_pdbx_poly_seq_scheme.seq_id 
_pdbx_poly_seq_scheme.mon_id 
_pdbx_poly_seq_scheme.ndb_seq_num 
_pdbx_poly_seq_scheme.pdb_seq_num 
_pdbx_poly_seq_scheme.auth_seq_num 
_pdbx_poly_seq_scheme.pdb_mon_id 
_pdbx_poly_seq_scheme.auth_mon_id 
_pdbx_poly_seq_scheme.pdb_strand_id 
_pdbx_poly_seq_scheme.pdb_ins_code 
_pdbx_poly_seq_scheme.hetero 
A 1 1  GLY 1  561 561 GLY GLY A . n 
A 1 2  THR 2  562 562 THR THR A . n 
A 1 3  ILE 3  563 563 ILE ILE A . n 
A 1 4  ALA 4  564 564 ALA ALA A . n 
A 1 5  GLY 5  565 565 GLY GLY A . n 
A 1 6  SER 6  566 566 SER SER A . n 
A 1 7  VAL 7  567 567 VAL VAL A . n 
A 1 8  HIS 8  568 568 HIS HIS A . n 
A 1 9  VAL 9  569 569 VAL VAL A . n 
A 1 10 ASP 10 570 ?   ?   ?   A . n 
A 1 11 ALA 11 571 ?   ?   ?   A . n 
A 1 12 VAL 12 572 ?   ?   ?   A . n 
A 1 13 ASN 13 573 ?   ?   ?   A . n 
A 1 14 ASN 14 574 ?   ?   ?   A . n 
A 1 15 GLY 15 575 ?   ?   ?   A . n 
A 1 16 GLY 16 576 ?   ?   ?   A . n 
A 1 17 GLU 17 577 ?   ?   ?   A . n 
A 1 18 GLY 18 578 ?   ?   ?   A . n 
A 1 19 ASN 19 579 ?   ?   ?   A . n 
A 1 20 GLY 20 580 ?   ?   ?   A . n 
A 1 21 ILE 21 581 ?   ?   ?   A . n 
A 1 22 GLN 22 582 ?   ?   ?   A . n 
A 1 23 ALA 23 583 ?   ?   ?   A . n 
A 1 24 TYR 24 584 ?   ?   ?   A . n 
A 1 25 THR 25 585 ?   ?   ?   A . n 
A 1 26 ALA 26 586 ?   ?   ?   A . n 
A 1 27 ILE 27 587 587 ILE ILE A . n 
A 1 28 LYS 28 588 588 LYS LYS A . n 
A 1 29 GLU 29 589 589 GLU GLU A . n 
A 1 30 ILE 30 590 590 ILE ILE A . n 
A 1 31 MSE 31 591 591 MSE MSE A . n 
A 1 32 LEU 32 592 592 LEU LEU A . n 
A 1 33 ALA 33 593 593 ALA ALA A . n 
A 1 34 VAL 34 594 594 VAL VAL A . n 
A 1 35 GLU 35 595 595 GLU GLU A . n 
A 1 36 GLU 36 596 596 GLU GLU A . n 
A 1 37 SER 37 597 597 SER SER A . n 
A 1 38 LYS 38 598 598 LYS LYS A . n 
A 1 39 ILE 39 599 599 ILE ILE A . n 
A 1 40 ALA 40 600 600 ALA ALA A . n 
A 1 41 LEU 41 601 601 LEU LEU A . n 
A 1 42 THR 42 602 602 THR THR A . n 
A 1 43 PRO 43 603 603 PRO PRO A . n 
A 1 44 ASP 44 604 604 ASP ASP A . n 
A 1 45 GLY 45 605 605 GLY GLY A . n 
A 1 46 ILE 46 606 606 ILE ILE A . n 
A 1 47 GLN 47 607 607 GLN GLN A . n 
A 1 48 LEU 48 608 608 LEU LEU A . n 
A 1 49 GLN 49 609 609 GLN GLN A . n 
A 1 50 VAL 50 610 610 VAL VAL A . n 
A 1 51 GLY 51 611 611 GLY GLY A . n 
A 1 52 GLU 52 612 612 GLU GLU A . n 
A 1 53 SER 53 613 613 SER SER A . n 
A 1 54 THR 54 614 614 THR THR A . n 
A 1 55 VAL 55 615 615 VAL VAL A . n 
A 1 56 ILE 56 616 616 ILE ILE A . n 
A 1 57 ARG 57 617 617 ARG ARG A . n 
A 1 58 LEU 58 618 618 LEU LEU A . n 
A 1 59 SER 59 619 619 SER SER A . n 
A 1 60 LYS 60 620 620 LYS LYS A . n 
A 1 61 ASP 61 621 621 ASP ASP A . n 
A 1 62 GLY 62 622 622 GLY GLY A . n 
A 1 63 ILE 63 623 623 ILE ILE A . n 
A 1 64 THR 64 624 624 THR THR A . n 
A 1 65 ILE 65 625 625 ILE ILE A . n 
A 1 66 VAL 66 626 626 VAL VAL A . n 
A 1 67 GLY 67 627 627 GLY GLY A . n 
A 1 68 GLY 68 628 628 GLY GLY A . n 
A 1 69 SER 69 629 629 SER SER A . n 
A 1 70 VAL 70 630 630 VAL VAL A . n 
A 1 71 PHE 71 631 631 PHE PHE A . n 
A 1 72 ILE 72 632 632 ILE ILE A . n 
A 1 73 ASN 73 633 633 ASN ASN A . n 
A 1 74 GLY 74 634 634 GLY GLY A . n 
A 1 75 LEU 75 635 635 LEU LEU A . n 
A 1 76 GLU 76 636 636 GLU GLU A . n 
A 1 77 HIS 77 637 637 HIS HIS A . n 
A 1 78 HIS 78 638 638 HIS HIS A . n 
A 1 79 HIS 79 639 639 HIS HIS A . n 
A 1 80 HIS 80 640 640 HIS HIS A . n 
A 1 81 HIS 81 641 641 HIS HIS A . n 
A 1 82 HIS 82 642 ?   ?   ?   A . n 
# 
loop_
_pdbx_nonpoly_scheme.asym_id 
_pdbx_nonpoly_scheme.entity_id 
_pdbx_nonpoly_scheme.mon_id 
_pdbx_nonpoly_scheme.ndb_seq_num 
_pdbx_nonpoly_scheme.pdb_seq_num 
_pdbx_nonpoly_scheme.auth_seq_num 
_pdbx_nonpoly_scheme.pdb_mon_id 
_pdbx_nonpoly_scheme.auth_mon_id 
_pdbx_nonpoly_scheme.pdb_strand_id 
_pdbx_nonpoly_scheme.pdb_ins_code 
B 2 HOH 1  701 1  HOH HOH A . 
B 2 HOH 2  702 2  HOH HOH A . 
B 2 HOH 3  703 3  HOH HOH A . 
B 2 HOH 4  704 4  HOH HOH A . 
B 2 HOH 5  705 5  HOH HOH A . 
B 2 HOH 6  706 6  HOH HOH A . 
B 2 HOH 7  707 7  HOH HOH A . 
B 2 HOH 8  708 8  HOH HOH A . 
B 2 HOH 9  709 9  HOH HOH A . 
B 2 HOH 10 710 10 HOH HOH A . 
B 2 HOH 11 711 11 HOH HOH A . 
B 2 HOH 12 712 12 HOH HOH A . 
B 2 HOH 13 713 13 HOH HOH A . 
# 
loop_
_software.name 
_software.classification 
_software.version 
_software.citation_id 
_software.pdbx_ordinal 
SERGUI 'data collection' .                           ? 1 
PHENIX 'model building'  .                           ? 2 
PHENIX refinement        '(phenix.refine: 1.8_1069)' ? 3 
XDS    'data reduction'  .                           ? 4 
SCALA  'data scaling'    .                           ? 5 
PHENIX phasing           .                           ? 6 
# 
_cell.entry_id           3WIT 
_cell.length_a           49.417 
_cell.length_b           49.417 
_cell.length_c           199.143 
_cell.angle_alpha        90.00 
_cell.angle_beta         90.00 
_cell.angle_gamma        120.00 
_cell.Z_PDB              18 
_cell.pdbx_unique_axis   ? 
_cell.length_a_esd       ? 
_cell.length_b_esd       ? 
_cell.length_c_esd       ? 
_cell.angle_alpha_esd    ? 
_cell.angle_beta_esd     ? 
_cell.angle_gamma_esd    ? 
# 
_symmetry.entry_id                         3WIT 
_symmetry.space_group_name_H-M             'H 3 2' 
_symmetry.pdbx_full_space_group_name_H-M   ? 
_symmetry.cell_setting                     ? 
_symmetry.Int_Tables_number                155 
_symmetry.space_group_name_Hall            ? 
# 
_exptl.entry_id          3WIT 
_exptl.method            'X-RAY DIFFRACTION' 
_exptl.crystals_number   1 
# 
_exptl_crystal.id                    1 
_exptl_crystal.density_meas          ? 
_exptl_crystal.density_Matthews      2.71 
_exptl_crystal.density_percent_sol   54.69 
_exptl_crystal.description           ? 
_exptl_crystal.F_000                 ? 
_exptl_crystal.preparation           ? 
# 
_exptl_crystal_grow.crystal_id      1 
_exptl_crystal_grow.method          'VAPOR DIFFUSION, HANGING DROP' 
_exptl_crystal_grow.temp            293 
_exptl_crystal_grow.temp_details    ? 
_exptl_crystal_grow.pH              8.5 
_exptl_crystal_grow.pdbx_details    
'35%(v/v) ethanol, 100mM Tris pH8.5, 50mM MgCl2, VAPOR DIFFUSION, HANGING DROP, temperature 293K' 
_exptl_crystal_grow.pdbx_pH_range   . 
# 
_diffrn.id                     1 
_diffrn.ambient_temp           100 
_diffrn.ambient_temp_details   ? 
_diffrn.crystal_id             1 
# 
_diffrn_detector.diffrn_id              1 
_diffrn_detector.detector               PIXEL 
_diffrn_detector.type                   'DECTRIS PILATUS 2M-F' 
_diffrn_detector.pdbx_collection_date   2013-02-09 
_diffrn_detector.details                ? 
# 
_diffrn_radiation.diffrn_id                        1 
_diffrn_radiation.wavelength_id                    1 
_diffrn_radiation.pdbx_monochromatic_or_laue_m_l   M 
_diffrn_radiation.monochromator                    'Si 111 CHANNEL' 
_diffrn_radiation.pdbx_diffrn_protocol             'SINGLE WAVELENGTH' 
_diffrn_radiation.pdbx_scattering_type             x-ray 
# 
_diffrn_radiation_wavelength.id           1 
_diffrn_radiation_wavelength.wavelength   0.97890 
_diffrn_radiation_wavelength.wt           1.0 
# 
_diffrn_source.diffrn_id                   1 
_diffrn_source.source                      SYNCHROTRON 
_diffrn_source.type                        'PHOTON FACTORY BEAMLINE BL-1A' 
_diffrn_source.pdbx_synchrotron_site       'Photon Factory' 
_diffrn_source.pdbx_synchrotron_beamline   BL-1A 
_diffrn_source.pdbx_wavelength             ? 
_diffrn_source.pdbx_wavelength_list        0.97890 
# 
_reflns.entry_id                     3WIT 
_reflns.observed_criterion_sigma_I   3.0 
_reflns.observed_criterion_sigma_F   0.0 
_reflns.d_resolution_low             41.84 
_reflns.d_resolution_high            1.95 
_reflns.number_obs                   7223 
_reflns.number_all                   7237 
_reflns.percent_possible_obs         99.9 
_reflns.pdbx_Rmerge_I_obs            0.036 
_reflns.pdbx_Rsym_value              ? 
_reflns.pdbx_netI_over_sigmaI        43.1 
_reflns.B_iso_Wilson_estimate        32.450 
_reflns.pdbx_redundancy              18.3 
_reflns.R_free_details               ? 
_reflns.limit_h_max                  ? 
_reflns.limit_h_min                  ? 
_reflns.limit_k_max                  ? 
_reflns.limit_k_min                  ? 
_reflns.limit_l_max                  ? 
_reflns.limit_l_min                  ? 
_reflns.observed_criterion_F_max     ? 
_reflns.observed_criterion_F_min     ? 
_reflns.pdbx_chi_squared             ? 
_reflns.pdbx_scaling_rejects         ? 
_reflns.pdbx_ordinal                 1 
_reflns.pdbx_diffrn_id               1 
# 
_reflns_shell.d_res_high                  1.95 
_reflns_shell.d_res_low                   2.05 
_reflns_shell.percent_possible_all        99.7 
_reflns_shell.Rmerge_I_obs                0.347 
_reflns_shell.pdbx_Rsym_value             ? 
_reflns_shell.meanI_over_sigI_obs         7.5 
_reflns_shell.pdbx_redundancy             15.2 
_reflns_shell.percent_possible_obs        ? 
_reflns_shell.number_unique_all           1026 
_reflns_shell.number_measured_all         ? 
_reflns_shell.number_measured_obs         ? 
_reflns_shell.number_unique_obs           ? 
_reflns_shell.pdbx_chi_squared            ? 
_reflns_shell.pdbx_rejects                ? 
_reflns_shell.pdbx_netI_over_sigmaI_obs   ? 
_reflns_shell.number_possible             ? 
_reflns_shell.Rmerge_F_all                ? 
_reflns_shell.Rmerge_F_obs                ? 
_reflns_shell.Rmerge_I_all                ? 
_reflns_shell.meanI_over_sigI_all         ? 
_reflns_shell.pdbx_Rrim_I_all             ? 
_reflns_shell.pdbx_Rpim_I_all             ? 
_reflns_shell.pdbx_ordinal                1 
_reflns_shell.pdbx_diffrn_id              1 
# 
_refine.entry_id                                 3WIT 
_refine.ls_number_reflns_obs                     7023 
_refine.ls_number_reflns_all                     7228 
_refine.pdbx_ls_sigma_I                          ? 
_refine.pdbx_ls_sigma_F                          0.08 
_refine.pdbx_data_cutoff_high_absF               ? 
_refine.pdbx_data_cutoff_low_absF                ? 
_refine.pdbx_data_cutoff_high_rms_absF           ? 
_refine.ls_d_res_low                             33.191 
_refine.ls_d_res_high                            1.95 
_refine.ls_percent_reflns_obs                    97.18 
_refine.ls_R_factor_obs                          0.1978 
_refine.ls_R_factor_all                          ? 
_refine.ls_R_factor_R_work                       0.1961 
_refine.ls_R_factor_R_free                       0.2330 
_refine.ls_R_factor_R_free_error                 ? 
_refine.ls_R_factor_R_free_error_details         ? 
_refine.ls_percent_reflns_R_free                 4.64 
_refine.ls_number_reflns_R_free                  326 
_refine.ls_number_parameters                     ? 
_refine.ls_number_restraints                     ? 
_refine.occupancy_min                            ? 
_refine.occupancy_max                            ? 
_refine.correlation_coeff_Fo_to_Fc               ? 
_refine.correlation_coeff_Fo_to_Fc_free          ? 
_refine.B_iso_mean                               46.9 
_refine.aniso_B[1][1]                            ? 
_refine.aniso_B[2][2]                            ? 
_refine.aniso_B[3][3]                            ? 
_refine.aniso_B[1][2]                            ? 
_refine.aniso_B[1][3]                            ? 
_refine.aniso_B[2][3]                            ? 
_refine.solvent_model_details                    'FLAT BULK SOLVENT MODEL' 
_refine.solvent_model_param_ksol                 ? 
_refine.solvent_model_param_bsol                 ? 
_refine.pdbx_solvent_vdw_probe_radii             1.11 
_refine.pdbx_solvent_ion_probe_radii             ? 
_refine.pdbx_solvent_shrinkage_radii             0.90 
_refine.pdbx_ls_cross_valid_method               ? 
_refine.details                                  ? 
_refine.pdbx_starting_model                      ? 
_refine.pdbx_method_to_determine_struct          SAD 
_refine.pdbx_isotropic_thermal_model             Isotropic 
_refine.pdbx_stereochemistry_target_values       ML 
_refine.pdbx_stereochem_target_val_spec_case     ? 
_refine.pdbx_R_Free_selection_details            RANDOM 
_refine.pdbx_overall_ESU_R                       ? 
_refine.pdbx_overall_ESU_R_Free                  ? 
_refine.overall_SU_ML                            0.15 
_refine.pdbx_overall_phase_error                 26.20 
_refine.overall_SU_B                             ? 
_refine.overall_SU_R_Cruickshank_DPI             ? 
_refine.ls_redundancy_reflns_obs                 ? 
_refine.B_iso_min                                ? 
_refine.B_iso_max                                ? 
_refine.overall_SU_R_free                        ? 
_refine.ls_wR_factor_R_free                      ? 
_refine.ls_wR_factor_R_work                      ? 
_refine.overall_FOM_free_R_set                   ? 
_refine.overall_FOM_work_R_set                   ? 
_refine.pdbx_diffrn_id                           1 
_refine.pdbx_refine_id                           'X-RAY DIFFRACTION' 
_refine.pdbx_TLS_residual_ADP_flag               ? 
_refine.pdbx_overall_SU_R_free_Cruickshank_DPI   ? 
_refine.pdbx_overall_SU_R_Blow_DPI               ? 
_refine.pdbx_overall_SU_R_free_Blow_DPI          ? 
# 
_refine_hist.pdbx_refine_id                   'X-RAY DIFFRACTION' 
_refine_hist.cycle_id                         LAST 
_refine_hist.pdbx_number_atoms_protein        477 
_refine_hist.pdbx_number_atoms_nucleic_acid   0 
_refine_hist.pdbx_number_atoms_ligand         0 
_refine_hist.number_atoms_solvent             13 
_refine_hist.number_atoms_total               490 
_refine_hist.d_res_high                       1.95 
_refine_hist.d_res_low                        33.191 
# 
loop_
_refine_ls_restr.type 
_refine_ls_restr.dev_ideal 
_refine_ls_restr.dev_ideal_target 
_refine_ls_restr.weight 
_refine_ls_restr.number 
_refine_ls_restr.pdbx_restraint_function 
_refine_ls_restr.pdbx_refine_id 
f_bond_d           0.012  ? ? 483 ? 'X-RAY DIFFRACTION' 
f_angle_d          1.654  ? ? 651 ? 'X-RAY DIFFRACTION' 
f_dihedral_angle_d 17.841 ? ? 170 ? 'X-RAY DIFFRACTION' 
f_chiral_restr     0.120  ? ? 81  ? 'X-RAY DIFFRACTION' 
f_plane_restr      0.006  ? ? 81  ? 'X-RAY DIFFRACTION' 
# 
_refine_ls_shell.pdbx_refine_id                   'X-RAY DIFFRACTION' 
_refine_ls_shell.pdbx_total_number_of_bins_used   ? 
_refine_ls_shell.d_res_high                       1.95 
_refine_ls_shell.d_res_low                        2.4547 
_refine_ls_shell.number_reflns_R_work             3213 
_refine_ls_shell.R_factor_R_work                  0.1826 
_refine_ls_shell.percent_reflns_obs               95.00 
_refine_ls_shell.R_factor_R_free                  0.2452 
_refine_ls_shell.R_factor_R_free_error            ? 
_refine_ls_shell.percent_reflns_R_free            ? 
_refine_ls_shell.number_reflns_R_free             151 
_refine_ls_shell.number_reflns_all                ? 
_refine_ls_shell.R_factor_all                     ? 
_refine_ls_shell.number_reflns_obs                3213 
_refine_ls_shell.redundancy_reflns_obs            ? 
# 
_struct.entry_id                  3WIT 
_struct.title                     'Crystal structure of the C-terminal region of VgrG1 from E. coli O157 EDL933' 
_struct.pdbx_model_details        ? 
_struct.pdbx_CASP_flag            ? 
_struct.pdbx_model_type_details   ? 
# 
_struct_keywords.entry_id        3WIT 
_struct_keywords.pdbx_keywords   'STRUCTURAL PROTEIN' 
_struct_keywords.text            
'Triple-stranded beta-helix, All beta proteins, Type 6 secretion system component, STRUCTURAL PROTEIN' 
# 
loop_
_struct_asym.id 
_struct_asym.pdbx_blank_PDB_chainid_flag 
_struct_asym.pdbx_modified 
_struct_asym.entity_id 
_struct_asym.details 
A N N 1 ? 
B N N 2 ? 
# 
_struct_ref.id                         1 
_struct_ref.db_name                    UNP 
_struct_ref.db_code                    Q8XBY5_ECO57 
_struct_ref.pdbx_db_accession          Q8XBY5 
_struct_ref.entity_id                  1 
_struct_ref.pdbx_seq_one_letter_code   GTIAGSVHVDAVNNGGEGNGIQAYTAIKEIMLAVEESKIALTPDGIQLQVGESTVIRLSKDGITIVGGSVFIN 
_struct_ref.pdbx_align_begin           561 
_struct_ref.pdbx_db_isoform            ? 
# 
_struct_ref_seq.align_id                      1 
_struct_ref_seq.ref_id                        1 
_struct_ref_seq.pdbx_PDB_id_code              3WIT 
_struct_ref_seq.pdbx_strand_id                A 
_struct_ref_seq.seq_align_beg                 1 
_struct_ref_seq.pdbx_seq_align_beg_ins_code   ? 
_struct_ref_seq.seq_align_end                 73 
_struct_ref_seq.pdbx_seq_align_end_ins_code   ? 
_struct_ref_seq.pdbx_db_accession             Q8XBY5 
_struct_ref_seq.db_align_beg                  561 
_struct_ref_seq.pdbx_db_align_beg_ins_code    ? 
_struct_ref_seq.db_align_end                  633 
_struct_ref_seq.pdbx_db_align_end_ins_code    ? 
_struct_ref_seq.pdbx_auth_seq_align_beg       561 
_struct_ref_seq.pdbx_auth_seq_align_end       633 
# 
loop_
_struct_ref_seq_dif.align_id 
_struct_ref_seq_dif.pdbx_pdb_id_code 
_struct_ref_seq_dif.mon_id 
_struct_ref_seq_dif.pdbx_pdb_strand_id 
_struct_ref_seq_dif.seq_num 
_struct_ref_seq_dif.pdbx_pdb_ins_code 
_struct_ref_seq_dif.pdbx_seq_db_name 
_struct_ref_seq_dif.pdbx_seq_db_accession_code 
_struct_ref_seq_dif.db_mon_id 
_struct_ref_seq_dif.pdbx_seq_db_seq_num 
_struct_ref_seq_dif.details 
_struct_ref_seq_dif.pdbx_auth_seq_num 
_struct_ref_seq_dif.pdbx_ordinal 
1 3WIT GLY A 74 ? UNP Q8XBY5 ? ? 'expression tag' 634 1 
1 3WIT LEU A 75 ? UNP Q8XBY5 ? ? 'expression tag' 635 2 
1 3WIT GLU A 76 ? UNP Q8XBY5 ? ? 'expression tag' 636 3 
1 3WIT HIS A 77 ? UNP Q8XBY5 ? ? 'expression tag' 637 4 
1 3WIT HIS A 78 ? UNP Q8XBY5 ? ? 'expression tag' 638 5 
1 3WIT HIS A 79 ? UNP Q8XBY5 ? ? 'expression tag' 639 6 
1 3WIT HIS A 80 ? UNP Q8XBY5 ? ? 'expression tag' 640 7 
1 3WIT HIS A 81 ? UNP Q8XBY5 ? ? 'expression tag' 641 8 
1 3WIT HIS A 82 ? UNP Q8XBY5 ? ? 'expression tag' 642 9 
# 
_pdbx_struct_assembly.id                   1 
_pdbx_struct_assembly.details              author_and_software_defined_assembly 
_pdbx_struct_assembly.method_details       PISA 
_pdbx_struct_assembly.oligomeric_details   trimeric 
_pdbx_struct_assembly.oligomeric_count     3 
# 
loop_
_pdbx_struct_assembly_prop.biol_id 
_pdbx_struct_assembly_prop.type 
_pdbx_struct_assembly_prop.value 
_pdbx_struct_assembly_prop.details 
1 'ABSA (A^2)' 6670 ? 
1 MORE         -53  ? 
1 'SSA (A^2)'  9440 ? 
# 
_pdbx_struct_assembly_gen.assembly_id       1 
_pdbx_struct_assembly_gen.oper_expression   1,2,3 
_pdbx_struct_assembly_gen.asym_id_list      A,B 
# 
loop_
_pdbx_struct_oper_list.id 
_pdbx_struct_oper_list.type 
_pdbx_struct_oper_list.name 
_pdbx_struct_oper_list.symmetry_operation 
_pdbx_struct_oper_list.matrix[1][1] 
_pdbx_struct_oper_list.matrix[1][2] 
_pdbx_struct_oper_list.matrix[1][3] 
_pdbx_struct_oper_list.vector[1] 
_pdbx_struct_oper_list.matrix[2][1] 
_pdbx_struct_oper_list.matrix[2][2] 
_pdbx_struct_oper_list.matrix[2][3] 
_pdbx_struct_oper_list.vector[2] 
_pdbx_struct_oper_list.matrix[3][1] 
_pdbx_struct_oper_list.matrix[3][2] 
_pdbx_struct_oper_list.matrix[3][3] 
_pdbx_struct_oper_list.vector[3] 
1 'identity operation'         1_555 x,y,z         1.0000000000  0.0000000000  0.0000000000  0.0000000000  0.0000000000  1.0000000000 0.0000000000  0.0000000000  0.0000000000  0.0000000000  1.0000000000 0.0000000000  
2 'crystal symmetry operation' 2_655 -y+1,x-y,z    -0.3822745777 -0.3535195752 -0.8537505826 10.2469128490 0.8894069916  0.1098413525 -0.4437229773 -7.0824611155 0.2506418772  -0.9289557510 0.2724332252 -2.2927168711 
3 'crystal symmetry operation' 3_665 -x+y+1,-x+1,z -0.3822745777 0.8894069916  0.2506418772  10.7909755766 -0.3535195752 0.1098413525 -0.9289557510 2.2705988628  -0.8537505826 -0.4437229773 0.2724332252 6.2302693334 
# 
_struct_biol.id        1 
_struct_biol.details   ? 
# 
loop_
_struct_conn.id 
_struct_conn.conn_type_id 
_struct_conn.pdbx_leaving_atom_flag 
_struct_conn.pdbx_PDB_id 
_struct_conn.ptnr1_label_asym_id 
_struct_conn.ptnr1_label_comp_id 
_struct_conn.ptnr1_label_seq_id 
_struct_conn.ptnr1_label_atom_id 
_struct_conn.pdbx_ptnr1_label_alt_id 
_struct_conn.pdbx_ptnr1_PDB_ins_code 
_struct_conn.pdbx_ptnr1_standard_comp_id 
_struct_conn.ptnr1_symmetry 
_struct_conn.ptnr2_label_asym_id 
_struct_conn.ptnr2_label_comp_id 
_struct_conn.ptnr2_label_seq_id 
_struct_conn.ptnr2_label_atom_id 
_struct_conn.pdbx_ptnr2_label_alt_id 
_struct_conn.pdbx_ptnr2_PDB_ins_code 
_struct_conn.ptnr1_auth_asym_id 
_struct_conn.ptnr1_auth_comp_id 
_struct_conn.ptnr1_auth_seq_id 
_struct_conn.ptnr2_auth_asym_id 
_struct_conn.ptnr2_auth_comp_id 
_struct_conn.ptnr2_auth_seq_id 
_struct_conn.ptnr2_symmetry 
_struct_conn.pdbx_ptnr3_label_atom_id 
_struct_conn.pdbx_ptnr3_label_seq_id 
_struct_conn.pdbx_ptnr3_label_comp_id 
_struct_conn.pdbx_ptnr3_label_asym_id 
_struct_conn.pdbx_ptnr3_label_alt_id 
_struct_conn.pdbx_ptnr3_PDB_ins_code 
_struct_conn.details 
_struct_conn.pdbx_dist_value 
_struct_conn.pdbx_value_order 
_struct_conn.pdbx_role 
covale1 covale both ? A ILE 30 C ? ? ? 1_555 A MSE 31 N ? ? A ILE 590 A MSE 591 1_555 ? ? ? ? ? ? ? 1.331 ? ? 
covale2 covale both ? A MSE 31 C ? ? ? 1_555 A LEU 32 N ? ? A MSE 591 A LEU 592 1_555 ? ? ? ? ? ? ? 1.329 ? ? 
# 
_struct_conn_type.id          covale 
_struct_conn_type.criteria    ? 
_struct_conn_type.reference   ? 
# 
_pdbx_modification_feature.ordinal                            1 
_pdbx_modification_feature.label_comp_id                      MSE 
_pdbx_modification_feature.label_asym_id                      A 
_pdbx_modification_feature.label_seq_id                       31 
_pdbx_modification_feature.label_alt_id                       ? 
_pdbx_modification_feature.modified_residue_label_comp_id     . 
_pdbx_modification_feature.modified_residue_label_asym_id     . 
_pdbx_modification_feature.modified_residue_label_seq_id      . 
_pdbx_modification_feature.modified_residue_label_alt_id      . 
_pdbx_modification_feature.auth_comp_id                       MSE 
_pdbx_modification_feature.auth_asym_id                       A 
_pdbx_modification_feature.auth_seq_id                        591 
_pdbx_modification_feature.PDB_ins_code                       ? 
_pdbx_modification_feature.symmetry                           1_555 
_pdbx_modification_feature.modified_residue_auth_comp_id      . 
_pdbx_modification_feature.modified_residue_auth_asym_id      . 
_pdbx_modification_feature.modified_residue_auth_seq_id       . 
_pdbx_modification_feature.modified_residue_PDB_ins_code      . 
_pdbx_modification_feature.modified_residue_symmetry          . 
_pdbx_modification_feature.comp_id_linking_atom               . 
_pdbx_modification_feature.modified_residue_id_linking_atom   . 
_pdbx_modification_feature.modified_residue_id                MET 
_pdbx_modification_feature.ref_pcm_id                         1 
_pdbx_modification_feature.ref_comp_id                        MSE 
_pdbx_modification_feature.type                               Selenomethionine 
_pdbx_modification_feature.category                           'Named protein modification' 
# 
loop_
_struct_sheet.id 
_struct_sheet.type 
_struct_sheet.number_strands 
_struct_sheet.details 
A ? 6 ? 
B ? 2 ? 
# 
loop_
_struct_sheet_order.sheet_id 
_struct_sheet_order.range_id_1 
_struct_sheet_order.range_id_2 
_struct_sheet_order.offset 
_struct_sheet_order.sense 
A 1 2 ? anti-parallel 
A 2 3 ? anti-parallel 
A 3 4 ? anti-parallel 
A 4 5 ? anti-parallel 
A 5 6 ? anti-parallel 
B 1 2 ? anti-parallel 
# 
loop_
_struct_sheet_range.sheet_id 
_struct_sheet_range.id 
_struct_sheet_range.beg_label_comp_id 
_struct_sheet_range.beg_label_asym_id 
_struct_sheet_range.beg_label_seq_id 
_struct_sheet_range.pdbx_beg_PDB_ins_code 
_struct_sheet_range.end_label_comp_id 
_struct_sheet_range.end_label_asym_id 
_struct_sheet_range.end_label_seq_id 
_struct_sheet_range.pdbx_end_PDB_ins_code 
_struct_sheet_range.beg_auth_comp_id 
_struct_sheet_range.beg_auth_asym_id 
_struct_sheet_range.beg_auth_seq_id 
_struct_sheet_range.end_auth_comp_id 
_struct_sheet_range.end_auth_asym_id 
_struct_sheet_range.end_auth_seq_id 
A 1 THR A 2  ? VAL A 7  ? THR A 562 VAL A 567 
A 2 GLU A 29 ? VAL A 34 ? GLU A 589 VAL A 594 
A 3 SER A 37 ? THR A 42 ? SER A 597 THR A 602 
A 4 GLY A 45 ? VAL A 50 ? GLY A 605 VAL A 610 
A 5 THR A 54 ? SER A 59 ? THR A 614 SER A 619 
A 6 GLY A 62 ? VAL A 66 ? GLY A 622 VAL A 626 
B 1 PHE A 71 ? ILE A 72 ? PHE A 631 ILE A 632 
B 2 LEU A 75 ? GLU A 76 ? LEU A 635 GLU A 636 
# 
loop_
_pdbx_struct_sheet_hbond.sheet_id 
_pdbx_struct_sheet_hbond.range_id_1 
_pdbx_struct_sheet_hbond.range_id_2 
_pdbx_struct_sheet_hbond.range_1_label_atom_id 
_pdbx_struct_sheet_hbond.range_1_label_comp_id 
_pdbx_struct_sheet_hbond.range_1_label_asym_id 
_pdbx_struct_sheet_hbond.range_1_label_seq_id 
_pdbx_struct_sheet_hbond.range_1_PDB_ins_code 
_pdbx_struct_sheet_hbond.range_1_auth_atom_id 
_pdbx_struct_sheet_hbond.range_1_auth_comp_id 
_pdbx_struct_sheet_hbond.range_1_auth_asym_id 
_pdbx_struct_sheet_hbond.range_1_auth_seq_id 
_pdbx_struct_sheet_hbond.range_2_label_atom_id 
_pdbx_struct_sheet_hbond.range_2_label_comp_id 
_pdbx_struct_sheet_hbond.range_2_label_asym_id 
_pdbx_struct_sheet_hbond.range_2_label_seq_id 
_pdbx_struct_sheet_hbond.range_2_PDB_ins_code 
_pdbx_struct_sheet_hbond.range_2_auth_atom_id 
_pdbx_struct_sheet_hbond.range_2_auth_comp_id 
_pdbx_struct_sheet_hbond.range_2_auth_asym_id 
_pdbx_struct_sheet_hbond.range_2_auth_seq_id 
A 1 2 N VAL A 7  ? N VAL A 567 O GLU A 29 ? O GLU A 589 
A 2 3 N LEU A 32 ? N LEU A 592 O ILE A 39 ? O ILE A 599 
A 3 4 N LYS A 38 ? N LYS A 598 O GLN A 49 ? O GLN A 609 
A 4 5 N ILE A 46 ? N ILE A 606 O LEU A 58 ? O LEU A 618 
A 5 6 N ARG A 57 ? N ARG A 617 O THR A 64 ? O THR A 624 
B 1 2 N ILE A 72 ? N ILE A 632 O LEU A 75 ? O LEU A 635 
# 
_pdbx_entry_details.entry_id                   3WIT 
_pdbx_entry_details.compound_details           ? 
_pdbx_entry_details.source_details             ? 
_pdbx_entry_details.nonpolymer_details         ? 
_pdbx_entry_details.sequence_details           ? 
_pdbx_entry_details.has_ligand_of_interest     ? 
_pdbx_entry_details.has_protein_modification   Y 
# 
_pdbx_validate_torsion.id              1 
_pdbx_validate_torsion.PDB_model_num   1 
_pdbx_validate_torsion.auth_comp_id    GLU 
_pdbx_validate_torsion.auth_asym_id    A 
_pdbx_validate_torsion.auth_seq_id     595 
_pdbx_validate_torsion.PDB_ins_code    ? 
_pdbx_validate_torsion.label_alt_id    ? 
_pdbx_validate_torsion.phi             41.46 
_pdbx_validate_torsion.psi             -118.12 
# 
_pdbx_struct_mod_residue.id               1 
_pdbx_struct_mod_residue.label_asym_id    A 
_pdbx_struct_mod_residue.label_comp_id    MSE 
_pdbx_struct_mod_residue.label_seq_id     31 
_pdbx_struct_mod_residue.auth_asym_id     A 
_pdbx_struct_mod_residue.auth_comp_id     MSE 
_pdbx_struct_mod_residue.auth_seq_id      591 
_pdbx_struct_mod_residue.PDB_ins_code     ? 
_pdbx_struct_mod_residue.parent_comp_id   MET 
_pdbx_struct_mod_residue.details          SELENOMETHIONINE 
# 
_pdbx_refine_tls.pdbx_refine_id   'X-RAY DIFFRACTION' 
_pdbx_refine_tls.id               1 
_pdbx_refine_tls.details          ? 
_pdbx_refine_tls.method           refined 
_pdbx_refine_tls.origin_x         -0.2917 
_pdbx_refine_tls.origin_y         -0.4583 
_pdbx_refine_tls.origin_z         0.6256 
_pdbx_refine_tls.T[1][1]          0.1740 
_pdbx_refine_tls.T[2][2]          0.3040 
_pdbx_refine_tls.T[3][3]          0.2917 
_pdbx_refine_tls.T[1][2]          0.0247 
_pdbx_refine_tls.T[1][3]          -0.0086 
_pdbx_refine_tls.T[2][3]          -0.0355 
_pdbx_refine_tls.L[1][1]          2.5215 
_pdbx_refine_tls.L[2][2]          4.5969 
_pdbx_refine_tls.L[3][3]          3.6599 
_pdbx_refine_tls.L[1][2]          1.4482 
_pdbx_refine_tls.L[1][3]          -0.6338 
_pdbx_refine_tls.L[2][3]          -1.9592 
_pdbx_refine_tls.S[1][1]          0.0165 
_pdbx_refine_tls.S[1][2]          0.0309 
_pdbx_refine_tls.S[1][3]          0.0680 
_pdbx_refine_tls.S[2][1]          0.0684 
_pdbx_refine_tls.S[2][2]          0.1089 
_pdbx_refine_tls.S[2][3]          0.4062 
_pdbx_refine_tls.S[3][1]          -0.1799 
_pdbx_refine_tls.S[3][2]          -0.3870 
_pdbx_refine_tls.S[3][3]          -0.1608 
# 
_pdbx_refine_tls_group.pdbx_refine_id      'X-RAY DIFFRACTION' 
_pdbx_refine_tls_group.id                  1 
_pdbx_refine_tls_group.refine_tls_id       1 
_pdbx_refine_tls_group.beg_auth_asym_id    ? 
_pdbx_refine_tls_group.beg_auth_seq_id     ? 
_pdbx_refine_tls_group.beg_label_asym_id   ? 
_pdbx_refine_tls_group.beg_label_seq_id    ? 
_pdbx_refine_tls_group.end_auth_asym_id    ? 
_pdbx_refine_tls_group.end_auth_seq_id     ? 
_pdbx_refine_tls_group.end_label_asym_id   ? 
_pdbx_refine_tls_group.end_label_seq_id    ? 
_pdbx_refine_tls_group.selection           ? 
_pdbx_refine_tls_group.selection_details   all 
# 
loop_
_pdbx_unobs_or_zero_occ_residues.id 
_pdbx_unobs_or_zero_occ_residues.PDB_model_num 
_pdbx_unobs_or_zero_occ_residues.polymer_flag 
_pdbx_unobs_or_zero_occ_residues.occupancy_flag 
_pdbx_unobs_or_zero_occ_residues.auth_asym_id 
_pdbx_unobs_or_zero_occ_residues.auth_comp_id 
_pdbx_unobs_or_zero_occ_residues.auth_seq_id 
_pdbx_unobs_or_zero_occ_residues.PDB_ins_code 
_pdbx_unobs_or_zero_occ_residues.label_asym_id 
_pdbx_unobs_or_zero_occ_residues.label_comp_id 
_pdbx_unobs_or_zero_occ_residues.label_seq_id 
1  1 Y 1 A ASP 570 ? A ASP 10 
2  1 Y 1 A ALA 571 ? A ALA 11 
3  1 Y 1 A VAL 572 ? A VAL 12 
4  1 Y 1 A ASN 573 ? A ASN 13 
5  1 Y 1 A ASN 574 ? A ASN 14 
6  1 Y 1 A GLY 575 ? A GLY 15 
7  1 Y 1 A GLY 576 ? A GLY 16 
8  1 Y 1 A GLU 577 ? A GLU 17 
9  1 Y 1 A GLY 578 ? A GLY 18 
10 1 Y 1 A ASN 579 ? A ASN 19 
11 1 Y 1 A GLY 580 ? A GLY 20 
12 1 Y 1 A ILE 581 ? A ILE 21 
13 1 Y 1 A GLN 582 ? A GLN 22 
14 1 Y 1 A ALA 583 ? A ALA 23 
15 1 Y 1 A TYR 584 ? A TYR 24 
16 1 Y 1 A THR 585 ? A THR 25 
17 1 Y 1 A ALA 586 ? A ALA 26 
18 1 Y 1 A HIS 642 ? A HIS 82 
# 
loop_
_chem_comp_atom.comp_id 
_chem_comp_atom.atom_id 
_chem_comp_atom.type_symbol 
_chem_comp_atom.pdbx_aromatic_flag 
_chem_comp_atom.pdbx_stereo_config 
_chem_comp_atom.pdbx_ordinal 
ALA N    N  N N 1   
ALA CA   C  N S 2   
ALA C    C  N N 3   
ALA O    O  N N 4   
ALA CB   C  N N 5   
ALA OXT  O  N N 6   
ALA H    H  N N 7   
ALA H2   H  N N 8   
ALA HA   H  N N 9   
ALA HB1  H  N N 10  
ALA HB2  H  N N 11  
ALA HB3  H  N N 12  
ALA HXT  H  N N 13  
ARG N    N  N N 14  
ARG CA   C  N S 15  
ARG C    C  N N 16  
ARG O    O  N N 17  
ARG CB   C  N N 18  
ARG CG   C  N N 19  
ARG CD   C  N N 20  
ARG NE   N  N N 21  
ARG CZ   C  N N 22  
ARG NH1  N  N N 23  
ARG NH2  N  N N 24  
ARG OXT  O  N N 25  
ARG H    H  N N 26  
ARG H2   H  N N 27  
ARG HA   H  N N 28  
ARG HB2  H  N N 29  
ARG HB3  H  N N 30  
ARG HG2  H  N N 31  
ARG HG3  H  N N 32  
ARG HD2  H  N N 33  
ARG HD3  H  N N 34  
ARG HE   H  N N 35  
ARG HH11 H  N N 36  
ARG HH12 H  N N 37  
ARG HH21 H  N N 38  
ARG HH22 H  N N 39  
ARG HXT  H  N N 40  
ASN N    N  N N 41  
ASN CA   C  N S 42  
ASN C    C  N N 43  
ASN O    O  N N 44  
ASN CB   C  N N 45  
ASN CG   C  N N 46  
ASN OD1  O  N N 47  
ASN ND2  N  N N 48  
ASN OXT  O  N N 49  
ASN H    H  N N 50  
ASN H2   H  N N 51  
ASN HA   H  N N 52  
ASN HB2  H  N N 53  
ASN HB3  H  N N 54  
ASN HD21 H  N N 55  
ASN HD22 H  N N 56  
ASN HXT  H  N N 57  
ASP N    N  N N 58  
ASP CA   C  N S 59  
ASP C    C  N N 60  
ASP O    O  N N 61  
ASP CB   C  N N 62  
ASP CG   C  N N 63  
ASP OD1  O  N N 64  
ASP OD2  O  N N 65  
ASP OXT  O  N N 66  
ASP H    H  N N 67  
ASP H2   H  N N 68  
ASP HA   H  N N 69  
ASP HB2  H  N N 70  
ASP HB3  H  N N 71  
ASP HD2  H  N N 72  
ASP HXT  H  N N 73  
GLN N    N  N N 74  
GLN CA   C  N S 75  
GLN C    C  N N 76  
GLN O    O  N N 77  
GLN CB   C  N N 78  
GLN CG   C  N N 79  
GLN CD   C  N N 80  
GLN OE1  O  N N 81  
GLN NE2  N  N N 82  
GLN OXT  O  N N 83  
GLN H    H  N N 84  
GLN H2   H  N N 85  
GLN HA   H  N N 86  
GLN HB2  H  N N 87  
GLN HB3  H  N N 88  
GLN HG2  H  N N 89  
GLN HG3  H  N N 90  
GLN HE21 H  N N 91  
GLN HE22 H  N N 92  
GLN HXT  H  N N 93  
GLU N    N  N N 94  
GLU CA   C  N S 95  
GLU C    C  N N 96  
GLU O    O  N N 97  
GLU CB   C  N N 98  
GLU CG   C  N N 99  
GLU CD   C  N N 100 
GLU OE1  O  N N 101 
GLU OE2  O  N N 102 
GLU OXT  O  N N 103 
GLU H    H  N N 104 
GLU H2   H  N N 105 
GLU HA   H  N N 106 
GLU HB2  H  N N 107 
GLU HB3  H  N N 108 
GLU HG2  H  N N 109 
GLU HG3  H  N N 110 
GLU HE2  H  N N 111 
GLU HXT  H  N N 112 
GLY N    N  N N 113 
GLY CA   C  N N 114 
GLY C    C  N N 115 
GLY O    O  N N 116 
GLY OXT  O  N N 117 
GLY H    H  N N 118 
GLY H2   H  N N 119 
GLY HA2  H  N N 120 
GLY HA3  H  N N 121 
GLY HXT  H  N N 122 
HIS N    N  N N 123 
HIS CA   C  N S 124 
HIS C    C  N N 125 
HIS O    O  N N 126 
HIS CB   C  N N 127 
HIS CG   C  Y N 128 
HIS ND1  N  Y N 129 
HIS CD2  C  Y N 130 
HIS CE1  C  Y N 131 
HIS NE2  N  Y N 132 
HIS OXT  O  N N 133 
HIS H    H  N N 134 
HIS H2   H  N N 135 
HIS HA   H  N N 136 
HIS HB2  H  N N 137 
HIS HB3  H  N N 138 
HIS HD1  H  N N 139 
HIS HD2  H  N N 140 
HIS HE1  H  N N 141 
HIS HE2  H  N N 142 
HIS HXT  H  N N 143 
HOH O    O  N N 144 
HOH H1   H  N N 145 
HOH H2   H  N N 146 
ILE N    N  N N 147 
ILE CA   C  N S 148 
ILE C    C  N N 149 
ILE O    O  N N 150 
ILE CB   C  N S 151 
ILE CG1  C  N N 152 
ILE CG2  C  N N 153 
ILE CD1  C  N N 154 
ILE OXT  O  N N 155 
ILE H    H  N N 156 
ILE H2   H  N N 157 
ILE HA   H  N N 158 
ILE HB   H  N N 159 
ILE HG12 H  N N 160 
ILE HG13 H  N N 161 
ILE HG21 H  N N 162 
ILE HG22 H  N N 163 
ILE HG23 H  N N 164 
ILE HD11 H  N N 165 
ILE HD12 H  N N 166 
ILE HD13 H  N N 167 
ILE HXT  H  N N 168 
LEU N    N  N N 169 
LEU CA   C  N S 170 
LEU C    C  N N 171 
LEU O    O  N N 172 
LEU CB   C  N N 173 
LEU CG   C  N N 174 
LEU CD1  C  N N 175 
LEU CD2  C  N N 176 
LEU OXT  O  N N 177 
LEU H    H  N N 178 
LEU H2   H  N N 179 
LEU HA   H  N N 180 
LEU HB2  H  N N 181 
LEU HB3  H  N N 182 
LEU HG   H  N N 183 
LEU HD11 H  N N 184 
LEU HD12 H  N N 185 
LEU HD13 H  N N 186 
LEU HD21 H  N N 187 
LEU HD22 H  N N 188 
LEU HD23 H  N N 189 
LEU HXT  H  N N 190 
LYS N    N  N N 191 
LYS CA   C  N S 192 
LYS C    C  N N 193 
LYS O    O  N N 194 
LYS CB   C  N N 195 
LYS CG   C  N N 196 
LYS CD   C  N N 197 
LYS CE   C  N N 198 
LYS NZ   N  N N 199 
LYS OXT  O  N N 200 
LYS H    H  N N 201 
LYS H2   H  N N 202 
LYS HA   H  N N 203 
LYS HB2  H  N N 204 
LYS HB3  H  N N 205 
LYS HG2  H  N N 206 
LYS HG3  H  N N 207 
LYS HD2  H  N N 208 
LYS HD3  H  N N 209 
LYS HE2  H  N N 210 
LYS HE3  H  N N 211 
LYS HZ1  H  N N 212 
LYS HZ2  H  N N 213 
LYS HZ3  H  N N 214 
LYS HXT  H  N N 215 
MSE N    N  N N 216 
MSE CA   C  N S 217 
MSE C    C  N N 218 
MSE O    O  N N 219 
MSE OXT  O  N N 220 
MSE CB   C  N N 221 
MSE CG   C  N N 222 
MSE SE   SE N N 223 
MSE CE   C  N N 224 
MSE H    H  N N 225 
MSE H2   H  N N 226 
MSE HA   H  N N 227 
MSE HXT  H  N N 228 
MSE HB2  H  N N 229 
MSE HB3  H  N N 230 
MSE HG2  H  N N 231 
MSE HG3  H  N N 232 
MSE HE1  H  N N 233 
MSE HE2  H  N N 234 
MSE HE3  H  N N 235 
PHE N    N  N N 236 
PHE CA   C  N S 237 
PHE C    C  N N 238 
PHE O    O  N N 239 
PHE CB   C  N N 240 
PHE CG   C  Y N 241 
PHE CD1  C  Y N 242 
PHE CD2  C  Y N 243 
PHE CE1  C  Y N 244 
PHE CE2  C  Y N 245 
PHE CZ   C  Y N 246 
PHE OXT  O  N N 247 
PHE H    H  N N 248 
PHE H2   H  N N 249 
PHE HA   H  N N 250 
PHE HB2  H  N N 251 
PHE HB3  H  N N 252 
PHE HD1  H  N N 253 
PHE HD2  H  N N 254 
PHE HE1  H  N N 255 
PHE HE2  H  N N 256 
PHE HZ   H  N N 257 
PHE HXT  H  N N 258 
PRO N    N  N N 259 
PRO CA   C  N S 260 
PRO C    C  N N 261 
PRO O    O  N N 262 
PRO CB   C  N N 263 
PRO CG   C  N N 264 
PRO CD   C  N N 265 
PRO OXT  O  N N 266 
PRO H    H  N N 267 
PRO HA   H  N N 268 
PRO HB2  H  N N 269 
PRO HB3  H  N N 270 
PRO HG2  H  N N 271 
PRO HG3  H  N N 272 
PRO HD2  H  N N 273 
PRO HD3  H  N N 274 
PRO HXT  H  N N 275 
SER N    N  N N 276 
SER CA   C  N S 277 
SER C    C  N N 278 
SER O    O  N N 279 
SER CB   C  N N 280 
SER OG   O  N N 281 
SER OXT  O  N N 282 
SER H    H  N N 283 
SER H2   H  N N 284 
SER HA   H  N N 285 
SER HB2  H  N N 286 
SER HB3  H  N N 287 
SER HG   H  N N 288 
SER HXT  H  N N 289 
THR N    N  N N 290 
THR CA   C  N S 291 
THR C    C  N N 292 
THR O    O  N N 293 
THR CB   C  N R 294 
THR OG1  O  N N 295 
THR CG2  C  N N 296 
THR OXT  O  N N 297 
THR H    H  N N 298 
THR H2   H  N N 299 
THR HA   H  N N 300 
THR HB   H  N N 301 
THR HG1  H  N N 302 
THR HG21 H  N N 303 
THR HG22 H  N N 304 
THR HG23 H  N N 305 
THR HXT  H  N N 306 
TYR N    N  N N 307 
TYR CA   C  N S 308 
TYR C    C  N N 309 
TYR O    O  N N 310 
TYR CB   C  N N 311 
TYR CG   C  Y N 312 
TYR CD1  C  Y N 313 
TYR CD2  C  Y N 314 
TYR CE1  C  Y N 315 
TYR CE2  C  Y N 316 
TYR CZ   C  Y N 317 
TYR OH   O  N N 318 
TYR OXT  O  N N 319 
TYR H    H  N N 320 
TYR H2   H  N N 321 
TYR HA   H  N N 322 
TYR HB2  H  N N 323 
TYR HB3  H  N N 324 
TYR HD1  H  N N 325 
TYR HD2  H  N N 326 
TYR HE1  H  N N 327 
TYR HE2  H  N N 328 
TYR HH   H  N N 329 
TYR HXT  H  N N 330 
VAL N    N  N N 331 
VAL CA   C  N S 332 
VAL C    C  N N 333 
VAL O    O  N N 334 
VAL CB   C  N N 335 
VAL CG1  C  N N 336 
VAL CG2  C  N N 337 
VAL OXT  O  N N 338 
VAL H    H  N N 339 
VAL H2   H  N N 340 
VAL HA   H  N N 341 
VAL HB   H  N N 342 
VAL HG11 H  N N 343 
VAL HG12 H  N N 344 
VAL HG13 H  N N 345 
VAL HG21 H  N N 346 
VAL HG22 H  N N 347 
VAL HG23 H  N N 348 
VAL HXT  H  N N 349 
# 
loop_
_chem_comp_bond.comp_id 
_chem_comp_bond.atom_id_1 
_chem_comp_bond.atom_id_2 
_chem_comp_bond.value_order 
_chem_comp_bond.pdbx_aromatic_flag 
_chem_comp_bond.pdbx_stereo_config 
_chem_comp_bond.pdbx_ordinal 
ALA N   CA   sing N N 1   
ALA N   H    sing N N 2   
ALA N   H2   sing N N 3   
ALA CA  C    sing N N 4   
ALA CA  CB   sing N N 5   
ALA CA  HA   sing N N 6   
ALA C   O    doub N N 7   
ALA C   OXT  sing N N 8   
ALA CB  HB1  sing N N 9   
ALA CB  HB2  sing N N 10  
ALA CB  HB3  sing N N 11  
ALA OXT HXT  sing N N 12  
ARG N   CA   sing N N 13  
ARG N   H    sing N N 14  
ARG N   H2   sing N N 15  
ARG CA  C    sing N N 16  
ARG CA  CB   sing N N 17  
ARG CA  HA   sing N N 18  
ARG C   O    doub N N 19  
ARG C   OXT  sing N N 20  
ARG CB  CG   sing N N 21  
ARG CB  HB2  sing N N 22  
ARG CB  HB3  sing N N 23  
ARG CG  CD   sing N N 24  
ARG CG  HG2  sing N N 25  
ARG CG  HG3  sing N N 26  
ARG CD  NE   sing N N 27  
ARG CD  HD2  sing N N 28  
ARG CD  HD3  sing N N 29  
ARG NE  CZ   sing N N 30  
ARG NE  HE   sing N N 31  
ARG CZ  NH1  sing N N 32  
ARG CZ  NH2  doub N N 33  
ARG NH1 HH11 sing N N 34  
ARG NH1 HH12 sing N N 35  
ARG NH2 HH21 sing N N 36  
ARG NH2 HH22 sing N N 37  
ARG OXT HXT  sing N N 38  
ASN N   CA   sing N N 39  
ASN N   H    sing N N 40  
ASN N   H2   sing N N 41  
ASN CA  C    sing N N 42  
ASN CA  CB   sing N N 43  
ASN CA  HA   sing N N 44  
ASN C   O    doub N N 45  
ASN C   OXT  sing N N 46  
ASN CB  CG   sing N N 47  
ASN CB  HB2  sing N N 48  
ASN CB  HB3  sing N N 49  
ASN CG  OD1  doub N N 50  
ASN CG  ND2  sing N N 51  
ASN ND2 HD21 sing N N 52  
ASN ND2 HD22 sing N N 53  
ASN OXT HXT  sing N N 54  
ASP N   CA   sing N N 55  
ASP N   H    sing N N 56  
ASP N   H2   sing N N 57  
ASP CA  C    sing N N 58  
ASP CA  CB   sing N N 59  
ASP CA  HA   sing N N 60  
ASP C   O    doub N N 61  
ASP C   OXT  sing N N 62  
ASP CB  CG   sing N N 63  
ASP CB  HB2  sing N N 64  
ASP CB  HB3  sing N N 65  
ASP CG  OD1  doub N N 66  
ASP CG  OD2  sing N N 67  
ASP OD2 HD2  sing N N 68  
ASP OXT HXT  sing N N 69  
GLN N   CA   sing N N 70  
GLN N   H    sing N N 71  
GLN N   H2   sing N N 72  
GLN CA  C    sing N N 73  
GLN CA  CB   sing N N 74  
GLN CA  HA   sing N N 75  
GLN C   O    doub N N 76  
GLN C   OXT  sing N N 77  
GLN CB  CG   sing N N 78  
GLN CB  HB2  sing N N 79  
GLN CB  HB3  sing N N 80  
GLN CG  CD   sing N N 81  
GLN CG  HG2  sing N N 82  
GLN CG  HG3  sing N N 83  
GLN CD  OE1  doub N N 84  
GLN CD  NE2  sing N N 85  
GLN NE2 HE21 sing N N 86  
GLN NE2 HE22 sing N N 87  
GLN OXT HXT  sing N N 88  
GLU N   CA   sing N N 89  
GLU N   H    sing N N 90  
GLU N   H2   sing N N 91  
GLU CA  C    sing N N 92  
GLU CA  CB   sing N N 93  
GLU CA  HA   sing N N 94  
GLU C   O    doub N N 95  
GLU C   OXT  sing N N 96  
GLU CB  CG   sing N N 97  
GLU CB  HB2  sing N N 98  
GLU CB  HB3  sing N N 99  
GLU CG  CD   sing N N 100 
GLU CG  HG2  sing N N 101 
GLU CG  HG3  sing N N 102 
GLU CD  OE1  doub N N 103 
GLU CD  OE2  sing N N 104 
GLU OE2 HE2  sing N N 105 
GLU OXT HXT  sing N N 106 
GLY N   CA   sing N N 107 
GLY N   H    sing N N 108 
GLY N   H2   sing N N 109 
GLY CA  C    sing N N 110 
GLY CA  HA2  sing N N 111 
GLY CA  HA3  sing N N 112 
GLY C   O    doub N N 113 
GLY C   OXT  sing N N 114 
GLY OXT HXT  sing N N 115 
HIS N   CA   sing N N 116 
HIS N   H    sing N N 117 
HIS N   H2   sing N N 118 
HIS CA  C    sing N N 119 
HIS CA  CB   sing N N 120 
HIS CA  HA   sing N N 121 
HIS C   O    doub N N 122 
HIS C   OXT  sing N N 123 
HIS CB  CG   sing N N 124 
HIS CB  HB2  sing N N 125 
HIS CB  HB3  sing N N 126 
HIS CG  ND1  sing Y N 127 
HIS CG  CD2  doub Y N 128 
HIS ND1 CE1  doub Y N 129 
HIS ND1 HD1  sing N N 130 
HIS CD2 NE2  sing Y N 131 
HIS CD2 HD2  sing N N 132 
HIS CE1 NE2  sing Y N 133 
HIS CE1 HE1  sing N N 134 
HIS NE2 HE2  sing N N 135 
HIS OXT HXT  sing N N 136 
HOH O   H1   sing N N 137 
HOH O   H2   sing N N 138 
ILE N   CA   sing N N 139 
ILE N   H    sing N N 140 
ILE N   H2   sing N N 141 
ILE CA  C    sing N N 142 
ILE CA  CB   sing N N 143 
ILE CA  HA   sing N N 144 
ILE C   O    doub N N 145 
ILE C   OXT  sing N N 146 
ILE CB  CG1  sing N N 147 
ILE CB  CG2  sing N N 148 
ILE CB  HB   sing N N 149 
ILE CG1 CD1  sing N N 150 
ILE CG1 HG12 sing N N 151 
ILE CG1 HG13 sing N N 152 
ILE CG2 HG21 sing N N 153 
ILE CG2 HG22 sing N N 154 
ILE CG2 HG23 sing N N 155 
ILE CD1 HD11 sing N N 156 
ILE CD1 HD12 sing N N 157 
ILE CD1 HD13 sing N N 158 
ILE OXT HXT  sing N N 159 
LEU N   CA   sing N N 160 
LEU N   H    sing N N 161 
LEU N   H2   sing N N 162 
LEU CA  C    sing N N 163 
LEU CA  CB   sing N N 164 
LEU CA  HA   sing N N 165 
LEU C   O    doub N N 166 
LEU C   OXT  sing N N 167 
LEU CB  CG   sing N N 168 
LEU CB  HB2  sing N N 169 
LEU CB  HB3  sing N N 170 
LEU CG  CD1  sing N N 171 
LEU CG  CD2  sing N N 172 
LEU CG  HG   sing N N 173 
LEU CD1 HD11 sing N N 174 
LEU CD1 HD12 sing N N 175 
LEU CD1 HD13 sing N N 176 
LEU CD2 HD21 sing N N 177 
LEU CD2 HD22 sing N N 178 
LEU CD2 HD23 sing N N 179 
LEU OXT HXT  sing N N 180 
LYS N   CA   sing N N 181 
LYS N   H    sing N N 182 
LYS N   H2   sing N N 183 
LYS CA  C    sing N N 184 
LYS CA  CB   sing N N 185 
LYS CA  HA   sing N N 186 
LYS C   O    doub N N 187 
LYS C   OXT  sing N N 188 
LYS CB  CG   sing N N 189 
LYS CB  HB2  sing N N 190 
LYS CB  HB3  sing N N 191 
LYS CG  CD   sing N N 192 
LYS CG  HG2  sing N N 193 
LYS CG  HG3  sing N N 194 
LYS CD  CE   sing N N 195 
LYS CD  HD2  sing N N 196 
LYS CD  HD3  sing N N 197 
LYS CE  NZ   sing N N 198 
LYS CE  HE2  sing N N 199 
LYS CE  HE3  sing N N 200 
LYS NZ  HZ1  sing N N 201 
LYS NZ  HZ2  sing N N 202 
LYS NZ  HZ3  sing N N 203 
LYS OXT HXT  sing N N 204 
MSE N   CA   sing N N 205 
MSE N   H    sing N N 206 
MSE N   H2   sing N N 207 
MSE CA  C    sing N N 208 
MSE CA  CB   sing N N 209 
MSE CA  HA   sing N N 210 
MSE C   O    doub N N 211 
MSE C   OXT  sing N N 212 
MSE OXT HXT  sing N N 213 
MSE CB  CG   sing N N 214 
MSE CB  HB2  sing N N 215 
MSE CB  HB3  sing N N 216 
MSE CG  SE   sing N N 217 
MSE CG  HG2  sing N N 218 
MSE CG  HG3  sing N N 219 
MSE SE  CE   sing N N 220 
MSE CE  HE1  sing N N 221 
MSE CE  HE2  sing N N 222 
MSE CE  HE3  sing N N 223 
PHE N   CA   sing N N 224 
PHE N   H    sing N N 225 
PHE N   H2   sing N N 226 
PHE CA  C    sing N N 227 
PHE CA  CB   sing N N 228 
PHE CA  HA   sing N N 229 
PHE C   O    doub N N 230 
PHE C   OXT  sing N N 231 
PHE CB  CG   sing N N 232 
PHE CB  HB2  sing N N 233 
PHE CB  HB3  sing N N 234 
PHE CG  CD1  doub Y N 235 
PHE CG  CD2  sing Y N 236 
PHE CD1 CE1  sing Y N 237 
PHE CD1 HD1  sing N N 238 
PHE CD2 CE2  doub Y N 239 
PHE CD2 HD2  sing N N 240 
PHE CE1 CZ   doub Y N 241 
PHE CE1 HE1  sing N N 242 
PHE CE2 CZ   sing Y N 243 
PHE CE2 HE2  sing N N 244 
PHE CZ  HZ   sing N N 245 
PHE OXT HXT  sing N N 246 
PRO N   CA   sing N N 247 
PRO N   CD   sing N N 248 
PRO N   H    sing N N 249 
PRO CA  C    sing N N 250 
PRO CA  CB   sing N N 251 
PRO CA  HA   sing N N 252 
PRO C   O    doub N N 253 
PRO C   OXT  sing N N 254 
PRO CB  CG   sing N N 255 
PRO CB  HB2  sing N N 256 
PRO CB  HB3  sing N N 257 
PRO CG  CD   sing N N 258 
PRO CG  HG2  sing N N 259 
PRO CG  HG3  sing N N 260 
PRO CD  HD2  sing N N 261 
PRO CD  HD3  sing N N 262 
PRO OXT HXT  sing N N 263 
SER N   CA   sing N N 264 
SER N   H    sing N N 265 
SER N   H2   sing N N 266 
SER CA  C    sing N N 267 
SER CA  CB   sing N N 268 
SER CA  HA   sing N N 269 
SER C   O    doub N N 270 
SER C   OXT  sing N N 271 
SER CB  OG   sing N N 272 
SER CB  HB2  sing N N 273 
SER CB  HB3  sing N N 274 
SER OG  HG   sing N N 275 
SER OXT HXT  sing N N 276 
THR N   CA   sing N N 277 
THR N   H    sing N N 278 
THR N   H2   sing N N 279 
THR CA  C    sing N N 280 
THR CA  CB   sing N N 281 
THR CA  HA   sing N N 282 
THR C   O    doub N N 283 
THR C   OXT  sing N N 284 
THR CB  OG1  sing N N 285 
THR CB  CG2  sing N N 286 
THR CB  HB   sing N N 287 
THR OG1 HG1  sing N N 288 
THR CG2 HG21 sing N N 289 
THR CG2 HG22 sing N N 290 
THR CG2 HG23 sing N N 291 
THR OXT HXT  sing N N 292 
TYR N   CA   sing N N 293 
TYR N   H    sing N N 294 
TYR N   H2   sing N N 295 
TYR CA  C    sing N N 296 
TYR CA  CB   sing N N 297 
TYR CA  HA   sing N N 298 
TYR C   O    doub N N 299 
TYR C   OXT  sing N N 300 
TYR CB  CG   sing N N 301 
TYR CB  HB2  sing N N 302 
TYR CB  HB3  sing N N 303 
TYR CG  CD1  doub Y N 304 
TYR CG  CD2  sing Y N 305 
TYR CD1 CE1  sing Y N 306 
TYR CD1 HD1  sing N N 307 
TYR CD2 CE2  doub Y N 308 
TYR CD2 HD2  sing N N 309 
TYR CE1 CZ   doub Y N 310 
TYR CE1 HE1  sing N N 311 
TYR CE2 CZ   sing Y N 312 
TYR CE2 HE2  sing N N 313 
TYR CZ  OH   sing N N 314 
TYR OH  HH   sing N N 315 
TYR OXT HXT  sing N N 316 
VAL N   CA   sing N N 317 
VAL N   H    sing N N 318 
VAL N   H2   sing N N 319 
VAL CA  C    sing N N 320 
VAL CA  CB   sing N N 321 
VAL CA  HA   sing N N 322 
VAL C   O    doub N N 323 
VAL C   OXT  sing N N 324 
VAL CB  CG1  sing N N 325 
VAL CB  CG2  sing N N 326 
VAL CB  HB   sing N N 327 
VAL CG1 HG11 sing N N 328 
VAL CG1 HG12 sing N N 329 
VAL CG1 HG13 sing N N 330 
VAL CG2 HG21 sing N N 331 
VAL CG2 HG22 sing N N 332 
VAL CG2 HG23 sing N N 333 
VAL OXT HXT  sing N N 334 
# 
_atom_sites.entry_id                    3WIT 
_atom_sites.fract_transf_matrix[1][1]   0.00389117 
_atom_sites.fract_transf_matrix[1][2]   0.01644816 
_atom_sites.fract_transf_matrix[1][3]   0.01613397 
_atom_sites.fract_transf_matrix[2][1]   -0.01718531 
_atom_sites.fract_transf_matrix[2][2]   0.01455632 
_atom_sites.fract_transf_matrix[2][3]   0.00622483 
_atom_sites.fract_transf_matrix[3][1]   -0.00140691 
_atom_sites.fract_transf_matrix[3][2]   -0.00320213 
_atom_sites.fract_transf_matrix[3][3]   0.00360381 
_atom_sites.fract_transf_vector[1]      0.644583 
_atom_sites.fract_transf_vector[2]      0.469018 
_atom_sites.fract_transf_vector[3]      0.424037 
# 
loop_
_atom_type.symbol 
C  
N  
O  
SE 
# 
loop_
_atom_site.group_PDB 
_atom_site.id 
_atom_site.type_symbol 
_atom_site.label_atom_id 
_atom_site.label_alt_id 
_atom_site.label_comp_id 
_atom_site.label_asym_id 
_atom_site.label_entity_id 
_atom_site.label_seq_id 
_atom_site.pdbx_PDB_ins_code 
_atom_site.Cartn_x 
_atom_site.Cartn_y 
_atom_site.Cartn_z 
_atom_site.occupancy 
_atom_site.B_iso_or_equiv 
_atom_site.pdbx_formal_charge 
_atom_site.auth_seq_id 
_atom_site.auth_comp_id 
_atom_site.auth_asym_id 
_atom_site.auth_atom_id 
_atom_site.pdbx_PDB_model_num 
ATOM   1   N  N   . GLY A 1 1  ? -2.322  1.096   -17.383 1.00 66.20  ? 561 GLY A N   1 
ATOM   2   C  CA  . GLY A 1 1  ? -1.330  2.106   -17.700 1.00 60.08  ? 561 GLY A CA  1 
ATOM   3   C  C   . GLY A 1 1  ? -0.246  2.143   -16.642 1.00 57.10  ? 561 GLY A C   1 
ATOM   4   O  O   . GLY A 1 1  ? -0.230  1.321   -15.724 1.00 56.24  ? 561 GLY A O   1 
ATOM   5   N  N   . THR A 1 2  ? 0.682   3.090   -16.782 1.00 51.69  ? 562 THR A N   1 
ATOM   6   C  CA  . THR A 1 2  ? 1.777   3.274   -15.823 1.00 49.15  ? 562 THR A CA  1 
ATOM   7   C  C   . THR A 1 2  ? 2.038   4.760   -15.551 1.00 45.67  ? 562 THR A C   1 
ATOM   8   O  O   . THR A 1 2  ? 1.973   5.582   -16.459 1.00 45.38  ? 562 THR A O   1 
ATOM   9   C  CB  . THR A 1 2  ? 3.092   2.608   -16.265 1.00 55.17  ? 562 THR A CB  1 
ATOM   10  O  OG1 . THR A 1 2  ? 3.498   3.140   -17.529 1.00 71.62  ? 562 THR A OG1 1 
ATOM   11  C  CG2 . THR A 1 2  ? 2.916   1.119   -16.412 1.00 56.81  ? 562 THR A CG2 1 
ATOM   12  N  N   . ILE A 1 3  ? 2.315   5.086   -14.293 1.00 44.82  ? 563 ILE A N   1 
ATOM   13  C  CA  . ILE A 1 3  ? 2.508   6.474   -13.852 1.00 47.45  ? 563 ILE A CA  1 
ATOM   14  C  C   . ILE A 1 3  ? 3.644   6.507   -12.850 1.00 44.81  ? 563 ILE A C   1 
ATOM   15  O  O   . ILE A 1 3  ? 3.626   5.738   -11.912 1.00 42.47  ? 563 ILE A O   1 
ATOM   16  C  CB  . ILE A 1 3  ? 1.262   6.977   -13.080 1.00 59.57  ? 563 ILE A CB  1 
ATOM   17  C  CG1 . ILE A 1 3  ? 0.091   7.235   -14.015 1.00 64.55  ? 563 ILE A CG1 1 
ATOM   18  C  CG2 . ILE A 1 3  ? 1.578   8.236   -12.299 1.00 64.72  ? 563 ILE A CG2 1 
ATOM   19  C  CD1 . ILE A 1 3  ? -1.140  7.724   -13.292 1.00 70.83  ? 563 ILE A CD1 1 
ATOM   20  N  N   . ALA A 1 4  ? 4.631   7.390   -13.012 1.00 35.05  ? 564 ALA A N   1 
ATOM   21  C  CA  . ALA A 1 4  ? 5.576   7.611   -11.923 1.00 37.92  ? 564 ALA A CA  1 
ATOM   22  C  C   . ALA A 1 4  ? 5.695   9.120   -11.826 1.00 46.82  ? 564 ALA A C   1 
ATOM   23  O  O   . ALA A 1 4  ? 6.033   9.763   -12.826 1.00 47.78  ? 564 ALA A O   1 
ATOM   24  C  CB  . ALA A 1 4  ? 6.913   7.003   -12.244 1.00 41.69  ? 564 ALA A CB  1 
ATOM   25  N  N   . GLY A 1 5  ? 5.389   9.689   -10.655 1.00 36.93  ? 565 GLY A N   1 
ATOM   26  C  CA  . GLY A 1 5  ? 5.204   11.135  -10.568 1.00 42.98  ? 565 GLY A CA  1 
ATOM   27  C  C   . GLY A 1 5  ? 5.511   11.661  -9.185  1.00 40.71  ? 565 GLY A C   1 
ATOM   28  O  O   . GLY A 1 5  ? 5.313   10.954  -8.196  1.00 36.24  ? 565 GLY A O   1 
ATOM   29  N  N   . SER A 1 6  ? 6.036   12.874  -9.122  1.00 39.10  ? 566 SER A N   1 
ATOM   30  C  CA  . SER A 1 6  ? 6.303   13.534  -7.856  1.00 39.41  ? 566 SER A CA  1 
ATOM   31  C  C   . SER A 1 6  ? 5.717   14.915  -8.047  1.00 40.37  ? 566 SER A C   1 
ATOM   32  O  O   . SER A 1 6  ? 6.038   15.586  -9.034  1.00 42.20  ? 566 SER A O   1 
ATOM   33  C  CB  . SER A 1 6  ? 7.813   13.610  -7.628  1.00 47.00  ? 566 SER A CB  1 
ATOM   34  O  OG  . SER A 1 6  ? 8.112   14.450  -6.527  1.00 63.03  ? 566 SER A OG  1 
ATOM   35  N  N   . VAL A 1 7  ? 4.806   15.320  -7.156  1.00 38.17  ? 567 VAL A N   1 
ATOM   36  C  CA  . VAL A 1 7  ? 4.170   16.639  -7.242  1.00 40.47  ? 567 VAL A CA  1 
ATOM   37  C  C   . VAL A 1 7  ? 4.203   17.396  -5.898  1.00 48.23  ? 567 VAL A C   1 
ATOM   38  O  O   . VAL A 1 7  ? 3.996   16.798  -4.853  1.00 44.94  ? 567 VAL A O   1 
ATOM   39  C  CB  . VAL A 1 7  ? 2.699   16.554  -7.733  1.00 56.97  ? 567 VAL A CB  1 
ATOM   40  C  CG1 . VAL A 1 7  ? 2.109   17.933  -7.817  1.00 64.86  ? 567 VAL A CG1 1 
ATOM   41  C  CG2 . VAL A 1 7  ? 2.620   15.945  -9.115  1.00 64.20  ? 567 VAL A CG2 1 
ATOM   42  N  N   . HIS A 1 8  ? 4.487   18.697  -5.938  1.00 54.69  ? 568 HIS A N   1 
ATOM   43  C  CA  . HIS A 1 8  ? 4.395   19.562  -4.765  1.00 62.18  ? 568 HIS A CA  1 
ATOM   44  C  C   . HIS A 1 8  ? 3.706   20.845  -5.220  1.00 66.05  ? 568 HIS A C   1 
ATOM   45  O  O   . HIS A 1 8  ? 4.347   21.751  -5.757  1.00 62.82  ? 568 HIS A O   1 
ATOM   46  C  CB  . HIS A 1 8  ? 5.776   19.844  -4.169  1.00 71.21  ? 568 HIS A CB  1 
ATOM   47  C  CG  . HIS A 1 8  ? 5.747   20.552  -2.845  1.00 76.02  ? 568 HIS A CG  1 
ATOM   48  N  ND1 . HIS A 1 8  ? 4.911   21.615  -2.579  1.00 80.98  ? 568 HIS A ND1 1 
ATOM   49  C  CD2 . HIS A 1 8  ? 6.475   20.356  -1.717  1.00 77.42  ? 568 HIS A CD2 1 
ATOM   50  C  CE1 . HIS A 1 8  ? 5.123   22.042  -1.346  1.00 85.12  ? 568 HIS A CE1 1 
ATOM   51  N  NE2 . HIS A 1 8  ? 6.067   21.295  -0.801  1.00 84.16  ? 568 HIS A NE2 1 
ATOM   52  N  N   . VAL A 1 9  ? 2.392   20.885  -4.986  1.00 74.33  ? 569 VAL A N   1 
ATOM   53  C  CA  . VAL A 1 9  ? 1.430   21.835  -5.582  1.00 83.35  ? 569 VAL A CA  1 
ATOM   54  C  C   . VAL A 1 9  ? 1.564   22.009  -7.096  1.00 84.19  ? 569 VAL A C   1 
ATOM   55  O  O   . VAL A 1 9  ? 0.887   21.322  -7.865  1.00 80.98  ? 569 VAL A O   1 
ATOM   56  C  CB  . VAL A 1 9  ? 1.397   23.203  -4.869  1.00 84.41  ? 569 VAL A CB  1 
ATOM   57  C  CG1 . VAL A 1 9  ? 0.371   24.120  -5.526  1.00 83.78  ? 569 VAL A CG1 1 
ATOM   58  C  CG2 . VAL A 1 9  ? 1.070   23.001  -3.400  1.00 84.10  ? 569 VAL A CG2 1 
ATOM   59  N  N   . ILE A 1 27 ? -1.659  17.736  -3.596  1.00 78.62  ? 587 ILE A N   1 
ATOM   60  C  CA  . ILE A 1 27 ? -0.696  18.823  -3.704  1.00 73.81  ? 587 ILE A CA  1 
ATOM   61  C  C   . ILE A 1 27 ? 0.735   18.479  -3.228  1.00 68.90  ? 587 ILE A C   1 
ATOM   62  O  O   . ILE A 1 27 ? 1.667   19.168  -3.601  1.00 73.89  ? 587 ILE A O   1 
ATOM   63  C  CB  . ILE A 1 27 ? -1.201  20.096  -2.998  1.00 72.90  ? 587 ILE A CB  1 
ATOM   64  C  CG1 . ILE A 1 27 ? -1.064  19.965  -1.475  1.00 68.22  ? 587 ILE A CG1 1 
ATOM   65  C  CG2 . ILE A 1 27 ? -2.637  20.390  -3.425  1.00 77.25  ? 587 ILE A CG2 1 
ATOM   66  C  CD1 . ILE A 1 27 ? -0.964  21.293  -0.741  1.00 74.24  ? 587 ILE A CD1 1 
ATOM   67  N  N   . LYS A 1 28 ? 0.912   17.457  -2.389  1.00 55.15  ? 588 LYS A N   1 
ATOM   68  C  CA  . LYS A 1 28 ? 2.248   16.899  -2.128  1.00 43.34  ? 588 LYS A CA  1 
ATOM   69  C  C   . LYS A 1 28 ? 2.102   15.397  -2.194  1.00 45.75  ? 588 LYS A C   1 
ATOM   70  O  O   . LYS A 1 28 ? 1.518   14.774  -1.302  1.00 43.31  ? 588 LYS A O   1 
ATOM   71  C  CB  . LYS A 1 28 ? 2.743   17.223  -0.722  1.00 49.26  ? 588 LYS A CB  1 
ATOM   72  C  CG  . LYS A 1 28 ? 2.867   18.690  -0.363  1.00 56.03  ? 588 LYS A CG  1 
ATOM   73  C  CD  . LYS A 1 28 ? 3.500   18.790  1.032   1.00 59.40  ? 588 LYS A CD  1 
ATOM   74  C  CE  . LYS A 1 28 ? 3.910   20.202  1.401   1.00 66.75  ? 588 LYS A CE  1 
ATOM   75  N  NZ  . LYS A 1 28 ? 4.914   20.164  2.501   1.00 69.71  ? 588 LYS A NZ  1 
ATOM   76  N  N   . GLU A 1 29 ? 2.636   14.775  -3.233  1.00 36.65  ? 589 GLU A N   1 
ATOM   77  C  CA  . GLU A 1 29 ? 2.389   13.355  -3.385  1.00 34.10  ? 589 GLU A CA  1 
ATOM   78  C  C   . GLU A 1 29 ? 3.469   12.782  -4.264  1.00 31.44  ? 589 GLU A C   1 
ATOM   79  O  O   . GLU A 1 29 ? 3.940   13.486  -5.160  1.00 34.75  ? 589 GLU A O   1 
ATOM   80  C  CB  . GLU A 1 29 ? 1.038   13.187  -4.059  1.00 42.85  ? 589 GLU A CB  1 
ATOM   81  C  CG  . GLU A 1 29 ? 0.638   11.761  -4.313  1.00 54.69  ? 589 GLU A CG  1 
ATOM   82  C  CD  . GLU A 1 29 ? -0.832  11.657  -4.716  1.00 73.19  ? 589 GLU A CD  1 
ATOM   83  O  OE1 . GLU A 1 29 ? -1.333  10.514  -4.893  1.00 78.62  ? 589 GLU A OE1 1 
ATOM   84  O  OE2 . GLU A 1 29 ? -1.476  12.730  -4.848  1.00 73.92  ? 589 GLU A OE2 1 
ATOM   85  N  N   . ILE A 1 30 ? 3.866   11.541  -3.999  1.00 33.01  ? 590 ILE A N   1 
ATOM   86  C  CA  . ILE A 1 30 ? 4.690   10.780  -4.951  1.00 31.69  ? 590 ILE A CA  1 
ATOM   87  C  C   . ILE A 1 30 ? 3.865   9.539   -5.260  1.00 38.02  ? 590 ILE A C   1 
ATOM   88  O  O   . ILE A 1 30 ? 3.311   8.921   -4.335  1.00 36.82  ? 590 ILE A O   1 
ATOM   89  C  CB  . ILE A 1 30 ? 6.005   10.342  -4.309  1.00 32.78  ? 590 ILE A CB  1 
ATOM   90  C  CG1 . ILE A 1 30 ? 6.921   11.534  -4.141  1.00 33.01  ? 590 ILE A CG1 1 
ATOM   91  C  CG2 . ILE A 1 30 ? 6.701   9.245   -5.176  1.00 34.16  ? 590 ILE A CG2 1 
ATOM   92  C  CD1 . ILE A 1 30 ? 8.091   11.283  -3.189  1.00 36.12  ? 590 ILE A CD1 1 
HETATM 93  N  N   . MSE A 1 31 ? 3.729   9.191   -6.538  1.00 30.82  ? 591 MSE A N   1 
HETATM 94  C  CA  . MSE A 1 31 ? 2.970   7.993   -6.915  1.00 36.00  ? 591 MSE A CA  1 
HETATM 95  C  C   . MSE A 1 31 ? 3.758   7.127   -7.900  1.00 38.12  ? 591 MSE A C   1 
HETATM 96  O  O   . MSE A 1 31 ? 4.298   7.639   -8.883  1.00 37.42  ? 591 MSE A O   1 
HETATM 97  C  CB  . MSE A 1 31 ? 1.637   8.410   -7.552  1.00 41.40  ? 591 MSE A CB  1 
HETATM 98  C  CG  . MSE A 1 31 ? 0.937   7.316   -8.325  1.00 44.97  ? 591 MSE A CG  1 
HETATM 99  SE SE  . MSE A 1 31 ? 0.047   6.135   -7.086  0.56 47.00  ? 591 MSE A SE  1 
HETATM 100 C  CE  . MSE A 1 31 ? -1.535  7.221   -6.800  1.00 55.35  ? 591 MSE A CE  1 
ATOM   101 N  N   . LEU A 1 32 ? 3.807   5.822   -7.653  1.00 30.89  ? 592 LEU A N   1 
ATOM   102 C  CA  . LEU A 1 32 ? 4.385   4.878   -8.609  1.00 32.50  ? 592 LEU A CA  1 
ATOM   103 C  C   . LEU A 1 32 ? 3.281   3.867   -8.883  1.00 35.38  ? 592 LEU A C   1 
ATOM   104 O  O   . LEU A 1 32 ? 2.803   3.220   -7.963  1.00 36.40  ? 592 LEU A O   1 
ATOM   105 C  CB  . LEU A 1 32 ? 5.550   4.138   -7.989  1.00 31.54  ? 592 LEU A CB  1 
ATOM   106 C  CG  . LEU A 1 32 ? 6.703   4.991   -7.473  1.00 37.16  ? 592 LEU A CG  1 
ATOM   107 C  CD1 . LEU A 1 32 ? 7.769   4.107   -6.818  1.00 37.28  ? 592 LEU A CD1 1 
ATOM   108 C  CD2 . LEU A 1 32 ? 7.249   5.722   -8.667  1.00 33.38  ? 592 LEU A CD2 1 
ATOM   109 N  N   . ALA A 1 33 ? 2.878   3.719   -10.130 1.00 35.44  ? 593 ALA A N   1 
ATOM   110 C  CA  . ALA A 1 33 ? 1.790   2.816   -10.458 1.00 36.84  ? 593 ALA A CA  1 
ATOM   111 C  C   . ALA A 1 33 ? 2.047   2.048   -11.765 1.00 38.02  ? 593 ALA A C   1 
ATOM   112 O  O   . ALA A 1 33 ? 2.471   2.619   -12.778 1.00 37.22  ? 593 ALA A O   1 
ATOM   113 C  CB  . ALA A 1 33 ? 0.486   3.603   -10.546 1.00 40.59  ? 593 ALA A CB  1 
ATOM   114 N  N   . VAL A 1 34 ? 1.793   0.744   -11.727 1.00 32.80  ? 594 VAL A N   1 
ATOM   115 C  CA  . VAL A 1 34 ? 1.760   -0.060  -12.917 1.00 32.40  ? 594 VAL A CA  1 
ATOM   116 C  C   . VAL A 1 34 ? 0.435   -0.839  -12.827 1.00 38.86  ? 594 VAL A C   1 
ATOM   117 O  O   . VAL A 1 34 ? 0.248   -1.629  -11.897 1.00 37.14  ? 594 VAL A O   1 
ATOM   118 C  CB  . VAL A 1 34 ? 2.970   -1.041  -12.942 1.00 34.06  ? 594 VAL A CB  1 
ATOM   119 C  CG1 . VAL A 1 34 ? 2.866   -1.938  -14.137 1.00 35.78  ? 594 VAL A CG1 1 
ATOM   120 C  CG2 . VAL A 1 34 ? 4.307   -0.267  -12.991 1.00 36.55  ? 594 VAL A CG2 1 
ATOM   121 N  N   . GLU A 1 35 ? -0.490  -0.586  -13.739 1.00 39.02  ? 595 GLU A N   1 
ATOM   122 C  CA  . GLU A 1 35 ? -1.875  -1.103  -13.620 1.00 46.49  ? 595 GLU A CA  1 
ATOM   123 C  C   . GLU A 1 35 ? -2.394  -0.995  -12.189 1.00 44.40  ? 595 GLU A C   1 
ATOM   124 O  O   . GLU A 1 35 ? -2.467  0.102   -11.636 1.00 46.01  ? 595 GLU A O   1 
ATOM   125 C  CB  . GLU A 1 35 ? -1.966  -2.561  -14.044 1.00 47.38  ? 595 GLU A CB  1 
ATOM   126 C  CG  . GLU A 1 35 ? -0.998  -2.922  -15.118 1.00 60.27  ? 595 GLU A CG  1 
ATOM   127 C  CD  . GLU A 1 35 ? -1.655  -3.042  -16.441 1.00 75.05  ? 595 GLU A CD  1 
ATOM   128 O  OE1 . GLU A 1 35 ? -1.912  -1.985  -17.058 1.00 83.20  ? 595 GLU A OE1 1 
ATOM   129 O  OE2 . GLU A 1 35 ? -1.922  -4.189  -16.861 1.00 78.76  ? 595 GLU A OE2 1 
ATOM   130 N  N   . GLU A 1 36 ? -2.710  -2.145  -11.582 1.00 38.82  ? 596 GLU A N   1 
ATOM   131 C  CA  . GLU A 1 36 ? -3.304  -2.170  -10.238 1.00 41.26  ? 596 GLU A CA  1 
ATOM   132 C  C   . GLU A 1 36 ? -2.312  -2.229  -9.076  1.00 42.96  ? 596 GLU A C   1 
ATOM   133 O  O   . GLU A 1 36 ? -2.709  -2.322  -7.901  1.00 39.33  ? 596 GLU A O   1 
ATOM   134 C  CB  . GLU A 1 36 ? -4.333  -3.310  -10.132 1.00 46.77  ? 596 GLU A CB  1 
ATOM   135 C  CG  . GLU A 1 36 ? -5.537  -3.066  -10.991 1.00 67.44  ? 596 GLU A CG  1 
ATOM   136 C  CD  . GLU A 1 36 ? -5.994  -1.623  -10.874 1.00 86.06  ? 596 GLU A CD  1 
ATOM   137 O  OE1 . GLU A 1 36 ? -6.312  -1.197  -9.736  1.00 92.93  ? 596 GLU A OE1 1 
ATOM   138 O  OE2 . GLU A 1 36 ? -6.003  -0.906  -11.904 1.00 92.19  ? 596 GLU A OE2 1 
ATOM   139 N  N   . SER A 1 37 ? -1.018  -2.170  -9.393  1.00 37.29  ? 597 SER A N   1 
ATOM   140 C  CA  . SER A 1 37 ? 0.012   -2.155  -8.362  1.00 33.64  ? 597 SER A CA  1 
ATOM   141 C  C   . SER A 1 37 ? 0.480   -0.721  -8.151  1.00 34.60  ? 597 SER A C   1 
ATOM   142 O  O   . SER A 1 37 ? 0.901   -0.057  -9.108  1.00 37.83  ? 597 SER A O   1 
ATOM   143 C  CB  . SER A 1 37 ? 1.189   -3.034  -8.782  1.00 34.38  ? 597 SER A CB  1 
ATOM   144 O  OG  . SER A 1 37 ? 0.730   -4.213  -9.441  1.00 40.77  ? 597 SER A OG  1 
ATOM   145 N  N   . LYS A 1 38 ? 0.403   -0.240  -6.913  1.00 33.21  ? 598 LYS A N   1 
ATOM   146 C  CA  . LYS A 1 38 ? 0.678   1.174   -6.631  1.00 33.46  ? 598 LYS A CA  1 
ATOM   147 C  C   . LYS A 1 38 ? 1.412   1.338   -5.333  1.00 34.24  ? 598 LYS A C   1 
ATOM   148 O  O   . LYS A 1 38 ? 1.148   0.612   -4.370  1.00 34.82  ? 598 LYS A O   1 
ATOM   149 C  CB  . LYS A 1 38 ? -0.633  1.961   -6.516  1.00 34.83  ? 598 LYS A CB  1 
ATOM   150 C  CG  . LYS A 1 38 ? -1.509  1.949   -7.727  1.00 51.69  ? 598 LYS A CG  1 
ATOM   151 C  CD  . LYS A 1 38 ? -2.669  2.921   -7.509  1.00 58.06  ? 598 LYS A CD  1 
ATOM   152 C  CE  . LYS A 1 38 ? -3.460  3.152   -8.781  1.00 68.42  ? 598 LYS A CE  1 
ATOM   153 N  NZ  . LYS A 1 38 ? -4.074  1.900   -9.304  1.00 71.70  ? 598 LYS A NZ  1 
ATOM   154 N  N   . ILE A 1 39 ? 2.336   2.298   -5.309  1.00 33.52  ? 599 ILE A N   1 
ATOM   155 C  CA  . ILE A 1 39 ? 2.915   2.812   -4.078  1.00 32.64  ? 599 ILE A CA  1 
ATOM   156 C  C   . ILE A 1 39 ? 2.678   4.329   -4.078  1.00 38.32  ? 599 ILE A C   1 
ATOM   157 O  O   . ILE A 1 39 ? 2.995   5.016   -5.069  1.00 34.17  ? 599 ILE A O   1 
ATOM   158 C  CB  . ILE A 1 39 ? 4.421   2.541   -3.969  1.00 35.52  ? 599 ILE A CB  1 
ATOM   159 C  CG1 . ILE A 1 39 ? 4.698   1.050   -3.839  1.00 31.15  ? 599 ILE A CG1 1 
ATOM   160 C  CG2 . ILE A 1 39 ? 4.995   3.246   -2.727  1.00 33.46  ? 599 ILE A CG2 1 
ATOM   161 C  CD1 . ILE A 1 39 ? 6.201   0.684   -3.946  1.00 33.11  ? 599 ILE A CD1 1 
ATOM   162 N  N   . ALA A 1 40 ? 2.075   4.851   -3.010  1.00 34.92  ? 600 ALA A N   1 
ATOM   163 C  CA  . ALA A 1 40 ? 1.823   6.298   -2.902  1.00 33.60  ? 600 ALA A CA  1 
ATOM   164 C  C   . ALA A 1 40 ? 2.366   6.833   -1.592  1.00 34.88  ? 600 ALA A C   1 
ATOM   165 O  O   . ALA A 1 40 ? 2.226   6.189   -0.546  1.00 36.53  ? 600 ALA A O   1 
ATOM   166 C  CB  . ALA A 1 40 ? 0.332   6.594   -2.986  1.00 36.21  ? 600 ALA A CB  1 
ATOM   167 N  N   . LEU A 1 41 ? 2.992   8.003   -1.648  1.00 34.13  ? 601 LEU A N   1 
ATOM   168 C  CA  . LEU A 1 41 ? 3.440   8.677   -0.438  1.00 34.48  ? 601 LEU A CA  1 
ATOM   169 C  C   . LEU A 1 41 ? 2.757   10.027  -0.364  1.00 35.12  ? 601 LEU A C   1 
ATOM   170 O  O   . LEU A 1 41 ? 2.720   10.777  -1.360  1.00 34.62  ? 601 LEU A O   1 
ATOM   171 C  CB  . LEU A 1 41 ? 4.966   8.870   -0.451  1.00 34.26  ? 601 LEU A CB  1 
ATOM   172 C  CG  . LEU A 1 41 ? 5.893   7.656   -0.551  1.00 34.12  ? 601 LEU A CG  1 
ATOM   173 C  CD1 . LEU A 1 41 ? 6.172   7.270   -1.986  1.00 33.48  ? 601 LEU A CD1 1 
ATOM   174 C  CD2 . LEU A 1 41 ? 7.210   8.011   0.162   1.00 34.25  ? 601 LEU A CD2 1 
ATOM   175 N  N   . THR A 1 42 ? 2.213   10.354  0.811   1.00 34.78  ? 602 THR A N   1 
ATOM   176 C  CA  . THR A 1 42 ? 1.572   11.641  1.020   1.00 37.08  ? 602 THR A CA  1 
ATOM   177 C  C   . THR A 1 42 ? 1.968   12.131  2.426   1.00 36.14  ? 602 THR A C   1 
ATOM   178 O  O   . THR A 1 42 ? 2.629   11.413  3.165   1.00 38.36  ? 602 THR A O   1 
ATOM   179 C  CB  . THR A 1 42 ? 0.041   11.494  0.957   1.00 47.71  ? 602 THR A CB  1 
ATOM   180 O  OG1 . THR A 1 42 ? -0.388  10.505  1.913   1.00 52.78  ? 602 THR A OG1 1 
ATOM   181 C  CG2 . THR A 1 42 ? -0.415  11.097  -0.451  1.00 46.45  ? 602 THR A CG2 1 
ATOM   182 N  N   . PRO A 1 43 ? 1.534   13.326  2.813   1.00 36.80  ? 603 PRO A N   1 
ATOM   183 C  CA  . PRO A 1 43 ? 1.880   13.698  4.183   1.00 40.39  ? 603 PRO A CA  1 
ATOM   184 C  C   . PRO A 1 43 ? 1.218   12.771  5.228   1.00 45.45  ? 603 PRO A C   1 
ATOM   185 O  O   . PRO A 1 43 ? 1.658   12.753  6.366   1.00 44.71  ? 603 PRO A O   1 
ATOM   186 C  CB  . PRO A 1 43 ? 1.341   15.103  4.277   1.00 45.33  ? 603 PRO A CB  1 
ATOM   187 C  CG  . PRO A 1 43 ? 1.403   15.608  2.894   1.00 41.57  ? 603 PRO A CG  1 
ATOM   188 C  CD  . PRO A 1 43 ? 0.921   14.456  2.101   1.00 35.49  ? 603 PRO A CD  1 
ATOM   189 N  N   . ASP A 1 44 ? 0.181   12.025  4.835   1.00 43.64  ? 604 ASP A N   1 
ATOM   190 C  CA  . ASP A 1 44 ? -0.527  11.141  5.763   1.00 42.75  ? 604 ASP A CA  1 
ATOM   191 C  C   . ASP A 1 44 ? 0.137   9.797   5.921   1.00 38.90  ? 604 ASP A C   1 
ATOM   192 O  O   . ASP A 1 44 ? -0.136  9.075   6.894   1.00 41.69  ? 604 ASP A O   1 
ATOM   193 C  CB  . ASP A 1 44 ? -1.929  10.884  5.270   1.00 52.66  ? 604 ASP A CB  1 
ATOM   194 C  CG  . ASP A 1 44 ? -2.878  11.992  5.631   1.00 65.41  ? 604 ASP A CG  1 
ATOM   195 O  OD1 . ASP A 1 44 ? -2.499  12.912  6.402   1.00 66.52  ? 604 ASP A OD1 1 
ATOM   196 O  OD2 . ASP A 1 44 ? -4.026  11.924  5.151   1.00 77.86  ? 604 ASP A OD2 1 
ATOM   197 N  N   . GLY A 1 45 ? 0.975   9.427   4.959   1.00 37.34  ? 605 GLY A N   1 
ATOM   198 C  CA  . GLY A 1 45 ? 1.723   8.180   5.089   1.00 34.04  ? 605 GLY A CA  1 
ATOM   199 C  C   . GLY A 1 45 ? 2.042   7.511   3.769   1.00 34.63  ? 605 GLY A C   1 
ATOM   200 O  O   . GLY A 1 45 ? 2.177   8.168   2.725   1.00 34.10  ? 605 GLY A O   1 
ATOM   201 N  N   . ILE A 1 46 ? 2.127   6.188   3.798   1.00 33.32  ? 606 ILE A N   1 
ATOM   202 C  CA  . ILE A 1 46 ? 2.548   5.430   2.633   1.00 31.34  ? 606 ILE A CA  1 
ATOM   203 C  C   . ILE A 1 46 ? 1.556   4.304   2.428   1.00 39.48  ? 606 ILE A C   1 
ATOM   204 O  O   . ILE A 1 46 ? 1.135   3.648   3.386   1.00 35.69  ? 606 ILE A O   1 
ATOM   205 C  CB  . ILE A 1 46 ? 3.956   4.837   2.842   1.00 30.04  ? 606 ILE A CB  1 
ATOM   206 C  CG1 . ILE A 1 46 ? 4.960   5.964   3.115   1.00 34.16  ? 606 ILE A CG1 1 
ATOM   207 C  CG2 . ILE A 1 46 ? 4.346   3.934   1.648   1.00 35.14  ? 606 ILE A CG2 1 
ATOM   208 C  CD1 . ILE A 1 46 ? 6.432   5.485   3.415   1.00 38.06  ? 606 ILE A CD1 1 
ATOM   209 N  N   . GLN A 1 47 ? 1.131   4.103   1.191   1.00 33.41  ? 607 GLN A N   1 
ATOM   210 C  CA  . GLN A 1 47 ? 0.293   2.930   0.903   1.00 30.39  ? 607 GLN A CA  1 
ATOM   211 C  C   . GLN A 1 47 ? 0.875   2.138   -0.258  1.00 36.56  ? 607 GLN A C   1 
ATOM   212 O  O   . GLN A 1 47 ? 1.232   2.714   -1.284  1.00 35.00  ? 607 GLN A O   1 
ATOM   213 C  CB  . GLN A 1 47 ? -1.126  3.366   0.584   1.00 33.93  ? 607 GLN A CB  1 
ATOM   214 C  CG  . GLN A 1 47 ? -2.067  2.203   0.341   1.00 36.72  ? 607 GLN A CG  1 
ATOM   215 C  CD  . GLN A 1 47 ? -3.479  2.576   0.637   1.00 50.81  ? 607 GLN A CD  1 
ATOM   216 O  OE1 . GLN A 1 47 ? -3.777  3.111   1.700   1.00 56.23  ? 607 GLN A OE1 1 
ATOM   217 N  NE2 . GLN A 1 47 ? -4.363  2.335   -0.313  1.00 50.41  ? 607 GLN A NE2 1 
ATOM   218 N  N   . LEU A 1 48 ? 0.978   0.821   -0.077  1.00 31.65  ? 608 LEU A N   1 
ATOM   219 C  CA  . LEU A 1 48 ? 1.374   -0.096  -1.122  1.00 33.80  ? 608 LEU A CA  1 
ATOM   220 C  C   . LEU A 1 48 ? 0.198   -1.022  -1.336  1.00 37.71  ? 608 LEU A C   1 
ATOM   221 O  O   . LEU A 1 48 ? -0.343  -1.569  -0.367  1.00 36.38  ? 608 LEU A O   1 
ATOM   222 C  CB  . LEU A 1 48 ? 2.607   -0.895  -0.682  1.00 28.97  ? 608 LEU A CB  1 
ATOM   223 C  CG  . LEU A 1 48 ? 3.855   -0.137  -0.184  1.00 30.21  ? 608 LEU A CG  1 
ATOM   224 C  CD1 . LEU A 1 48 ? 3.870   0.063   1.327   1.00 32.20  ? 608 LEU A CD1 1 
ATOM   225 C  CD2 . LEU A 1 48 ? 5.132   -0.886  -0.587  1.00 35.18  ? 608 LEU A CD2 1 
ATOM   226 N  N   . GLN A 1 49 ? -0.219  -1.204  -2.589  1.00 35.82  ? 609 GLN A N   1 
ATOM   227 C  CA  . GLN A 1 49 ? -1.361  -2.067  -2.849  1.00 31.60  ? 609 GLN A CA  1 
ATOM   228 C  C   . GLN A 1 49 ? -1.301  -2.703  -4.195  1.00 36.52  ? 609 GLN A C   1 
ATOM   229 O  O   . GLN A 1 49 ? -0.680  -2.179  -5.134  1.00 37.13  ? 609 GLN A O   1 
ATOM   230 C  CB  . GLN A 1 49 ? -2.674  -1.303  -2.753  1.00 38.88  ? 609 GLN A CB  1 
ATOM   231 C  CG  . GLN A 1 49 ? -2.758  -0.145  -3.683  1.00 47.79  ? 609 GLN A CG  1 
ATOM   232 C  CD  . GLN A 1 49 ? -3.985  0.691   -3.397  1.00 60.47  ? 609 GLN A CD  1 
ATOM   233 O  OE1 . GLN A 1 49 ? -3.884  1.894   -3.148  1.00 63.50  ? 609 GLN A OE1 1 
ATOM   234 N  NE2 . GLN A 1 49 ? -5.154  0.050   -3.399  1.00 57.69  ? 609 GLN A NE2 1 
ATOM   235 N  N   . VAL A 1 50 ? -1.980  -3.835  -4.294  1.00 35.22  ? 610 VAL A N   1 
ATOM   236 C  CA  . VAL A 1 50 ? -2.088  -4.564  -5.542  1.00 30.30  ? 610 VAL A CA  1 
ATOM   237 C  C   . VAL A 1 50 ? -3.521  -5.035  -5.630  1.00 37.03  ? 610 VAL A C   1 
ATOM   238 O  O   . VAL A 1 50 ? -3.996  -5.811  -4.785  1.00 42.07  ? 610 VAL A O   1 
ATOM   239 C  CB  . VAL A 1 50 ? -1.161  -5.770  -5.600  1.00 31.11  ? 610 VAL A CB  1 
ATOM   240 C  CG1 . VAL A 1 50 ? -1.345  -6.483  -6.918  1.00 38.62  ? 610 VAL A CG1 1 
ATOM   241 C  CG2 . VAL A 1 50 ? 0.318   -5.324  -5.417  1.00 37.21  ? 610 VAL A CG2 1 
ATOM   242 N  N   . GLY A 1 51 ? -4.218  -4.564  -6.650  1.00 36.74  ? 611 GLY A N   1 
ATOM   243 C  CA  . GLY A 1 51 ? -5.635  -4.901  -6.810  1.00 43.74  ? 611 GLY A CA  1 
ATOM   244 C  C   . GLY A 1 51 ? -6.404  -4.277  -5.661  1.00 46.38  ? 611 GLY A C   1 
ATOM   245 O  O   . GLY A 1 51 ? -5.921  -3.341  -5.010  1.00 47.84  ? 611 GLY A O   1 
ATOM   246 N  N   . GLU A 1 52 ? -7.568  -4.814  -5.335  1.00 52.61  ? 612 GLU A N   1 
ATOM   247 C  CA  . GLU A 1 52 ? -8.374  -4.077  -4.368  1.00 65.27  ? 612 GLU A CA  1 
ATOM   248 C  C   . GLU A 1 52 ? -8.247  -4.549  -2.929  1.00 60.13  ? 612 GLU A C   1 
ATOM   249 O  O   . GLU A 1 52 ? -8.694  -3.871  -2.014  1.00 68.89  ? 612 GLU A O   1 
ATOM   250 C  CB  . GLU A 1 52 ? -9.845  -3.989  -4.797  1.00 81.58  ? 612 GLU A CB  1 
ATOM   251 C  CG  . GLU A 1 52 ? -10.554 -2.717  -4.271  1.00 97.37  ? 612 GLU A CG  1 
ATOM   252 C  CD  . GLU A 1 52 ? -9.892  -1.409  -4.733  1.00 110.24 ? 612 GLU A CD  1 
ATOM   253 O  OE1 . GLU A 1 52 ? -9.567  -0.555  -3.873  1.00 111.96 ? 612 GLU A OE1 1 
ATOM   254 O  OE2 . GLU A 1 52 ? -9.709  -1.225  -5.958  1.00 117.15 ? 612 GLU A OE2 1 
ATOM   255 N  N   . SER A 1 53 ? -7.619  -5.690  -2.707  1.00 48.55  ? 613 SER A N   1 
ATOM   256 C  CA  . SER A 1 53 ? -7.640  -6.217  -1.360  1.00 47.43  ? 613 SER A CA  1 
ATOM   257 C  C   . SER A 1 53 ? -6.292  -6.574  -0.775  1.00 45.96  ? 613 SER A C   1 
ATOM   258 O  O   . SER A 1 53 ? -6.220  -7.059  0.339   1.00 50.70  ? 613 SER A O   1 
ATOM   259 C  CB  . SER A 1 53 ? -8.613  -7.396  -1.258  1.00 57.90  ? 613 SER A CB  1 
ATOM   260 O  OG  . SER A 1 53 ? -8.178  -8.474  -2.055  1.00 61.68  ? 613 SER A OG  1 
ATOM   261 N  N   . THR A 1 54 ? -5.214  -6.350  -1.502  1.00 37.15  ? 614 THR A N   1 
ATOM   262 C  CA  . THR A 1 54 ? -3.900  -6.535  -0.891  1.00 35.13  ? 614 THR A CA  1 
ATOM   263 C  C   . THR A 1 54 ? -3.362  -5.154  -0.588  1.00 38.40  ? 614 THR A C   1 
ATOM   264 O  O   . THR A 1 54 ? -3.139  -4.361  -1.524  1.00 37.74  ? 614 THR A O   1 
ATOM   265 C  CB  . THR A 1 54 ? -2.956  -7.225  -1.874  1.00 37.93  ? 614 THR A CB  1 
ATOM   266 O  OG1 . THR A 1 54 ? -3.478  -8.526  -2.205  1.00 38.77  ? 614 THR A OG1 1 
ATOM   267 C  CG2 . THR A 1 54 ? -1.534  -7.337  -1.286  1.00 34.40  ? 614 THR A CG2 1 
ATOM   268 N  N   . VAL A 1 55 ? -3.167  -4.831  0.691   1.00 35.96  ? 615 VAL A N   1 
ATOM   269 C  CA  . VAL A 1 55 ? -2.732  -3.466  1.053   1.00 33.24  ? 615 VAL A CA  1 
ATOM   270 C  C   . VAL A 1 55 ? -1.826  -3.423  2.266   1.00 37.05  ? 615 VAL A C   1 
ATOM   271 O  O   . VAL A 1 55 ? -2.125  -4.046  3.282   1.00 38.94  ? 615 VAL A O   1 
ATOM   272 C  CB  . VAL A 1 55 ? -3.927  -2.559  1.440   1.00 41.89  ? 615 VAL A CB  1 
ATOM   273 C  CG1 . VAL A 1 55 ? -3.431  -1.150  1.732   1.00 45.94  ? 615 VAL A CG1 1 
ATOM   274 C  CG2 . VAL A 1 55 ? -5.003  -2.523  0.375   1.00 42.61  ? 615 VAL A CG2 1 
ATOM   275 N  N   . ILE A 1 56 ? -0.718  -2.699  2.171   1.00 35.14  ? 616 ILE A N   1 
ATOM   276 C  CA  . ILE A 1 56 ? 0.036   -2.315  3.357   1.00 32.81  ? 616 ILE A CA  1 
ATOM   277 C  C   . ILE A 1 56 ? -0.047  -0.804  3.480   1.00 39.14  ? 616 ILE A C   1 
ATOM   278 O  O   . ILE A 1 56 ? 0.330   -0.078  2.557   1.00 34.91  ? 616 ILE A O   1 
ATOM   279 C  CB  . ILE A 1 56 ? 1.496   -2.740  3.268   1.00 31.13  ? 616 ILE A CB  1 
ATOM   280 C  CG1 . ILE A 1 56 ? 1.573   -4.263  3.196   1.00 32.52  ? 616 ILE A CG1 1 
ATOM   281 C  CG2 . ILE A 1 56 ? 2.297   -2.198  4.475   1.00 35.60  ? 616 ILE A CG2 1 
ATOM   282 C  CD1 . ILE A 1 56 ? 2.952   -4.790  2.939   1.00 35.97  ? 616 ILE A CD1 1 
ATOM   283 N  N   . ARG A 1 57 ? -0.574  -0.330  4.601   1.00 35.25  ? 617 ARG A N   1 
ATOM   284 C  CA  . ARG A 1 57 ? -0.650  1.096   4.850   1.00 34.11  ? 617 ARG A CA  1 
ATOM   285 C  C   . ARG A 1 57 ? 0.169   1.466   6.087   1.00 38.68  ? 617 ARG A C   1 
ATOM   286 O  O   . ARG A 1 57 ? 0.058   0.828   7.141   1.00 35.34  ? 617 ARG A O   1 
ATOM   287 C  CB  . ARG A 1 57 ? -2.102  1.506   5.056   1.00 34.80  ? 617 ARG A CB  1 
ATOM   288 C  CG  . ARG A 1 57 ? -2.202  2.892   5.631   1.00 54.15  ? 617 ARG A CG  1 
ATOM   289 C  CD  . ARG A 1 57 ? -2.525  3.920   4.576   1.00 70.37  ? 617 ARG A CD  1 
ATOM   290 N  NE  . ARG A 1 57 ? -3.796  4.568   4.889   1.00 81.77  ? 617 ARG A NE  1 
ATOM   291 C  CZ  . ARG A 1 57 ? -4.974  3.948   4.874   1.00 88.39  ? 617 ARG A CZ  1 
ATOM   292 N  NH1 . ARG A 1 57 ? -5.049  2.654   4.553   1.00 86.20  ? 617 ARG A NH1 1 
ATOM   293 N  NH2 . ARG A 1 57 ? -6.084  4.621   5.184   1.00 90.01  ? 617 ARG A NH2 1 
ATOM   294 N  N   . LEU A 1 58 ? 0.983   2.501   5.955   1.00 35.40  ? 618 LEU A N   1 
ATOM   295 C  CA  . LEU A 1 58 ? 1.753   3.036   7.066   1.00 31.90  ? 618 LEU A CA  1 
ATOM   296 C  C   . LEU A 1 58 ? 1.286   4.454   7.338   1.00 35.83  ? 618 LEU A C   1 
ATOM   297 O  O   . LEU A 1 58 ? 1.175   5.269   6.398   1.00 34.43  ? 618 LEU A O   1 
ATOM   298 C  CB  . LEU A 1 58 ? 3.240   3.069   6.679   1.00 30.38  ? 618 LEU A CB  1 
ATOM   299 C  CG  . LEU A 1 58 ? 4.017   1.755   6.516   1.00 33.19  ? 618 LEU A CG  1 
ATOM   300 C  CD1 . LEU A 1 58 ? 3.768   1.099   5.180   1.00 36.20  ? 618 LEU A CD1 1 
ATOM   301 C  CD2 . LEU A 1 58 ? 5.514   2.066   6.674   1.00 37.07  ? 618 LEU A CD2 1 
ATOM   302 N  N   . SER A 1 59 ? 1.034   4.767   8.604   1.00 33.47  ? 619 SER A N   1 
ATOM   303 C  CA  . SER A 1 59 ? 0.610   6.110   8.988   1.00 37.99  ? 619 SER A CA  1 
ATOM   304 C  C   . SER A 1 59 ? 1.403   6.459   10.218  1.00 39.72  ? 619 SER A C   1 
ATOM   305 O  O   . SER A 1 59 ? 2.136   5.621   10.728  1.00 38.97  ? 619 SER A O   1 
ATOM   306 C  CB  . SER A 1 59 ? -0.856  6.104   9.346   1.00 42.50  ? 619 SER A CB  1 
ATOM   307 O  OG  . SER A 1 59 ? -1.033  5.631   10.675  1.00 43.81  ? 619 SER A OG  1 
ATOM   308 N  N   . LYS A 1 60 ? 1.226   7.672   10.724  1.00 39.55  ? 620 LYS A N   1 
ATOM   309 C  CA  . LYS A 1 60 ? 1.928   8.115   11.930  1.00 40.93  ? 620 LYS A CA  1 
ATOM   310 C  C   . LYS A 1 60 ? 1.645   7.207   13.126  1.00 42.50  ? 620 LYS A C   1 
ATOM   311 O  O   . LYS A 1 60 ? 2.471   7.082   14.034  1.00 46.39  ? 620 LYS A O   1 
ATOM   312 C  CB  . LYS A 1 60 ? 1.521   9.550   12.279  1.00 53.42  ? 620 LYS A CB  1 
ATOM   313 C  CG  . LYS A 1 60 ? 2.619   10.582  12.036  1.00 73.65  ? 620 LYS A CG  1 
ATOM   314 C  CD  . LYS A 1 60 ? 2.087   11.868  11.370  1.00 80.80  ? 620 LYS A CD  1 
ATOM   315 C  CE  . LYS A 1 60 ? 2.651   12.060  9.946   1.00 79.89  ? 620 LYS A CE  1 
ATOM   316 N  NZ  . LYS A 1 60 ? 1.611   12.490  8.950   1.00 74.85  ? 620 LYS A NZ  1 
ATOM   317 N  N   . ASP A 1 61 ? 0.462   6.597   13.128  1.00 41.96  ? 621 ASP A N   1 
ATOM   318 C  CA  . ASP A 1 61 ? -0.021  5.840   14.276  1.00 45.17  ? 621 ASP A CA  1 
ATOM   319 C  C   . ASP A 1 61 ? 0.193   4.323   14.175  1.00 37.00  ? 621 ASP A C   1 
ATOM   320 O  O   . ASP A 1 61 ? 0.046   3.600   15.172  1.00 43.72  ? 621 ASP A O   1 
ATOM   321 C  CB  . ASP A 1 61 ? -1.498  6.115   14.486  1.00 56.97  ? 621 ASP A CB  1 
ATOM   322 C  CG  . ASP A 1 61 ? -1.775  7.570   14.810  1.00 69.19  ? 621 ASP A CG  1 
ATOM   323 O  OD1 . ASP A 1 61 ? -0.972  8.190   15.552  1.00 70.44  ? 621 ASP A OD1 1 
ATOM   324 O  OD2 . ASP A 1 61 ? -2.796  8.090   14.318  1.00 75.19  ? 621 ASP A OD2 1 
ATOM   325 N  N   . GLY A 1 62 ? 0.532   3.830   13.009  1.00 38.12  ? 622 GLY A N   1 
ATOM   326 C  CA  . GLY A 1 62 ? 0.805   2.400   12.913  1.00 35.06  ? 622 GLY A CA  1 
ATOM   327 C  C   . GLY A 1 62 ? 0.759   1.849   11.514  1.00 35.47  ? 622 GLY A C   1 
ATOM   328 O  O   . GLY A 1 62 ? 0.955   2.569   10.539  1.00 34.33  ? 622 GLY A O   1 
ATOM   329 N  N   . ILE A 1 63 ? 0.515   0.550   11.410  1.00 32.83  ? 623 ILE A N   1 
ATOM   330 C  CA  . ILE A 1 63 ? 0.656   -0.136  10.137  1.00 29.32  ? 623 ILE A CA  1 
ATOM   331 C  C   . ILE A 1 63 ? -0.507  -1.097  10.037  1.00 37.72  ? 623 ILE A C   1 
ATOM   332 O  O   . ILE A 1 63 ? -0.849  -1.774  11.027  1.00 36.39  ? 623 ILE A O   1 
ATOM   333 C  CB  . ILE A 1 63 ? 1.984   -0.961  10.099  1.00 32.63  ? 623 ILE A CB  1 
ATOM   334 C  CG1 . ILE A 1 63 ? 3.192   -0.038  10.194  1.00 36.89  ? 623 ILE A CG1 1 
ATOM   335 C  CG2 . ILE A 1 63 ? 2.087   -1.807  8.835   1.00 33.03  ? 623 ILE A CG2 1 
ATOM   336 C  CD1 . ILE A 1 63 ? 4.548   -0.760  10.250  1.00 39.33  ? 623 ILE A CD1 1 
ATOM   337 N  N   . THR A 1 64 ? -1.129  -1.160  8.863   1.00 35.77  ? 624 THR A N   1 
ATOM   338 C  CA  . THR A 1 64 ? -2.108  -2.218  8.610   1.00 36.85  ? 624 THR A CA  1 
ATOM   339 C  C   . THR A 1 64 ? -1.615  -3.017  7.418   1.00 34.97  ? 624 THR A C   1 
ATOM   340 O  O   . THR A 1 64 ? -1.076  -2.454  6.455   1.00 37.25  ? 624 THR A O   1 
ATOM   341 C  CB  . THR A 1 64 ? -3.589  -1.689  8.427   1.00 37.96  ? 624 THR A CB  1 
ATOM   342 O  OG1 . THR A 1 64 ? -3.682  -0.886  7.254   1.00 48.47  ? 624 THR A OG1 1 
ATOM   343 C  CG2 . THR A 1 64 ? -4.045  -0.859  9.610   1.00 45.94  ? 624 THR A CG2 1 
ATOM   344 N  N   . ILE A 1 65 ? -1.702  -4.340  7.527   1.00 32.65  ? 625 ILE A N   1 
ATOM   345 C  CA  . ILE A 1 65 ? -1.287  -5.257  6.459   1.00 35.16  ? 625 ILE A CA  1 
ATOM   346 C  C   . ILE A 1 65 ? -2.495  -6.157  6.242   1.00 38.15  ? 625 ILE A C   1 
ATOM   347 O  O   . ILE A 1 65 ? -2.978  -6.733  7.207   1.00 37.48  ? 625 ILE A O   1 
ATOM   348 C  CB  . ILE A 1 65 ? -0.093  -6.132  6.905   1.00 31.69  ? 625 ILE A CB  1 
ATOM   349 C  CG1 . ILE A 1 65 ? 1.121   -5.251  7.196   1.00 33.71  ? 625 ILE A CG1 1 
ATOM   350 C  CG2 . ILE A 1 65 ? 0.254   -7.207  5.839   1.00 32.17  ? 625 ILE A CG2 1 
ATOM   351 C  CD1 . ILE A 1 65 ? 2.283   -5.965  7.835   1.00 36.04  ? 625 ILE A CD1 1 
ATOM   352 N  N   . VAL A 1 66 ? -3.023  -6.232  5.011   1.00 35.27  ? 626 VAL A N   1 
ATOM   353 C  CA  . VAL A 1 66 ? -4.150  -7.138  4.683   1.00 31.14  ? 626 VAL A CA  1 
ATOM   354 C  C   . VAL A 1 66 ? -3.861  -7.817  3.323   1.00 37.91  ? 626 VAL A C   1 
ATOM   355 O  O   . VAL A 1 66 ? -3.303  -7.195  2.407   1.00 35.70  ? 626 VAL A O   1 
ATOM   356 C  CB  . VAL A 1 66 ? -5.519  -6.438  4.604   1.00 40.79  ? 626 VAL A CB  1 
ATOM   357 C  CG1 . VAL A 1 66 ? -5.915  -5.840  5.936   1.00 48.27  ? 626 VAL A CG1 1 
ATOM   358 C  CG2 . VAL A 1 66 ? -5.500  -5.347  3.570   1.00 50.06  ? 626 VAL A CG2 1 
ATOM   359 N  N   . GLY A 1 67 ? -4.225  -9.091  3.214   1.00 36.33  ? 627 GLY A N   1 
ATOM   360 C  CA  . GLY A 1 67 ? -4.064  -9.851  1.985   1.00 36.80  ? 627 GLY A CA  1 
ATOM   361 C  C   . GLY A 1 67 ? -4.925  -11.092 2.041   1.00 38.16  ? 627 GLY A C   1 
ATOM   362 O  O   . GLY A 1 67 ? -5.164  -11.627 3.131   1.00 36.36  ? 627 GLY A O   1 
ATOM   363 N  N   . GLY A 1 68 ? -5.401  -11.574 0.894   1.00 38.35  ? 628 GLY A N   1 
ATOM   364 C  CA  . GLY A 1 68 ? -6.259  -12.754 0.905   1.00 39.48  ? 628 GLY A CA  1 
ATOM   365 C  C   . GLY A 1 68 ? -5.552  -13.878 1.657   1.00 37.28  ? 628 GLY A C   1 
ATOM   366 O  O   . GLY A 1 68 ? -6.135  -14.571 2.494   1.00 42.04  ? 628 GLY A O   1 
ATOM   367 N  N   . SER A 1 69 ? -4.277  -14.061 1.355   1.00 35.83  ? 629 SER A N   1 
ATOM   368 C  CA  . SER A 1 69 ? -3.442  -14.955 2.141   1.00 38.56  ? 629 SER A CA  1 
ATOM   369 C  C   . SER A 1 69 ? -2.253  -14.157 2.557   1.00 40.27  ? 629 SER A C   1 
ATOM   370 O  O   . SER A 1 69 ? -1.634  -13.498 1.721   1.00 46.82  ? 629 SER A O   1 
ATOM   371 C  CB  . SER A 1 69 ? -2.983  -16.128 1.282   1.00 41.25  ? 629 SER A CB  1 
ATOM   372 O  OG  . SER A 1 69 ? -4.105  -16.890 0.916   1.00 47.50  ? 629 SER A OG  1 
ATOM   373 N  N   . VAL A 1 70 ? -1.919  -14.166 3.847   1.00 36.88  ? 630 VAL A N   1 
ATOM   374 C  CA  . VAL A 1 70 ? -0.681  -13.492 4.275   1.00 36.47  ? 630 VAL A CA  1 
ATOM   375 C  C   . VAL A 1 70 ? 0.202   -14.566 4.908   1.00 41.70  ? 630 VAL A C   1 
ATOM   376 O  O   . VAL A 1 70 ? -0.278  -15.304 5.784   1.00 36.92  ? 630 VAL A O   1 
ATOM   377 C  CB  . VAL A 1 70 ? -0.970  -12.358 5.298   1.00 39.47  ? 630 VAL A CB  1 
ATOM   378 C  CG1 . VAL A 1 70 ? 0.302   -11.868 5.986   1.00 36.64  ? 630 VAL A CG1 1 
ATOM   379 C  CG2 . VAL A 1 70 ? -1.716  -11.189 4.634   1.00 37.76  ? 630 VAL A CG2 1 
ATOM   380 N  N   . PHE A 1 71 ? 1.449   -14.698 4.445   1.00 36.78  ? 631 PHE A N   1 
ATOM   381 C  CA  . PHE A 1 71 ? 2.374   -15.665 5.040   1.00 39.20  ? 631 PHE A CA  1 
ATOM   382 C  C   . PHE A 1 71 ? 3.606   -14.928 5.539   1.00 37.41  ? 631 PHE A C   1 
ATOM   383 O  O   . PHE A 1 71 ? 4.179   -14.109 4.836   1.00 38.96  ? 631 PHE A O   1 
ATOM   384 C  CB  . PHE A 1 71 ? 2.807   -16.723 4.030   1.00 38.03  ? 631 PHE A CB  1 
ATOM   385 C  CG  . PHE A 1 71 ? 1.800   -17.767 3.793   1.00 47.38  ? 631 PHE A CG  1 
ATOM   386 C  CD1 . PHE A 1 71 ? 0.786   -17.575 2.873   1.00 49.08  ? 631 PHE A CD1 1 
ATOM   387 C  CD2 . PHE A 1 71 ? 1.864   -18.969 4.470   1.00 50.61  ? 631 PHE A CD2 1 
ATOM   388 C  CE1 . PHE A 1 71 ? -0.146  -18.555 2.652   1.00 49.45  ? 631 PHE A CE1 1 
ATOM   389 C  CE2 . PHE A 1 71 ? 0.934   -19.953 4.237   1.00 56.06  ? 631 PHE A CE2 1 
ATOM   390 C  CZ  . PHE A 1 71 ? -0.074  -19.743 3.333   1.00 54.80  ? 631 PHE A CZ  1 
ATOM   391 N  N   . ILE A 1 72 ? 4.008   -15.213 6.769   1.00 32.81  ? 632 ILE A N   1 
ATOM   392 C  CA  . ILE A 1 72 ? 5.201   -14.588 7.326   1.00 32.23  ? 632 ILE A CA  1 
ATOM   393 C  C   . ILE A 1 72 ? 6.138   -15.715 7.754   1.00 34.05  ? 632 ILE A C   1 
ATOM   394 O  O   . ILE A 1 72 ? 5.784   -16.529 8.613   1.00 41.24  ? 632 ILE A O   1 
ATOM   395 C  CB  . ILE A 1 72 ? 4.844   -13.690 8.521   1.00 36.87  ? 632 ILE A CB  1 
ATOM   396 C  CG1 . ILE A 1 72 ? 3.883   -12.586 8.059   1.00 43.36  ? 632 ILE A CG1 1 
ATOM   397 C  CG2 . ILE A 1 72 ? 6.126   -13.077 9.147   1.00 34.34  ? 632 ILE A CG2 1 
ATOM   398 C  CD1 . ILE A 1 72 ? 3.515   -11.582 9.158   1.00 40.93  ? 632 ILE A CD1 1 
ATOM   399 N  N   . ASN A 1 73 ? 7.301   -15.775 7.117   1.00 38.09  ? 633 ASN A N   1 
ATOM   400 C  CA  . ASN A 1 73 ? 8.288   -16.840 7.346   1.00 40.89  ? 633 ASN A CA  1 
ATOM   401 C  C   . ASN A 1 73 ? 7.643   -18.221 7.312   1.00 43.01  ? 633 ASN A C   1 
ATOM   402 O  O   . ASN A 1 73 ? 7.936   -19.120 8.117   1.00 44.73  ? 633 ASN A O   1 
ATOM   403 C  CB  . ASN A 1 73 ? 9.129   -16.598 8.607   1.00 36.42  ? 633 ASN A CB  1 
ATOM   404 C  CG  . ASN A 1 73 ? 10.259  -15.581 8.387   1.00 40.08  ? 633 ASN A CG  1 
ATOM   405 O  OD1 . ASN A 1 73 ? 10.515  -15.144 7.273   1.00 40.30  ? 633 ASN A OD1 1 
ATOM   406 N  ND2 . ASN A 1 73 ? 10.984  -15.241 9.470   1.00 41.49  ? 633 ASN A ND2 1 
ATOM   407 N  N   . GLY A 1 74 ? 6.746   -18.388 6.351   1.00 42.24  ? 634 GLY A N   1 
ATOM   408 C  CA  . GLY A 1 74 ? 6.129   -19.680 6.126   1.00 44.22  ? 634 GLY A CA  1 
ATOM   409 C  C   . GLY A 1 74 ? 4.864   -19.964 6.907   1.00 42.67  ? 634 GLY A C   1 
ATOM   410 O  O   . GLY A 1 74 ? 4.249   -21.005 6.705   1.00 43.35  ? 634 GLY A O   1 
ATOM   411 N  N   . LEU A 1 75 ? 4.471   -19.066 7.804   1.00 41.55  ? 635 LEU A N   1 
ATOM   412 C  CA  . LEU A 1 75 ? 3.288   -19.315 8.632   1.00 45.18  ? 635 LEU A CA  1 
ATOM   413 C  C   . LEU A 1 75 ? 2.156   -18.396 8.196   1.00 43.04  ? 635 LEU A C   1 
ATOM   414 O  O   . LEU A 1 75 ? 2.364   -17.203 8.037   1.00 38.91  ? 635 LEU A O   1 
ATOM   415 C  CB  . LEU A 1 75 ? 3.593   -19.070 10.112  1.00 49.74  ? 635 LEU A CB  1 
ATOM   416 C  CG  . LEU A 1 75 ? 2.384   -19.176 11.045  1.00 50.08  ? 635 LEU A CG  1 
ATOM   417 C  CD1 . LEU A 1 75 ? 1.778   -20.549 10.958  1.00 51.40  ? 635 LEU A CD1 1 
ATOM   418 C  CD2 . LEU A 1 75 ? 2.777   -18.866 12.476  1.00 54.76  ? 635 LEU A CD2 1 
ATOM   419 N  N   . GLU A 1 76 ? 0.962   -18.953 8.014   1.00 46.61  ? 636 GLU A N   1 
ATOM   420 C  CA  . GLU A 1 76 ? -0.141  -18.150 7.512   1.00 42.05  ? 636 GLU A CA  1 
ATOM   421 C  C   . GLU A 1 76 ? -0.736  -17.364 8.643   1.00 41.95  ? 636 GLU A C   1 
ATOM   422 O  O   . GLU A 1 76 ? -0.946  -17.897 9.732   1.00 41.58  ? 636 GLU A O   1 
ATOM   423 C  CB  . GLU A 1 76 ? -1.242  -19.015 6.864   1.00 42.42  ? 636 GLU A CB  1 
ATOM   424 C  CG  . GLU A 1 76 ? -2.458  -18.172 6.386   1.00 43.60  ? 636 GLU A CG  1 
ATOM   425 C  CD  . GLU A 1 76 ? -3.421  -18.941 5.469   1.00 57.80  ? 636 GLU A CD  1 
ATOM   426 O  OE1 . GLU A 1 76 ? -3.319  -20.180 5.397   1.00 55.74  ? 636 GLU A OE1 1 
ATOM   427 O  OE2 . GLU A 1 76 ? -4.279  -18.304 4.814   1.00 62.55  ? 636 GLU A OE2 1 
ATOM   428 N  N   . HIS A 1 77 ? -0.987  -16.091 8.381   1.00 36.54  ? 637 HIS A N   1 
ATOM   429 C  CA  . HIS A 1 77 ? -1.743  -15.247 9.284   1.00 38.64  ? 637 HIS A CA  1 
ATOM   430 C  C   . HIS A 1 77 ? -3.196  -15.132 8.861   1.00 41.36  ? 637 HIS A C   1 
ATOM   431 O  O   . HIS A 1 77 ? -3.532  -14.467 7.891   1.00 40.51  ? 637 HIS A O   1 
ATOM   432 C  CB  . HIS A 1 77 ? -1.062  -13.896 9.408   1.00 36.41  ? 637 HIS A CB  1 
ATOM   433 C  CG  . HIS A 1 77 ? 0.239   -13.994 10.144  1.00 47.73  ? 637 HIS A CG  1 
ATOM   434 N  ND1 . HIS A 1 77 ? 0.435   -13.447 11.392  1.00 50.38  ? 637 HIS A ND1 1 
ATOM   435 C  CD2 . HIS A 1 77 ? 1.373   -14.686 9.858   1.00 50.73  ? 637 HIS A CD2 1 
ATOM   436 C  CE1 . HIS A 1 77 ? 1.650   -13.752 11.821  1.00 55.84  ? 637 HIS A CE1 1 
ATOM   437 N  NE2 . HIS A 1 77 ? 2.236   -14.512 10.913  1.00 50.43  ? 637 HIS A NE2 1 
ATOM   438 N  N   . HIS A 1 78 ? -4.060  -15.783 9.618   1.00 42.26  ? 638 HIS A N   1 
ATOM   439 C  CA  . HIS A 1 78 ? -5.470  -15.881 9.266   1.00 41.86  ? 638 HIS A CA  1 
ATOM   440 C  C   . HIS A 1 78 ? -6.253  -14.613 9.571   1.00 43.97  ? 638 HIS A C   1 
ATOM   441 O  O   . HIS A 1 78 ? -5.791  -13.741 10.308  1.00 44.46  ? 638 HIS A O   1 
ATOM   442 C  CB  . HIS A 1 78 ? -6.067  -17.053 10.011  1.00 48.37  ? 638 HIS A CB  1 
ATOM   443 C  CG  . HIS A 1 78 ? -5.351  -18.335 9.752   1.00 53.09  ? 638 HIS A CG  1 
ATOM   444 N  ND1 . HIS A 1 78 ? -5.572  -19.090 8.621   1.00 58.43  ? 638 HIS A ND1 1 
ATOM   445 C  CD2 . HIS A 1 78 ? -4.413  -18.994 10.470  1.00 52.97  ? 638 HIS A CD2 1 
ATOM   446 C  CE1 . HIS A 1 78 ? -4.808  -20.167 8.658   1.00 58.34  ? 638 HIS A CE1 1 
ATOM   447 N  NE2 . HIS A 1 78 ? -4.099  -20.136 9.771   1.00 56.46  ? 638 HIS A NE2 1 
ATOM   448 N  N   . HIS A 1 79 ? -7.455  -14.514 9.018   1.00 42.57  ? 639 HIS A N   1 
ATOM   449 C  CA  . HIS A 1 79 ? -8.267  -13.319 9.189   1.00 44.60  ? 639 HIS A CA  1 
ATOM   450 C  C   . HIS A 1 79 ? -9.020  -13.259 10.512  1.00 49.52  ? 639 HIS A C   1 
ATOM   451 O  O   . HIS A 1 79 ? -9.542  -14.265 10.964  1.00 53.63  ? 639 HIS A O   1 
ATOM   452 C  CB  . HIS A 1 79 ? -9.229  -13.192 8.006   1.00 45.68  ? 639 HIS A CB  1 
ATOM   453 C  CG  . HIS A 1 79 ? -8.513  -13.011 6.705   1.00 40.68  ? 639 HIS A CG  1 
ATOM   454 N  ND1 . HIS A 1 79 ? -8.255  -11.773 6.165   1.00 38.58  ? 639 HIS A ND1 1 
ATOM   455 C  CD2 . HIS A 1 79 ? -7.950  -13.910 5.864   1.00 43.55  ? 639 HIS A CD2 1 
ATOM   456 C  CE1 . HIS A 1 79 ? -7.552  -11.910 5.054   1.00 38.74  ? 639 HIS A CE1 1 
ATOM   457 N  NE2 . HIS A 1 79 ? -7.371  -13.198 4.837   1.00 39.81  ? 639 HIS A NE2 1 
ATOM   458 N  N   . HIS A 1 80 ? -9.074  -12.075 11.121  1.00 48.38  ? 640 HIS A N   1 
ATOM   459 C  CA  . HIS A 1 80 ? -9.885  -11.861 12.320  1.00 56.93  ? 640 HIS A CA  1 
ATOM   460 C  C   . HIS A 1 80 ? -10.923 -10.797 12.133  1.00 55.32  ? 640 HIS A C   1 
ATOM   461 O  O   . HIS A 1 80 ? -10.615 -9.696  11.680  1.00 56.72  ? 640 HIS A O   1 
ATOM   462 C  CB  . HIS A 1 80 ? -9.009  -11.509 13.505  1.00 64.48  ? 640 HIS A CB  1 
ATOM   463 C  CG  . HIS A 1 80 ? -8.151  -12.642 13.953  1.00 73.47  ? 640 HIS A CG  1 
ATOM   464 N  ND1 . HIS A 1 80 ? -7.059  -13.077 13.232  1.00 73.79  ? 640 HIS A ND1 1 
ATOM   465 C  CD2 . HIS A 1 80 ? -8.242  -13.456 15.031  1.00 81.11  ? 640 HIS A CD2 1 
ATOM   466 C  CE1 . HIS A 1 80 ? -6.504  -14.102 13.853  1.00 76.39  ? 640 HIS A CE1 1 
ATOM   467 N  NE2 . HIS A 1 80 ? -7.203  -14.353 14.948  1.00 80.39  ? 640 HIS A NE2 1 
ATOM   468 N  N   . HIS A 1 81 ? -12.161 -11.134 12.475  1.00 48.41  ? 641 HIS A N   1 
ATOM   469 C  CA  . HIS A 1 81 ? -13.286 -10.220 12.332  1.00 60.95  ? 641 HIS A CA  1 
ATOM   470 C  C   . HIS A 1 81 ? -13.981 -10.022 13.686  1.00 67.23  ? 641 HIS A C   1 
ATOM   471 O  O   . HIS A 1 81 ? -14.859 -9.170  13.828  1.00 74.18  ? 641 HIS A O   1 
ATOM   472 C  CB  . HIS A 1 81 ? -14.287 -10.749 11.287  1.00 62.49  ? 641 HIS A CB  1 
ATOM   473 C  CG  . HIS A 1 81 ? -13.741 -10.780 9.893   1.00 55.58  ? 641 HIS A CG  1 
ATOM   474 N  ND1 . HIS A 1 81 ? -13.563 -9.641  9.140   1.00 55.78  ? 641 HIS A ND1 1 
ATOM   475 C  CD2 . HIS A 1 81 ? -13.316 -11.810 9.121   1.00 51.44  ? 641 HIS A CD2 1 
ATOM   476 C  CE1 . HIS A 1 81 ? -13.035 -9.962  7.971   1.00 56.15  ? 641 HIS A CE1 1 
ATOM   477 N  NE2 . HIS A 1 81 ? -12.885 -11.274 7.929   1.00 51.67  ? 641 HIS A NE2 1 
HETATM 478 O  O   . HOH B 2 .  ? -5.562  -9.952  -1.467  1.00 44.29  ? 701 HOH A O   1 
HETATM 479 O  O   . HOH B 2 .  ? -3.847  -15.492 5.395   1.00 44.00  ? 702 HOH A O   1 
HETATM 480 O  O   . HOH B 2 .  ? 6.342   -16.557 4.166   1.00 43.76  ? 703 HOH A O   1 
HETATM 481 O  O   . HOH B 2 .  ? -0.149  9.761   9.352   1.00 47.76  ? 704 HOH A O   1 
HETATM 482 O  O   . HOH B 2 .  ? -4.020  -2.679  5.006   1.00 47.54  ? 705 HOH A O   1 
HETATM 483 O  O   . HOH B 2 .  ? -3.671  -12.374 11.381  1.00 48.06  ? 706 HOH A O   1 
HETATM 484 O  O   . HOH B 2 .  ? -3.322  -16.435 12.504  1.00 51.78  ? 707 HOH A O   1 
HETATM 485 O  O   . HOH B 2 .  ? -6.069  -7.522  -4.638  1.00 46.77  ? 708 HOH A O   1 
HETATM 486 O  O   . HOH B 2 .  ? 0.528   -22.003 8.136   1.00 55.96  ? 709 HOH A O   1 
HETATM 487 O  O   . HOH B 2 .  ? -1.622  -12.322 12.693  1.00 47.45  ? 710 HOH A O   1 
HETATM 488 O  O   . HOH B 2 .  ? 6.537   -17.735 1.659   1.00 49.50  ? 711 HOH A O   1 
HETATM 489 O  O   . HOH B 2 .  ? -2.204  2.491   8.983   1.00 46.05  ? 712 HOH A O   1 
HETATM 490 O  O   . HOH B 2 .  ? -1.601  -22.398 6.222   1.00 61.10  ? 713 HOH A O   1 
# 
loop_
_atom_site_anisotrop.id 
_atom_site_anisotrop.type_symbol 
_atom_site_anisotrop.pdbx_label_atom_id 
_atom_site_anisotrop.pdbx_label_alt_id 
_atom_site_anisotrop.pdbx_label_comp_id 
_atom_site_anisotrop.pdbx_label_asym_id 
_atom_site_anisotrop.pdbx_label_seq_id 
_atom_site_anisotrop.pdbx_PDB_ins_code 
_atom_site_anisotrop.U[1][1] 
_atom_site_anisotrop.U[2][2] 
_atom_site_anisotrop.U[3][3] 
_atom_site_anisotrop.U[1][2] 
_atom_site_anisotrop.U[1][3] 
_atom_site_anisotrop.U[2][3] 
_atom_site_anisotrop.pdbx_auth_seq_id 
_atom_site_anisotrop.pdbx_auth_comp_id 
_atom_site_anisotrop.pdbx_auth_asym_id 
_atom_site_anisotrop.pdbx_auth_atom_id 
1   N  N   . GLY A 1  ? 0.8933 0.9564 0.6657 -0.1465 -0.1853 0.0348  561 GLY A N   
2   C  CA  . GLY A 1  ? 0.8275 0.8719 0.5833 -0.1347 -0.1692 0.0361  561 GLY A CA  
3   C  C   . GLY A 1  ? 0.7827 0.8197 0.5671 -0.1111 -0.1363 0.0185  561 GLY A C   
4   O  O   . GLY A 1  ? 0.7610 0.8041 0.5719 -0.1045 -0.1258 0.0046  561 GLY A O   
5   N  N   . THR A 2  ? 0.7209 0.7446 0.4984 -0.1007 -0.1214 0.0207  562 THR A N   
6   C  CA  . THR A 2  ? 0.6812 0.7003 0.4860 -0.0815 -0.0941 0.0080  562 THR A CA  
7   C  C   . THR A 2  ? 0.6285 0.6512 0.4555 -0.0658 -0.0934 0.0234  562 THR A C   
8   O  O   . THR A 2  ? 0.6361 0.6503 0.4379 -0.0722 -0.1032 0.0387  562 THR A O   
9   C  CB  . THR A 2  ? 0.7794 0.7693 0.5475 -0.0888 -0.0665 -0.0119 562 THR A CB  
10  O  OG1 . THR A 2  ? 1.0117 0.9803 0.7293 -0.1023 -0.0651 -0.0056 562 THR A OG1 
11  C  CG2 . THR A 2  ? 0.8117 0.7889 0.5579 -0.1015 -0.0622 -0.0295 562 THR A CG2 
12  N  N   . ILE A 3  ? 0.6005 0.6320 0.4703 -0.0470 -0.0826 0.0195  563 ILE A N   
13  C  CA  . ILE A 3  ? 0.6280 0.6566 0.5183 -0.0325 -0.0809 0.0316  563 ILE A CA  
14  C  C   . ILE A 3  ? 0.5912 0.6129 0.4984 -0.0245 -0.0599 0.0177  563 ILE A C   
15  O  O   . ILE A 3  ? 0.5508 0.5828 0.4799 -0.0194 -0.0540 0.0062  563 ILE A O   
16  C  CB  . ILE A 3  ? 0.7608 0.8097 0.6929 -0.0163 -0.0942 0.0448  563 ILE A CB  
17  C  CG1 . ILE A 3  ? 0.8206 0.8830 0.7489 -0.0218 -0.1192 0.0669  563 ILE A CG1 
18  C  CG2 . ILE A 3  ? 0.8235 0.8597 0.7759 0.0006  -0.0853 0.0498  563 ILE A CG2 
19  C  CD1 . ILE A 3  ? 0.8753 0.9623 0.8535 -0.0030 -0.1288 0.0830  563 ILE A CD1 
20  N  N   . ALA A 4  ? 0.4763 0.4816 0.3739 -0.0253 -0.0500 0.0209  564 ALA A N   
21  C  CA  . ALA A 4  ? 0.5063 0.5087 0.4256 -0.0192 -0.0361 0.0126  564 ALA A CA  
22  C  C   . ALA A 4  ? 0.6247 0.6097 0.5443 -0.0149 -0.0388 0.0252  564 ALA A C   
23  O  O   . ALA A 4  ? 0.6495 0.6212 0.5447 -0.0231 -0.0394 0.0356  564 ALA A O   
24  C  CB  . ALA A 4  ? 0.5583 0.5584 0.4674 -0.0288 -0.0183 0.0031  564 ALA A CB  
25  N  N   . GLY A 5  ? 0.4935 0.4739 0.4357 -0.0030 -0.0394 0.0246  565 GLY A N   
26  C  CA  . GLY A 5  ? 0.5790 0.5353 0.5189 0.0035  -0.0424 0.0367  565 GLY A CA  
27  C  C   . GLY A 5  ? 0.5514 0.4918 0.5036 0.0093  -0.0350 0.0286  565 GLY A C   
28  O  O   . GLY A 5  ? 0.4855 0.4383 0.4533 0.0140  -0.0319 0.0172  565 GLY A O   
29  N  N   . SER A 6  ? 0.5452 0.4549 0.4857 0.0061  -0.0325 0.0344  566 SER A N   
30  C  CA  . SER A 6  ? 0.5575 0.4413 0.4986 0.0079  -0.0267 0.0266  566 SER A CA  
31  C  C   . SER A 6  ? 0.5849 0.4321 0.5167 0.0182  -0.0274 0.0390  566 SER A C   
32  O  O   . SER A 6  ? 0.6173 0.4513 0.5351 0.0114  -0.0309 0.0522  566 SER A O   
33  C  CB  . SER A 6  ? 0.6581 0.5367 0.5911 -0.0126 -0.0230 0.0217  566 SER A CB  
34  O  OG  . SER A 6  ? 0.8756 0.7205 0.7989 -0.0166 -0.0209 0.0161  566 SER A OG  
35  N  N   . VAL A 7  ? 0.5601 0.3901 0.5001 0.0360  -0.0223 0.0362  567 VAL A N   
36  C  CA  . VAL A 7  ? 0.6039 0.3944 0.5393 0.0507  -0.0190 0.0483  567 VAL A CA  
37  C  C   . VAL A 7  ? 0.7226 0.4662 0.6439 0.0556  -0.0051 0.0352  567 VAL A C   
38  O  O   . VAL A 7  ? 0.6767 0.4283 0.6024 0.0588  0.0018  0.0206  567 VAL A O   
39  C  CB  . VAL A 7  ? 0.7963 0.6090 0.7594 0.0743  -0.0235 0.0643  567 VAL A CB  
40  C  CG1 . VAL A 7  ? 0.9101 0.6809 0.8735 0.0924  -0.0184 0.0795  567 VAL A CG1 
41  C  CG2 . VAL A 7  ? 0.8748 0.7239 0.8403 0.0656  -0.0397 0.0780  567 VAL A CG2 
42  N  N   . HIS A 8  ? 0.8295 0.5199 0.7286 0.0539  -0.0007 0.0405  568 HIS A N   
43  C  CA  . HIS A 8  ? 0.9511 0.5836 0.8280 0.0590  0.0143  0.0282  568 HIS A CA  
44  C  C   . HIS A 8  ? 1.0156 0.6030 0.8910 0.0789  0.0211  0.0444  568 HIS A C   
45  O  O   . HIS A 8  ? 0.9940 0.5448 0.8479 0.0665  0.0173  0.0529  568 HIS A O   
46  C  CB  . HIS A 8  ? 1.0869 0.6897 0.9291 0.0277  0.0121  0.0148  568 HIS A CB  
47  C  CG  . HIS A 8  ? 1.1796 0.7208 0.9878 0.0263  0.0259  -0.0022 568 HIS A CG  
48  N  ND1 . HIS A 8  ? 1.2657 0.7494 1.0616 0.0483  0.0428  -0.0010 568 HIS A ND1 
49  C  CD2 . HIS A 8  ? 1.2123 0.7368 0.9925 0.0043  0.0257  -0.0203 568 HIS A CD2 
50  C  CE1 . HIS A 8  ? 1.3498 0.7790 1.1055 0.0392  0.0549  -0.0206 568 HIS A CE1 
51  N  NE2 . HIS A 8  ? 1.3333 0.7870 1.0772 0.0107  0.0426  -0.0321 568 HIS A NE2 
52  N  N   . VAL A 9  ? 1.1099 0.7021 1.0123 0.1103  0.0320  0.0504  569 VAL A N   
53  C  CA  . VAL A 9  ? 1.2250 0.7953 1.1465 0.1380  0.0368  0.0735  569 VAL A CA  
54  C  C   . VAL A 9  ? 1.2254 0.8176 1.1557 0.1320  0.0160  0.0996  569 VAL A C   
55  O  O   . VAL A 9  ? 1.1552 0.8036 1.1179 0.1399  0.0023  0.1157  569 VAL A O   
56  C  CB  . VAL A 9  ? 1.2766 0.7614 1.1691 0.1484  0.0585  0.0676  569 VAL A CB  
57  C  CG1 . VAL A 9  ? 1.2655 0.7316 1.1862 0.1811  0.0640  0.0954  569 VAL A CG1 
58  C  CG2 . VAL A 9  ? 1.2844 0.7466 1.1644 0.1568  0.0817  0.0428  569 VAL A CG2 
59  N  N   . ILE A 27 ? 1.0603 0.8229 1.1040 0.1808  0.0527  0.0546  587 ILE A N   
60  C  CA  . ILE A 27 ? 1.0341 0.7350 1.0353 0.1694  0.0541  0.0500  587 ILE A CA  
61  C  C   . ILE A 27 ? 0.9922 0.6768 0.9490 0.1358  0.0483  0.0273  587 ILE A C   
62  O  O   . ILE A 27 ? 1.0766 0.7268 1.0042 0.1190  0.0420  0.0276  587 ILE A O   
63  C  CB  . ILE A 27 ? 1.0482 0.6827 1.0389 0.1932  0.0813  0.0487  587 ILE A CB  
64  C  CG1 . ILE A 27 ? 1.0109 0.6114 0.9700 0.1901  0.1046  0.0207  587 ILE A CG1 
65  C  CG2 . ILE A 27 ? 1.0768 0.7352 1.1233 0.2296  0.0883  0.0751  587 ILE A CG2 
66  C  CD1 . ILE A 27 ? 1.1310 0.6415 1.0481 0.1981  0.1301  0.0095  587 ILE A CD1 
67  N  N   . LYS A 28 ? 0.8109 0.5199 0.7647 0.1259  0.0503  0.0103  588 LYS A N   
68  C  CA  . LYS A 28 ? 0.6694 0.3819 0.5954 0.0945  0.0389  -0.0041 588 LYS A CA  
69  C  C   . LYS A 28 ? 0.6701 0.4457 0.6224 0.0902  0.0295  -0.0058 588 LYS A C   
70  O  O   . LYS A 28 ? 0.6320 0.4208 0.5928 0.0978  0.0392  -0.0143 588 LYS A O   
71  C  CB  . LYS A 28 ? 0.7740 0.4385 0.6592 0.0832  0.0518  -0.0250 588 LYS A CB  
72  C  CG  . LYS A 28 ? 0.8979 0.4853 0.7456 0.0850  0.0654  -0.0293 588 LYS A CG  
73  C  CD  . LYS A 28 ? 0.9719 0.5153 0.7698 0.0647  0.0729  -0.0519 588 LYS A CD  
74  C  CE  . LYS A 28 ? 1.1100 0.5684 0.8576 0.0557  0.0827  -0.0595 588 LYS A CE  
75  N  NZ  . LYS A 28 ? 1.1755 0.6017 0.8713 0.0217  0.0771  -0.0782 588 LYS A NZ  
76  N  N   . GLU A 29 ? 0.5395 0.3511 0.5020 0.0771  0.0124  0.0016  589 GLU A N   
77  C  CA  . GLU A 29 ? 0.4816 0.3465 0.4673 0.0746  0.0050  0.0003  589 GLU A CA  
78  C  C   . GLU A 29 ? 0.4433 0.3284 0.4231 0.0542  -0.0080 0.0013  589 GLU A C   
79  O  O   . GLU A 29 ? 0.4935 0.3644 0.4624 0.0481  -0.0131 0.0105  589 GLU A O   
80  C  CB  . GLU A 29 ? 0.5713 0.4662 0.5906 0.0940  0.0020  0.0161  589 GLU A CB  
81  C  CG  . GLU A 29 ? 0.6970 0.6426 0.7385 0.0896  -0.0070 0.0161  589 GLU A CG  
82  C  CD  . GLU A 29 ? 0.9088 0.8851 0.9870 0.1075  -0.0104 0.0330  589 GLU A CD  
83  O  OE1 . GLU A 29 ? 0.9577 0.9745 1.0552 0.1028  -0.0185 0.0343  589 GLU A OE1 
84  O  OE2 . GLU A 29 ? 0.9199 0.8791 1.0096 0.1257  -0.0051 0.0465  589 GLU A OE2 
85  N  N   . ILE A 30 ? 0.4507 0.3659 0.4376 0.0443  -0.0111 -0.0073 590 ILE A N   
86  C  CA  . ILE A 30 ? 0.4256 0.3651 0.4134 0.0299  -0.0191 -0.0055 590 ILE A CA  
87  C  C   . ILE A 30 ? 0.4872 0.4630 0.4943 0.0351  -0.0230 -0.0053 590 ILE A C   
88  O  O   . ILE A 30 ? 0.4643 0.4512 0.4836 0.0410  -0.0192 -0.0117 590 ILE A O   
89  C  CB  . ILE A 30 ? 0.4409 0.3814 0.4229 0.0135  -0.0179 -0.0147 590 ILE A CB  
90  C  CG1 . ILE A 30 ? 0.4617 0.3687 0.4239 0.0020  -0.0175 -0.0130 590 ILE A CG1 
91  C  CG2 . ILE A 30 ? 0.4455 0.4161 0.4364 0.0042  -0.0201 -0.0140 590 ILE A CG2 
92  C  CD1 . ILE A 30 ? 0.5023 0.4092 0.4610 -0.0154 -0.0194 -0.0195 590 ILE A CD1 
93  N  N   . MSE A 31 ? 0.3911 0.3826 0.3971 0.0311  -0.0307 0.0023  591 MSE A N   
94  C  CA  . MSE A 31 ? 0.4429 0.4641 0.4610 0.0310  -0.0366 0.0020  591 MSE A CA  
95  C  C   . MSE A 31 ? 0.4722 0.5010 0.4750 0.0161  -0.0379 -0.0020 591 MSE A C   
96  O  O   . MSE A 31 ? 0.4734 0.4913 0.4570 0.0090  -0.0387 0.0039  591 MSE A O   
97  C  CB  . MSE A 31 ? 0.5040 0.5356 0.5336 0.0408  -0.0466 0.0177  591 MSE A CB  
98  C  CG  . MSE A 31 ? 0.5385 0.5978 0.5723 0.0331  -0.0585 0.0211  591 MSE A CG  
99  SE SE  . MSE A 31 ? 0.5450 0.6310 0.6098 0.0386  -0.0546 0.0130  591 MSE A SE  
100 C  CE  . MSE A 31 ? 0.6343 0.7333 0.7355 0.0611  -0.0568 0.0338  591 MSE A CE  
101 N  N   . LEU A 32 ? 0.3736 0.4175 0.3827 0.0118  -0.0356 -0.0116 592 LEU A N   
102 C  CA  . LEU A 32 ? 0.3986 0.4448 0.3913 0.0000  -0.0331 -0.0169 592 LEU A CA  
103 C  C   . LEU A 32 ? 0.4295 0.4903 0.4246 -0.0027 -0.0419 -0.0179 592 LEU A C   
104 O  O   . LEU A 32 ? 0.4320 0.5043 0.4469 0.0016  -0.0416 -0.0222 592 LEU A O   
105 C  CB  . LEU A 32 ? 0.3836 0.4304 0.3842 -0.0027 -0.0207 -0.0271 592 LEU A CB  
106 C  CG  . LEU A 32 ? 0.4563 0.4946 0.4612 -0.0036 -0.0146 -0.0251 592 LEU A CG  
107 C  CD1 . LEU A 32 ? 0.4492 0.4965 0.4708 -0.0062 -0.0058 -0.0307 592 LEU A CD1 
108 C  CD2 . LEU A 32 ? 0.4186 0.4460 0.4035 -0.0104 -0.0119 -0.0184 592 LEU A CD2 
109 N  N   . ALA A 33 ? 0.4384 0.4976 0.4106 -0.0125 -0.0507 -0.0132 593 ALA A N   
110 C  CA  . ALA A 33 ? 0.4520 0.5241 0.4235 -0.0202 -0.0632 -0.0122 593 ALA A CA  
111 C  C   . ALA A 33 ? 0.4860 0.5430 0.4156 -0.0388 -0.0643 -0.0184 593 ALA A C   
112 O  O   . ALA A 33 ? 0.4908 0.5334 0.3899 -0.0457 -0.0643 -0.0138 593 ALA A O   
113 C  CB  . ALA A 33 ? 0.4873 0.5776 0.4773 -0.0142 -0.0807 0.0062  593 ALA A CB  
114 N  N   . VAL A 34 ? 0.4224 0.4779 0.3460 -0.0480 -0.0637 -0.0291 594 VAL A N   
115 C  CA  . VAL A 34 ? 0.4391 0.4747 0.3172 -0.0680 -0.0662 -0.0361 594 VAL A CA  
116 C  C   . VAL A 34 ? 0.5132 0.5642 0.3992 -0.0795 -0.0860 -0.0327 594 VAL A C   
117 O  O   . VAL A 34 ? 0.4803 0.5389 0.3920 -0.0753 -0.0812 -0.0394 594 VAL A O   
118 C  CB  . VAL A 34 ? 0.4747 0.4841 0.3352 -0.0689 -0.0401 -0.0555 594 VAL A CB  
119 C  CG1 . VAL A 34 ? 0.5247 0.5043 0.3306 -0.0902 -0.0392 -0.0659 594 VAL A CG1 
120 C  CG2 . VAL A 34 ? 0.5081 0.5104 0.3701 -0.0586 -0.0207 -0.0554 594 VAL A CG2 
121 N  N   . GLU A 35 ? 0.5191 0.5771 0.3863 -0.0948 -0.1097 -0.0195 595 GLU A N   
122 C  CA  . GLU A 35 ? 0.5986 0.6825 0.4852 -0.1065 -0.1333 -0.0093 595 GLU A CA  
123 C  C   . GLU A 35 ? 0.5406 0.6568 0.4897 -0.0866 -0.1299 -0.0034 595 GLU A C   
124 O  O   . GLU A 35 ? 0.5443 0.6774 0.5264 -0.0661 -0.1272 0.0081  595 GLU A O   
125 C  CB  . GLU A 35 ? 0.6305 0.6899 0.4797 -0.1308 -0.1342 -0.0253 595 GLU A CB  
126 C  CG  . GLU A 35 ? 0.8314 0.8440 0.6144 -0.1443 -0.1201 -0.0420 595 GLU A CG  
127 C  CD  . GLU A 35 ? 1.0411 1.0406 0.7699 -0.1749 -0.1442 -0.0358 595 GLU A CD  
128 O  OE1 . GLU A 35 ? 1.1415 1.1547 0.8647 -0.1760 -0.1604 -0.0172 595 GLU A OE1 
129 O  OE2 . GLU A 35 ? 1.1101 1.0829 0.7995 -0.1993 -0.1481 -0.0489 595 GLU A OE2 
130 N  N   . GLU A 36 ? 0.4653 0.5840 0.4256 -0.0934 -0.1274 -0.0125 596 GLU A N   
131 C  CA  . GLU A 36 ? 0.4683 0.6169 0.4826 -0.0782 -0.1236 -0.0065 596 GLU A CA  
132 C  C   . GLU A 36 ? 0.4895 0.6259 0.5170 -0.0593 -0.0984 -0.0197 596 GLU A C   
133 O  O   . GLU A 36 ? 0.4253 0.5805 0.4887 -0.0485 -0.0926 -0.0169 596 GLU A O   
134 C  CB  . GLU A 36 ? 0.5297 0.6933 0.5541 -0.0975 -0.1372 -0.0040 596 GLU A CB  
135 C  CG  . GLU A 36 ? 0.7804 0.9718 0.8103 -0.1146 -0.1670 0.0169  596 GLU A CG  
136 C  CD  . GLU A 36 ? 0.9927 1.2160 1.0613 -0.0932 -0.1723 0.0392  596 GLU A CD  
137 O  OE1 . GLU A 36 ? 1.0556 1.3024 1.1727 -0.0707 -0.1599 0.0454  596 GLU A OE1 
138 O  OE2 . GLU A 36 ? 1.0786 1.2986 1.1255 -0.0985 -0.1869 0.0503  596 GLU A OE2 
139 N  N   . SER A 37 ? 0.4371 0.5439 0.4360 -0.0565 -0.0834 -0.0325 597 SER A N   
140 C  CA  . SER A 37 ? 0.3890 0.4874 0.4017 -0.0410 -0.0635 -0.0412 597 SER A CA  
141 C  C   . SER A 37 ? 0.3971 0.4988 0.4189 -0.0258 -0.0595 -0.0343 597 SER A C   
142 O  O   . SER A 37 ? 0.4495 0.5398 0.4481 -0.0287 -0.0609 -0.0318 597 SER A O   
143 C  CB  . SER A 37 ? 0.4180 0.4855 0.4028 -0.0466 -0.0481 -0.0567 597 SER A CB  
144 O  OG  . SER A 37 ? 0.5126 0.5643 0.4720 -0.0649 -0.0529 -0.0642 597 SER A OG  
145 N  N   . LYS A 38 ? 0.3663 0.4790 0.4163 -0.0116 -0.0536 -0.0314 598 LYS A N   
146 C  CA  . LYS A 38 ? 0.3684 0.4786 0.4242 0.0013  -0.0504 -0.0250 598 LYS A CA  
147 C  C   . LYS A 38 ? 0.3774 0.4809 0.4428 0.0100  -0.0380 -0.0310 598 LYS A C   
148 O  O   . LYS A 38 ? 0.3776 0.4887 0.4566 0.0111  -0.0344 -0.0343 598 LYS A O   
149 C  CB  . LYS A 38 ? 0.3718 0.5016 0.4501 0.0101  -0.0593 -0.0102 598 LYS A CB  
150 C  CG  . LYS A 38 ? 0.5822 0.7253 0.6566 0.0007  -0.0773 0.0020  598 LYS A CG  
151 C  CD  . LYS A 38 ? 0.6444 0.8096 0.7521 0.0150  -0.0835 0.0209  598 LYS A CD  
152 C  CE  . LYS A 38 ? 0.7711 0.9517 0.8769 0.0058  -0.1057 0.0390  598 LYS A CE  
153 N  NZ  . LYS A 38 ? 0.8091 1.0054 0.9097 -0.0158 -0.1211 0.0390  598 LYS A NZ  
154 N  N   . ILE A 39 ? 0.3763 0.4649 0.4324 0.0136  -0.0328 -0.0312 599 ILE A N   
155 C  CA  . ILE A 39 ? 0.3665 0.4465 0.4273 0.0192  -0.0254 -0.0340 599 ILE A CA  
156 C  C   . ILE A 39 ? 0.4443 0.5113 0.5005 0.0272  -0.0254 -0.0276 599 ILE A C   
157 O  O   . ILE A 39 ? 0.3985 0.4568 0.4430 0.0249  -0.0286 -0.0225 599 ILE A O   
158 C  CB  . ILE A 39 ? 0.4078 0.4793 0.4626 0.0126  -0.0200 -0.0390 599 ILE A CB  
159 C  CG1 . ILE A 39 ? 0.3473 0.4266 0.4096 0.0083  -0.0171 -0.0442 599 ILE A CG1 
160 C  CG2 . ILE A 39 ? 0.3853 0.4464 0.4396 0.0136  -0.0175 -0.0394 599 ILE A CG2 
161 C  CD1 . ILE A 39 ? 0.3722 0.4482 0.4374 0.0045  -0.0098 -0.0454 599 ILE A CD1 
162 N  N   . ALA A 40 ? 0.4004 0.4628 0.4635 0.0367  -0.0200 -0.0272 600 ALA A N   
163 C  CA  . ALA A 40 ? 0.3926 0.4342 0.4499 0.0466  -0.0160 -0.0222 600 ALA A CA  
164 C  C   . ALA A 40 ? 0.4225 0.4386 0.4644 0.0462  -0.0067 -0.0304 600 ALA A C   
165 O  O   . ALA A 40 ? 0.4412 0.4621 0.4847 0.0451  -0.0018 -0.0364 600 ALA A O   
166 C  CB  . ALA A 40 ? 0.4136 0.4692 0.4929 0.0613  -0.0151 -0.0120 600 ALA A CB  
167 N  N   . LEU A 41 ? 0.4291 0.4155 0.4523 0.0443  -0.0052 -0.0303 601 LEU A N   
168 C  CA  . LEU A 41 ? 0.4522 0.4060 0.4522 0.0407  0.0022  -0.0383 601 LEU A CA  
169 C  C   . LEU A 41 ? 0.4744 0.3952 0.4647 0.0544  0.0121  -0.0357 601 LEU A C   
170 O  O   . LEU A 41 ? 0.4698 0.3830 0.4625 0.0588  0.0084  -0.0267 601 LEU A O   
171 C  CB  . LEU A 41 ? 0.4587 0.4008 0.4422 0.0214  -0.0054 -0.0404 601 LEU A CB  
172 C  CG  . LEU A 41 ? 0.4427 0.4142 0.4395 0.0090  -0.0130 -0.0404 601 LEU A CG  
173 C  CD1 . LEU A 41 ? 0.4232 0.4151 0.4340 0.0085  -0.0165 -0.0343 601 LEU A CD1 
174 C  CD2 . LEU A 41 ? 0.4542 0.4111 0.4360 -0.0091 -0.0185 -0.0415 601 LEU A CD2 
175 N  N   . THR A 42 ? 0.4821 0.3800 0.4596 0.0620  0.0266  -0.0431 602 THR A N   
176 C  CA  . THR A 42 ? 0.5281 0.3864 0.4944 0.0779  0.0418  -0.0424 602 THR A CA  
177 C  C   . THR A 42 ? 0.5468 0.3571 0.4692 0.0692  0.0542  -0.0578 602 THR A C   
178 O  O   . THR A 42 ? 0.5782 0.3948 0.4847 0.0516  0.0478  -0.0655 602 THR A O   
179 C  CB  . THR A 42 ? 0.6429 0.5250 0.6448 0.1030  0.0538  -0.0333 602 THR A CB  
180 O  OG1 . THR A 42 ? 0.6984 0.6012 0.7059 0.1022  0.0615  -0.0400 602 THR A OG1 
181 C  CG2 . THR A 42 ? 0.5998 0.5256 0.6394 0.1079  0.0378  -0.0163 602 THR A CG2 
182 N  N   . PRO A 43 ? 0.5793 0.3394 0.4797 0.0813  0.0723  -0.0616 603 PRO A N   
183 C  CA  . PRO A 43 ? 0.6587 0.3685 0.5074 0.0695  0.0846  -0.0786 603 PRO A CA  
184 C  C   . PRO A 43 ? 0.7163 0.4448 0.5658 0.0737  0.0971  -0.0850 603 PRO A C   
185 O  O   . PRO A 43 ? 0.7330 0.4295 0.5366 0.0572  0.1014  -0.0980 603 PRO A O   
186 C  CB  . PRO A 43 ? 0.7479 0.3980 0.5762 0.0868  0.1064  -0.0812 603 PRO A CB  
187 C  CG  . PRO A 43 ? 0.6863 0.3488 0.5441 0.0944  0.0943  -0.0651 603 PRO A CG  
188 C  CD  . PRO A 43 ? 0.5669 0.3033 0.4782 0.1020  0.0814  -0.0517 603 PRO A CD  
189 N  N   . ASP A 44 ? 0.6601 0.4388 0.5589 0.0929  0.1017  -0.0746 604 ASP A N   
190 C  CA  . ASP A 44 ? 0.6403 0.4395 0.5445 0.0971  0.1150  -0.0780 604 ASP A CA  
191 C  C   . ASP A 44 ? 0.5772 0.4148 0.4860 0.0760  0.0944  -0.0779 604 ASP A C   
192 O  O   . ASP A 44 ? 0.6140 0.4580 0.5121 0.0716  0.1025  -0.0824 604 ASP A O   
193 C  CB  . ASP A 44 ? 0.7332 0.5741 0.6935 0.1238  0.1270  -0.0641 604 ASP A CB  
194 C  CG  . ASP A 44 ? 0.9069 0.7119 0.8666 0.1504  0.1588  -0.0641 604 ASP A CG  
195 O  OD1 . ASP A 44 ? 0.9609 0.7000 0.8667 0.1474  0.1755  -0.0791 604 ASP A OD1 
196 O  OD2 . ASP A 44 ? 1.0341 0.8764 1.0480 0.1741  0.1677  -0.0482 604 ASP A OD2 
197 N  N   . GLY A 45 ? 0.5435 0.4062 0.4691 0.0642  0.0698  -0.0715 605 GLY A N   
198 C  CA  . GLY A 45 ? 0.4894 0.3833 0.4206 0.0460  0.0521  -0.0706 605 GLY A CA  
199 C  C   . GLY A 45 ? 0.4710 0.4057 0.4391 0.0446  0.0342  -0.0608 605 GLY A C   
200 O  O   . GLY A 45 ? 0.4622 0.3943 0.4391 0.0489  0.0292  -0.0556 605 GLY A O   
201 N  N   . ILE A 46 ? 0.4368 0.4057 0.4234 0.0383  0.0262  -0.0582 606 ILE A N   
202 C  CA  . ILE A 46 ? 0.3928 0.3924 0.4054 0.0344  0.0120  -0.0520 606 ILE A CA  
203 C  C   . ILE A 46 ? 0.4751 0.5085 0.5165 0.0406  0.0130  -0.0477 606 ILE A C   
204 O  O   . ILE A 46 ? 0.4255 0.4644 0.4661 0.0395  0.0192  -0.0493 606 ILE A O   
205 C  CB  . ILE A 46 ? 0.3778 0.3802 0.3834 0.0170  -0.0001 -0.0525 606 ILE A CB  
206 C  CG1 . ILE A 46 ? 0.4494 0.4207 0.4277 0.0061  -0.0038 -0.0549 606 ILE A CG1 
207 C  CG2 . ILE A 46 ? 0.4245 0.4549 0.4558 0.0155  -0.0084 -0.0477 606 ILE A CG2 
208 C  CD1 . ILE A 46 ? 0.4963 0.4755 0.4743 -0.0128 -0.0175 -0.0510 606 ILE A CD1 
209 N  N   . GLN A 47 ? 0.3839 0.4381 0.4472 0.0448  0.0065  -0.0414 607 GLN A N   
210 C  CA  . GLN A 47 ? 0.3273 0.4124 0.4149 0.0446  0.0033  -0.0371 607 GLN A CA  
211 C  C   . GLN A 47 ? 0.4007 0.4966 0.4920 0.0349  -0.0089 -0.0367 607 GLN A C   
212 O  O   . GLN A 47 ? 0.3846 0.4751 0.4703 0.0345  -0.0141 -0.0346 607 GLN A O   
213 C  CB  . GLN A 47 ? 0.3588 0.4605 0.4701 0.0578  0.0076  -0.0279 607 GLN A CB  
214 C  CG  . GLN A 47 ? 0.3740 0.5093 0.5119 0.0537  0.0025  -0.0216 607 GLN A CG  
215 C  CD  . GLN A 47 ? 0.5358 0.6917 0.7030 0.0673  0.0119  -0.0108 607 GLN A CD  
216 O  OE1 . GLN A 47 ? 0.6095 0.7535 0.7735 0.0780  0.0302  -0.0131 607 GLN A OE1 
217 N  NE2 . GLN A 47 ? 0.5111 0.6976 0.7068 0.0664  0.0001  0.0020  607 GLN A NE2 
218 N  N   . LEU A 48 ? 0.3329 0.4396 0.4301 0.0270  -0.0112 -0.0388 608 LEU A N   
219 C  CA  . LEU A 48 ? 0.3582 0.4699 0.4560 0.0184  -0.0181 -0.0404 608 LEU A CA  
220 C  C   . LEU A 48 ? 0.3968 0.5269 0.5092 0.0145  -0.0221 -0.0371 608 LEU A C   
221 O  O   . LEU A 48 ? 0.3737 0.5121 0.4964 0.0145  -0.0177 -0.0358 608 LEU A O   
222 C  CB  . LEU A 48 ? 0.3014 0.4045 0.3948 0.0125  -0.0161 -0.0447 608 LEU A CB  
223 C  CG  . LEU A 48 ? 0.3244 0.4147 0.4087 0.0123  -0.0148 -0.0449 608 LEU A CG  
224 C  CD1 . LEU A 48 ? 0.3535 0.4381 0.4315 0.0116  -0.0129 -0.0443 608 LEU A CD1 
225 C  CD2 . LEU A 48 ? 0.3858 0.4756 0.4754 0.0075  -0.0142 -0.0450 608 LEU A CD2 
226 N  N   . GLN A 49 ? 0.3712 0.5075 0.4822 0.0085  -0.0311 -0.0348 609 GLN A N   
227 C  CA  . GLN A 49 ? 0.3073 0.4619 0.4313 0.0000  -0.0386 -0.0302 609 GLN A CA  
228 C  C   . GLN A 49 ? 0.3779 0.5254 0.4841 -0.0144 -0.0488 -0.0331 609 GLN A C   
229 O  O   . GLN A 49 ? 0.3969 0.5309 0.4828 -0.0153 -0.0507 -0.0354 609 GLN A O   
230 C  CB  . GLN A 49 ? 0.3826 0.5627 0.5319 0.0077  -0.0419 -0.0170 609 GLN A CB  
231 C  CG  . GLN A 49 ? 0.4967 0.6767 0.6426 0.0137  -0.0488 -0.0098 609 GLN A CG  
232 C  CD  . GLN A 49 ? 0.6379 0.8429 0.8166 0.0271  -0.0479 0.0058  609 GLN A CD  
233 O  OE1 . GLN A 49 ? 0.6791 0.8740 0.8595 0.0429  -0.0397 0.0089  609 GLN A OE1 
234 N  NE2 . GLN A 49 ? 0.5827 0.8194 0.7899 0.0211  -0.0550 0.0165  609 GLN A NE2 
235 N  N   . VAL A 50 ? 0.3583 0.5119 0.4680 -0.0277 -0.0549 -0.0331 610 VAL A N   
236 C  CA  . VAL A 50 ? 0.3084 0.4493 0.3934 -0.0460 -0.0653 -0.0373 610 VAL A CA  
237 C  C   . VAL A 50 ? 0.3788 0.5458 0.4823 -0.0597 -0.0803 -0.0265 610 VAL A C   
238 O  O   . VAL A 50 ? 0.4334 0.6096 0.5553 -0.0633 -0.0773 -0.0251 610 VAL A O   
239 C  CB  . VAL A 50 ? 0.3370 0.4456 0.3996 -0.0531 -0.0551 -0.0518 610 VAL A CB  
240 C  CG1 . VAL A 50 ? 0.4508 0.5380 0.4786 -0.0737 -0.0634 -0.0584 610 VAL A CG1 
241 C  CG2 . VAL A 50 ? 0.4225 0.5136 0.4777 -0.0388 -0.0398 -0.0585 610 VAL A CG2 
242 N  N   . GLY A 51 ? 0.3717 0.5525 0.4718 -0.0688 -0.0977 -0.0164 611 GLY A N   
243 C  CA  . GLY A 51 ? 0.4410 0.6551 0.5658 -0.0836 -0.1161 -0.0010 611 GLY A CA  
244 C  C   . GLY A 51 ? 0.4444 0.6965 0.6213 -0.0647 -0.1085 0.0134  611 GLY A C   
245 O  O   . GLY A 51 ? 0.4613 0.7101 0.6464 -0.0416 -0.0931 0.0121  611 GLY A O   
246 N  N   . GLU A 52 ? 0.5011 0.7865 0.7115 -0.0750 -0.1165 0.0265  612 GLU A N   
247 C  CA  . GLU A 52 ? 0.6317 0.9551 0.8931 -0.0547 -0.1057 0.0422  612 GLU A CA  
248 C  C   . GLU A 52 ? 0.5642 0.8841 0.8365 -0.0461 -0.0833 0.0353  612 GLU A C   
249 O  O   . GLU A 52 ? 0.6582 0.9981 0.9613 -0.0267 -0.0672 0.0435  612 GLU A O   
250 C  CB  . GLU A 52 ? 0.8058 1.1808 1.1129 -0.0640 -0.1248 0.0684  612 GLU A CB  
251 C  CG  . GLU A 52 ? 0.9822 1.3842 1.3333 -0.0341 -0.1108 0.0850  612 GLU A CG  
252 C  CD  . GLU A 52 ? 1.1527 1.5423 1.4937 -0.0149 -0.1103 0.0862  612 GLU A CD  
253 O  OE1 . GLU A 52 ? 1.1765 1.5539 1.5234 0.0112  -0.0861 0.0815  612 GLU A OE1 
254 O  OE2 . GLU A 52 ? 1.2509 1.6324 1.5679 -0.0271 -0.1319 0.0896  612 GLU A OE2 
255 N  N   . SER A 53 ? 0.4362 0.7274 0.6810 -0.0598 -0.0806 0.0207  613 SER A N   
256 C  CA  . SER A 53 ? 0.4183 0.7096 0.6741 -0.0553 -0.0630 0.0187  613 SER A CA  
257 C  C   . SER A 53 ? 0.4247 0.6748 0.6468 -0.0498 -0.0502 0.0014  613 SER A C   
258 O  O   . SER A 53 ? 0.4848 0.7314 0.7103 -0.0480 -0.0379 0.0007  613 SER A O   
259 C  CB  . SER A 53 ? 0.5378 0.8492 0.8130 -0.0782 -0.0715 0.0277  613 SER A CB  
260 O  OG  . SER A 53 ? 0.6078 0.8873 0.8485 -0.1013 -0.0846 0.0165  613 SER A OG  
261 N  N   . THR A 54 ? 0.3333 0.5539 0.5245 -0.0476 -0.0530 -0.0103 614 THR A N   
262 C  CA  . THR A 54 ? 0.3253 0.5146 0.4948 -0.0396 -0.0409 -0.0222 614 THR A CA  
263 C  C   . THR A 54 ? 0.3679 0.5561 0.5353 -0.0206 -0.0331 -0.0229 614 THR A C   
264 O  O   . THR A 54 ? 0.3631 0.5486 0.5221 -0.0171 -0.0391 -0.0236 614 THR A O   
265 C  CB  . THR A 54 ? 0.3817 0.5383 0.5212 -0.0489 -0.0450 -0.0342 614 THR A CB  
266 O  OG1 . THR A 54 ? 0.3968 0.5452 0.5312 -0.0688 -0.0518 -0.0354 614 THR A OG1 
267 C  CG2 . THR A 54 ? 0.3494 0.4811 0.4767 -0.0383 -0.0328 -0.0420 614 THR A CG2 
268 N  N   . VAL A 55 ? 0.3364 0.5232 0.5066 -0.0105 -0.0204 -0.0224 615 VAL A N   
269 C  CA  . VAL A 55 ? 0.3067 0.4865 0.4697 0.0049  -0.0127 -0.0239 615 VAL A CA  
270 C  C   . VAL A 55 ? 0.3671 0.5277 0.5128 0.0080  -0.0034 -0.0289 615 VAL A C   
271 O  O   . VAL A 55 ? 0.3895 0.5528 0.5371 0.0046  0.0030  -0.0262 615 VAL A O   
272 C  CB  . VAL A 55 ? 0.4013 0.6033 0.5870 0.0165  -0.0046 -0.0144 615 VAL A CB  
273 C  CG1 . VAL A 55 ? 0.4634 0.6470 0.6350 0.0313  0.0045  -0.0180 615 VAL A CG1 
274 C  CG2 . VAL A 55 ? 0.3921 0.6226 0.6041 0.0134  -0.0164 -0.0032 615 VAL A CG2 
275 N  N   . ILE A 56 ? 0.3553 0.4968 0.4830 0.0121  -0.0040 -0.0343 616 ILE A N   
276 C  CA  . ILE A 56 ? 0.3375 0.4622 0.4468 0.0134  0.0019  -0.0367 616 ILE A CA  
277 C  C   . ILE A 56 ? 0.4249 0.5388 0.5233 0.0229  0.0083  -0.0388 616 ILE A C   
278 O  O   . ILE A 56 ? 0.3737 0.4824 0.4705 0.0261  0.0034  -0.0400 616 ILE A O   
279 C  CB  . ILE A 56 ? 0.3236 0.4353 0.4239 0.0074  -0.0052 -0.0387 616 ILE A CB  
280 C  CG1 . ILE A 56 ? 0.3365 0.4520 0.4474 0.0005  -0.0083 -0.0362 616 ILE A CG1 
281 C  CG2 . ILE A 56 ? 0.3922 0.4887 0.4720 0.0048  -0.0043 -0.0383 616 ILE A CG2 
282 C  CD1 . ILE A 56 ? 0.3831 0.4889 0.4948 -0.0014 -0.0122 -0.0358 616 ILE A CD1 
283 N  N   . ARG A 57 ? 0.3815 0.4881 0.4696 0.0274  0.0211  -0.0391 617 ARG A N   
284 C  CA  . ARG A 57 ? 0.3793 0.4655 0.4511 0.0369  0.0309  -0.0429 617 ARG A CA  
285 C  C   . ARG A 57 ? 0.4606 0.5158 0.4933 0.0291  0.0347  -0.0492 617 ARG A C   
286 O  O   . ARG A 57 ? 0.4231 0.4767 0.4432 0.0223  0.0395  -0.0486 617 ARG A O   
287 C  CB  . ARG A 57 ? 0.3776 0.4763 0.4683 0.0509  0.0474  -0.0381 617 ARG A CB  
288 C  CG  . ARG A 57 ? 0.6407 0.7082 0.7084 0.0621  0.0642  -0.0435 617 ARG A CG  
289 C  CD  . ARG A 57 ? 0.8404 0.9080 0.9254 0.0759  0.0631  -0.0388 617 ARG A CD  
290 N  NE  . ARG A 57 ? 0.9765 1.0489 1.0816 0.0957  0.0850  -0.0328 617 ARG A NE  
291 C  CZ  . ARG A 57 ? 1.0337 1.1456 1.1794 0.1020  0.0911  -0.0215 617 ARG A CZ  
292 N  NH1 . ARG A 57 ? 0.9891 1.1332 1.1528 0.0878  0.0754  -0.0168 617 ARG A NH1 
293 N  NH2 . ARG A 57 ? 1.0441 1.1623 1.2137 0.1226  0.1141  -0.0139 617 ARG A NH2 
294 N  N   . LEU A 58 ? 0.4349 0.4647 0.4456 0.0272  0.0313  -0.0540 618 LEU A N   
295 C  CA  . LEU A 58 ? 0.4159 0.4122 0.3839 0.0158  0.0321  -0.0599 618 LEU A CA  
296 C  C   . LEU A 58 ? 0.4857 0.4472 0.4286 0.0251  0.0487  -0.0675 618 LEU A C   
297 O  O   . LEU A 58 ? 0.4649 0.4228 0.4205 0.0352  0.0490  -0.0667 618 LEU A O   
298 C  CB  . LEU A 58 ? 0.3992 0.3924 0.3629 0.0021  0.0124  -0.0579 618 LEU A CB  
299 C  CG  . LEU A 58 ? 0.4186 0.4380 0.4044 -0.0067 -0.0024 -0.0499 618 LEU A CG  
300 C  CD1 . LEU A 58 ? 0.4355 0.4816 0.4584 0.0021  -0.0045 -0.0468 618 LEU A CD1 
301 C  CD2 . LEU A 58 ? 0.4744 0.4853 0.4489 -0.0218 -0.0178 -0.0462 618 LEU A CD2 
302 N  N   . SER A 59 ? 0.4787 0.4103 0.3826 0.0215  0.0635  -0.0744 619 SER A N   
303 C  CA  . SER A 59 ? 0.5612 0.4488 0.4334 0.0307  0.0842  -0.0838 619 SER A CA  
304 C  C   . SER A 59 ? 0.6196 0.4617 0.4278 0.0091  0.0828  -0.0934 619 SER A C   
305 O  O   . SER A 59 ? 0.6097 0.4633 0.4075 -0.0101 0.0653  -0.0892 619 SER A O   
306 C  CB  . SER A 59 ? 0.6106 0.5057 0.4984 0.0510  0.1127  -0.0831 619 SER A CB  
307 O  OG  . SER A 59 ? 0.6438 0.5247 0.4960 0.0414  0.1253  -0.0879 619 SER A OG  
308 N  N   . LYS A 60 ? 0.6501 0.4386 0.4137 0.0116  0.1013  -0.1053 620 LYS A N   
309 C  CA  . LYS A 60 ? 0.7099 0.4452 0.4002 -0.0130 0.1002  -0.1164 620 LYS A CA  
310 C  C   . LYS A 60 ? 0.7375 0.4762 0.4011 -0.0234 0.1065  -0.1163 620 LYS A C   
311 O  O   . LYS A 60 ? 0.8120 0.5266 0.4241 -0.0510 0.0917  -0.1185 620 LYS A O   
312 C  CB  . LYS A 60 ? 0.9060 0.5747 0.5491 -0.0049 0.1271  -0.1316 620 LYS A CB  
313 C  CG  . LYS A 60 ? 1.1881 0.8141 0.7964 -0.0238 0.1099  -0.1373 620 LYS A CG  
314 C  CD  . LYS A 60 ? 1.2892 0.8789 0.9019 -0.0012 0.1308  -0.1427 620 LYS A CD  
315 C  CE  . LYS A 60 ? 1.2503 0.8721 0.9130 0.0019  0.1077  -0.1304 620 LYS A CE  
316 N  NZ  . LYS A 60 ? 1.1649 0.8017 0.8775 0.0365  0.1252  -0.1231 620 LYS A NZ  
317 N  N   . ASP A 61 ? 0.7090 0.4780 0.4074 -0.0029 0.1276  -0.1120 621 ASP A N   
318 C  CA  . ASP A 61 ? 0.7584 0.5271 0.4306 -0.0099 0.1412  -0.1119 621 ASP A CA  
319 C  C   . ASP A 61 ? 0.6240 0.4469 0.3347 -0.0187 0.1190  -0.0962 621 ASP A C   
320 O  O   . ASP A 61 ? 0.7186 0.5400 0.4026 -0.0306 0.1230  -0.0933 621 ASP A O   
321 C  CB  . ASP A 61 ? 0.9042 0.6709 0.5896 0.0166  0.1825  -0.1153 621 ASP A CB  
322 C  CG  . ASP A 61 ? 1.0958 0.7981 0.7350 0.0269  0.2118  -0.1316 621 ASP A CG  
323 O  OD1 . ASP A 61 ? 1.1533 0.8005 0.7226 0.0042  0.2049  -0.1428 621 ASP A OD1 
324 O  OD2 . ASP A 61 ? 1.1555 0.8664 0.8351 0.0568  0.2378  -0.1296 621 ASP A OD2 
325 N  N   . GLY A 62 ? 0.6047 0.4705 0.3733 -0.0132 0.0974  -0.0863 622 GLY A N   
326 C  CA  . GLY A 62 ? 0.5411 0.4489 0.3420 -0.0214 0.0780  -0.0727 622 GLY A CA  
327 C  C   . GLY A 62 ? 0.5096 0.4619 0.3760 -0.0094 0.0653  -0.0645 622 GLY A C   
328 O  O   . GLY A 62 ? 0.4894 0.4416 0.3733 -0.0008 0.0613  -0.0672 622 GLY A O   
329 N  N   . ILE A 63 ? 0.4542 0.4406 0.3524 -0.0107 0.0590  -0.0543 623 ILE A N   
330 C  CA  . ILE A 63 ? 0.3813 0.4022 0.3305 -0.0051 0.0445  -0.0477 623 ILE A CA  
331 C  C   . ILE A 63 ? 0.4670 0.5173 0.4488 0.0011  0.0542  -0.0412 623 ILE A C   
332 O  O   . ILE A 63 ? 0.4550 0.5048 0.4230 -0.0063 0.0613  -0.0369 623 ILE A O   
333 C  CB  . ILE A 63 ? 0.4202 0.4471 0.3725 -0.0193 0.0200  -0.0400 623 ILE A CB  
334 C  CG1 . ILE A 63 ? 0.4904 0.4946 0.4165 -0.0291 0.0075  -0.0430 623 ILE A CG1 
335 C  CG2 . ILE A 63 ? 0.4002 0.4557 0.3989 -0.0133 0.0104  -0.0350 623 ILE A CG2 
336 C  CD1 . ILE A 63 ? 0.5144 0.5295 0.4504 -0.0422 -0.0158 -0.0313 623 ILE A CD1 
337 N  N   . THR A 64 ? 0.4201 0.4958 0.4431 0.0121  0.0535  -0.0391 624 THR A N   
338 C  CA  . THR A 64 ? 0.4119 0.5188 0.4696 0.0124  0.0560  -0.0309 624 THR A CA  
339 C  C   . THR A 64 ? 0.3748 0.4963 0.4575 0.0079  0.0363  -0.0285 624 THR A C   
340 O  O   . THR A 64 ? 0.4035 0.5217 0.4900 0.0121  0.0276  -0.0324 624 THR A O   
341 C  CB  . THR A 64 ? 0.4099 0.5374 0.4949 0.0268  0.0750  -0.0275 624 THR A CB  
342 O  OG1 . THR A 64 ? 0.5341 0.6682 0.6392 0.0378  0.0692  -0.0283 624 THR A OG1 
343 C  CG2 . THR A 64 ? 0.5276 0.6336 0.5843 0.0340  0.1011  -0.0319 624 THR A CG2 
344 N  N   . ILE A 65 ? 0.3383 0.4699 0.4323 -0.0016 0.0307  -0.0224 625 ILE A N   
345 C  CA  . ILE A 65 ? 0.3621 0.4996 0.4741 -0.0067 0.0163  -0.0216 625 ILE A CA  
346 C  C   . ILE A 65 ? 0.3846 0.5435 0.5213 -0.0124 0.0184  -0.0153 625 ILE A C   
347 O  O   . ILE A 65 ? 0.3756 0.5379 0.5106 -0.0181 0.0261  -0.0091 625 ILE A O   
348 C  CB  . ILE A 65 ? 0.3271 0.4490 0.4279 -0.0145 0.0073  -0.0186 625 ILE A CB  
349 C  CG1 . ILE A 65 ? 0.3647 0.4709 0.4451 -0.0127 0.0024  -0.0214 625 ILE A CG1 
350 C  CG2 . ILE A 65 ? 0.3276 0.4490 0.4458 -0.0179 -0.0013 -0.0188 625 ILE A CG2 
351 C  CD1 . ILE A 65 ? 0.3996 0.4964 0.4735 -0.0199 -0.0076 -0.0133 625 ILE A CD1 
352 N  N   . VAL A 66 ? 0.3365 0.5100 0.4936 -0.0131 0.0112  -0.0157 626 VAL A N   
353 C  CA  . VAL A 66 ? 0.2692 0.4640 0.4502 -0.0238 0.0084  -0.0084 626 VAL A CA  
354 C  C   . VAL A 66 ? 0.3574 0.5444 0.5385 -0.0334 -0.0068 -0.0130 626 VAL A C   
355 O  O   . VAL A 66 ? 0.3348 0.5139 0.5075 -0.0282 -0.0126 -0.0194 626 VAL A O   
356 C  CB  . VAL A 66 ? 0.3708 0.5987 0.5802 -0.0179 0.0153  0.0000  626 VAL A CB  
357 C  CG1 . VAL A 66 ? 0.4655 0.6968 0.6718 -0.0080 0.0364  0.0033  626 VAL A CG1 
358 C  CG2 . VAL A 66 ? 0.4847 0.7179 0.6994 -0.0076 0.0090  -0.0020 626 VAL A CG2 
359 N  N   . GLY A 67 ? 0.3368 0.5210 0.5225 -0.0490 -0.0117 -0.0103 627 GLY A N   
360 C  CA  . GLY A 67 ? 0.3507 0.5194 0.5284 -0.0614 -0.0235 -0.0163 627 GLY A CA  
361 C  C   . GLY A 67 ? 0.3641 0.5353 0.5506 -0.0815 -0.0279 -0.0104 627 GLY A C   
362 O  O   . GLY A 67 ? 0.3382 0.5120 0.5315 -0.0843 -0.0203 -0.0030 627 GLY A O   
363 N  N   . GLY A 68 ? 0.3690 0.5367 0.5516 -0.0983 -0.0409 -0.0130 628 GLY A N   
364 C  CA  . GLY A 68 ? 0.3811 0.5489 0.5702 -0.1220 -0.0474 -0.0070 628 GLY A CA  
365 C  C   . GLY A 68 ? 0.3701 0.5014 0.5449 -0.1240 -0.0385 -0.0098 628 GLY A C   
366 O  O   . GLY A 68 ? 0.4240 0.5621 0.6111 -0.1341 -0.0351 0.0004  628 GLY A O   
367 N  N   . SER A 69 ? 0.3720 0.4659 0.5234 -0.1137 -0.0337 -0.0212 629 SER A N   
368 C  CA  . SER A 69 ? 0.4193 0.4821 0.5636 -0.1092 -0.0248 -0.0200 629 SER A CA  
369 C  C   . SER A 69 ? 0.4417 0.5040 0.5843 -0.0860 -0.0177 -0.0216 629 SER A C   
370 O  O   . SER A 69 ? 0.5290 0.5868 0.6630 -0.0771 -0.0180 -0.0309 629 SER A O   
371 C  CB  . SER A 69 ? 0.4777 0.4910 0.5988 -0.1198 -0.0247 -0.0305 629 SER A CB  
372 O  OG  . SER A 69 ? 0.5588 0.5690 0.6771 -0.1463 -0.0338 -0.0290 629 SER A OG  
373 N  N   . VAL A 70 ? 0.3951 0.4624 0.5439 -0.0784 -0.0124 -0.0114 630 VAL A N   
374 C  CA  . VAL A 70 ? 0.3918 0.4565 0.5376 -0.0607 -0.0092 -0.0110 630 VAL A CA  
375 C  C   . VAL A 70 ? 0.4669 0.5049 0.6127 -0.0584 -0.0069 -0.0027 630 VAL A C   
376 O  O   . VAL A 70 ? 0.4067 0.4422 0.5540 -0.0672 -0.0065 0.0082  630 VAL A O   
377 C  CB  . VAL A 70 ? 0.4197 0.5127 0.5672 -0.0544 -0.0070 -0.0050 630 VAL A CB  
378 C  CG1 . VAL A 70 ? 0.3885 0.4750 0.5285 -0.0430 -0.0074 -0.0015 630 VAL A CG1 
379 C  CG2 . VAL A 70 ? 0.3885 0.5057 0.5407 -0.0513 -0.0075 -0.0113 630 VAL A CG2 
380 N  N   . PHE A 71 ? 0.4104 0.4296 0.5575 -0.0465 -0.0044 -0.0056 631 PHE A N   
381 C  CA  . PHE A 71 ? 0.4457 0.4426 0.6010 -0.0405 -0.0022 0.0064  631 PHE A CA  
382 C  C   . PHE A 71 ? 0.4152 0.4260 0.5802 -0.0264 -0.0052 0.0148  631 PHE A C   
383 O  O   . PHE A 71 ? 0.4314 0.4504 0.5984 -0.0182 -0.0036 0.0066  631 PHE A O   
384 C  CB  . PHE A 71 ? 0.4442 0.4020 0.5985 -0.0383 0.0066  -0.0014 631 PHE A CB  
385 C  CG  . PHE A 71 ? 0.5746 0.5082 0.7173 -0.0557 0.0074  -0.0052 631 PHE A CG  
386 C  CD1 . PHE A 71 ? 0.6004 0.5364 0.7281 -0.0709 0.0042  -0.0191 631 PHE A CD1 
387 C  CD2 . PHE A 71 ? 0.6228 0.5303 0.7698 -0.0589 0.0095  0.0072  631 PHE A CD2 
388 C  CE1 . PHE A 71 ? 0.6159 0.5302 0.7328 -0.0914 0.0022  -0.0213 631 PHE A CE1 
389 C  CE2 . PHE A 71 ? 0.7047 0.5860 0.8393 -0.0781 0.0097  0.0039  631 PHE A CE2 
390 C  CZ  . PHE A 71 ? 0.6923 0.5779 0.8118 -0.0957 0.0056  -0.0107 631 PHE A CZ  
391 N  N   . ILE A 72 ? 0.3543 0.3684 0.5241 -0.0261 -0.0111 0.0330  632 ILE A N   
392 C  CA  . ILE A 72 ? 0.3389 0.3675 0.5183 -0.0175 -0.0184 0.0447  632 ILE A CA  
393 C  C   . ILE A 72 ? 0.3598 0.3730 0.5610 -0.0101 -0.0202 0.0646  632 ILE A C   
394 O  O   . ILE A 72 ? 0.4557 0.4587 0.6527 -0.0172 -0.0239 0.0783  632 ILE A O   
395 C  CB  . ILE A 72 ? 0.3979 0.4462 0.5569 -0.0266 -0.0274 0.0506  632 ILE A CB  
396 C  CG1 . ILE A 72 ? 0.4809 0.5423 0.6241 -0.0298 -0.0223 0.0325  632 ILE A CG1 
397 C  CG2 . ILE A 72 ? 0.3599 0.4206 0.5241 -0.0232 -0.0395 0.0644  632 ILE A CG2 
398 C  CD1 . ILE A 72 ? 0.4543 0.5279 0.5730 -0.0365 -0.0250 0.0346  632 ILE A CD1 
399 N  N   . ASN A 73 ? 0.4031 0.4146 0.6295 0.0048  -0.0157 0.0674  633 ASN A N   
400 C  CA  . ASN A 73 ? 0.4327 0.4305 0.6903 0.0172  -0.0139 0.0880  633 ASN A CA  
401 C  C   . ASN A 73 ? 0.4737 0.4342 0.7264 0.0146  -0.0053 0.0885  633 ASN A C   
402 O  O   . ASN A 73 ? 0.4948 0.4439 0.7609 0.0167  -0.0101 0.1108  633 ASN A O   
403 C  CB  . ASN A 73 ? 0.3629 0.3855 0.6353 0.0163  -0.0332 0.1163  633 ASN A CB  
404 C  CG  . ASN A 73 ? 0.3922 0.4449 0.6857 0.0231  -0.0393 0.1210  633 ASN A CG  
405 O  OD1 . ASN A 73 ? 0.3920 0.4459 0.6934 0.0315  -0.0262 0.1048  633 ASN A OD1 
406 N  ND2 . ASN A 73 ? 0.3993 0.4757 0.7014 0.0170  -0.0605 0.1457  633 ASN A ND2 
407 N  N   . GLY A 74 ? 0.4779 0.4176 0.7095 0.0079  0.0062  0.0647  634 GLY A N   
408 C  CA  . GLY A 74 ? 0.5196 0.4179 0.7425 0.0020  0.0151  0.0616  634 GLY A CA  
409 C  C   . GLY A 74 ? 0.5066 0.4060 0.7086 -0.0190 0.0065  0.0649  634 GLY A C   
410 O  O   . GLY A 74 ? 0.5297 0.3950 0.7224 -0.0283 0.0123  0.0621  634 GLY A O   
411 N  N   . LEU A 75 ? 0.4833 0.4189 0.6765 -0.0273 -0.0055 0.0710  635 LEU A N   
412 C  CA  . LEU A 75 ? 0.5337 0.4737 0.7094 -0.0461 -0.0098 0.0764  635 LEU A CA  
413 C  C   . LEU A 75 ? 0.5033 0.4674 0.6644 -0.0570 -0.0084 0.0580  635 LEU A C   
414 O  O   . LEU A 75 ? 0.4433 0.4326 0.6025 -0.0508 -0.0105 0.0503  635 LEU A O   
415 C  CB  . LEU A 75 ? 0.5866 0.5451 0.7581 -0.0488 -0.0211 0.0991  635 LEU A CB  
416 C  CG  . LEU A 75 ? 0.5957 0.5617 0.7456 -0.0679 -0.0215 0.1049  635 LEU A CG  
417 C  CD1 . LEU A 75 ? 0.6220 0.5569 0.7739 -0.0781 -0.0164 0.1104  635 LEU A CD1 
418 C  CD2 . LEU A 75 ? 0.6555 0.6345 0.7908 -0.0719 -0.0319 0.1258  635 LEU A CD2 
419 N  N   . GLU A 76 ? 0.5536 0.5103 0.7070 -0.0735 -0.0055 0.0533  636 GLU A N   
420 C  CA  . GLU A 76 ? 0.4886 0.4719 0.6371 -0.0829 -0.0050 0.0396  636 GLU A CA  
421 C  C   . GLU A 76 ? 0.4778 0.4944 0.6214 -0.0867 -0.0053 0.0483  636 GLU A C   
422 O  O   . GLU A 76 ? 0.4760 0.4896 0.6141 -0.0944 -0.0048 0.0639  636 GLU A O   
423 C  CB  . GLU A 76 ? 0.4991 0.4675 0.6451 -0.1024 -0.0041 0.0337  636 GLU A CB  
424 C  CG  . GLU A 76 ? 0.5008 0.5058 0.6502 -0.1127 -0.0064 0.0252  636 GLU A CG  
425 C  CD  . GLU A 76 ? 0.6856 0.6776 0.8330 -0.1349 -0.0105 0.0187  636 GLU A CD  
426 O  OE1 . GLU A 76 ? 0.6758 0.6273 0.8147 -0.1453 -0.0096 0.0205  636 GLU A OE1 
427 O  OE2 . GLU A 76 ? 0.7342 0.7548 0.8875 -0.1430 -0.0158 0.0128  636 GLU A OE2 
428 N  N   . HIS A 77 ? 0.4004 0.4447 0.5431 -0.0810 -0.0042 0.0383  637 HIS A N   
429 C  CA  . HIS A 77 ? 0.4200 0.4922 0.5561 -0.0837 0.0011  0.0424  637 HIS A CA  
430 C  C   . HIS A 77 ? 0.4421 0.5381 0.5914 -0.0939 0.0062  0.0388  637 HIS A C   
431 O  O   . HIS A 77 ? 0.4233 0.5339 0.5820 -0.0903 0.0044  0.0280  637 HIS A O   
432 C  CB  . HIS A 77 ? 0.3914 0.4744 0.5178 -0.0702 0.0004  0.0361  637 HIS A CB  
433 C  CG  . HIS A 77 ? 0.5433 0.6116 0.6587 -0.0651 -0.0069 0.0459  637 HIS A CG  
434 N  ND1 . HIS A 77 ? 0.5834 0.6551 0.6756 -0.0678 -0.0073 0.0542  637 HIS A ND1 
435 C  CD2 . HIS A 77 ? 0.5840 0.6336 0.7097 -0.0591 -0.0143 0.0517  637 HIS A CD2 
436 C  CE1 . HIS A 77 ? 0.6575 0.7171 0.7470 -0.0656 -0.0190 0.0661  637 HIS A CE1 
437 N  NE2 . HIS A 77 ? 0.5843 0.6329 0.6988 -0.0585 -0.0223 0.0659  637 HIS A NE2 
438 N  N   . HIS A 78 ? 0.4505 0.5528 0.6024 -0.1077 0.0119  0.0507  638 HIS A N   
439 C  CA  . HIS A 78 ? 0.4295 0.5586 0.6022 -0.1208 0.0155  0.0526  638 HIS A CA  
440 C  C   . HIS A 78 ? 0.4401 0.6077 0.6229 -0.1122 0.0272  0.0522  638 HIS A C   
441 O  O   . HIS A 78 ? 0.4525 0.6195 0.6174 -0.0994 0.0353  0.0504  638 HIS A O   
442 C  CB  . HIS A 78 ? 0.5138 0.6362 0.6879 -0.1395 0.0192  0.0677  638 HIS A CB  
443 C  CG  . HIS A 78 ? 0.5912 0.6698 0.7561 -0.1465 0.0101  0.0695  638 HIS A CG  
444 N  ND1 . HIS A 78 ? 0.6631 0.7229 0.8341 -0.1586 0.0018  0.0619  638 HIS A ND1 
445 C  CD2 . HIS A 78 ? 0.6054 0.6527 0.7545 -0.1429 0.0086  0.0788  638 HIS A CD2 
446 C  CE1 . HIS A 78 ? 0.6810 0.6957 0.8400 -0.1602 -0.0008 0.0647  638 HIS A CE1 
447 N  NE2 . HIS A 78 ? 0.6621 0.6713 0.8120 -0.1496 0.0025  0.0767  638 HIS A NE2 
448 N  N   . HIS A 79 ? 0.4019 0.6016 0.6138 -0.1203 0.0284  0.0550  639 HIS A N   
449 C  CA  . HIS A 79 ? 0.4087 0.6467 0.6394 -0.1089 0.0416  0.0567  639 HIS A CA  
450 C  C   . HIS A 79 ? 0.4644 0.7203 0.6969 -0.1107 0.0639  0.0692  639 HIS A C   
451 O  O   . HIS A 79 ? 0.5133 0.7720 0.7524 -0.1284 0.0664  0.0813  639 HIS A O   
452 C  CB  . HIS A 79 ? 0.3992 0.6698 0.6665 -0.1157 0.0317  0.0586  639 HIS A CB  
453 C  CG  . HIS A 79 ? 0.3455 0.5974 0.6028 -0.1125 0.0132  0.0450  639 HIS A CG  
454 N  ND1 . HIS A 79 ? 0.3157 0.5763 0.5739 -0.0944 0.0126  0.0373  639 HIS A ND1 
455 C  CD2 . HIS A 79 ? 0.3976 0.6177 0.6393 -0.1249 -0.0024 0.0373  639 HIS A CD2 
456 C  CE1 . HIS A 79 ? 0.3302 0.5681 0.5737 -0.0965 -0.0030 0.0263  639 HIS A CE1 
457 N  NE2 . HIS A 79 ? 0.3558 0.5684 0.5885 -0.1144 -0.0111 0.0251  639 HIS A NE2 
458 N  N   . HIS A 80 ? 0.4501 0.7144 0.6736 -0.0931 0.0820  0.0659  640 HIS A N   
459 C  CA  . HIS A 80 ? 0.5530 0.8339 0.7761 -0.0926 0.1095  0.0759  640 HIS A CA  
460 C  C   . HIS A 80 ? 0.5076 0.8277 0.7664 -0.0775 0.1283  0.0785  640 HIS A C   
461 O  O   . HIS A 80 ? 0.5274 0.8439 0.7837 -0.0590 0.1284  0.0680  640 HIS A O   
462 C  CB  . HIS A 80 ? 0.6790 0.9238 0.8472 -0.0873 0.1198  0.0706  640 HIS A CB  
463 C  CG  . HIS A 80 ? 0.8132 1.0257 0.9525 -0.1024 0.1046  0.0758  640 HIS A CG  
464 N  ND1 . HIS A 80 ? 0.8273 1.0156 0.9607 -0.1028 0.0795  0.0697  640 HIS A ND1 
465 C  CD2 . HIS A 80 ? 0.9213 1.1219 1.0386 -0.1169 0.1119  0.0887  640 HIS A CD2 
466 C  CE1 . HIS A 80 ? 0.8753 1.0388 0.9883 -0.1148 0.0719  0.0795  640 HIS A CE1 
467 N  NE2 . HIS A 80 ? 0.9279 1.0975 1.0290 -0.1245 0.0895  0.0915  640 HIS A NE2 
468 N  N   . HIS A 81 ? 0.3950 0.7534 0.6907 -0.0850 0.1449  0.0948  641 HIS A N   
469 C  CA  . HIS A 81 ? 0.5230 0.9269 0.8660 -0.0693 0.1658  0.1030  641 HIS A CA  
470 C  C   . HIS A 81 ? 0.6012 1.0144 0.9387 -0.0646 0.2060  0.1116  641 HIS A C   
471 O  O   . HIS A 81 ? 0.6729 1.1090 1.0366 -0.0466 0.2286  0.1137  641 HIS A O   
472 C  CB  . HIS A 81 ? 0.5054 0.9574 0.9114 -0.0829 0.1476  0.1180  641 HIS A CB  
473 C  CG  . HIS A 81 ? 0.4190 0.8641 0.8289 -0.0870 0.1129  0.1101  641 HIS A CG  
474 N  ND1 . HIS A 81 ? 0.4171 0.8669 0.8355 -0.0665 0.1081  0.1030  641 HIS A ND1 
475 C  CD2 . HIS A 81 ? 0.3763 0.8027 0.7756 -0.1093 0.0832  0.1065  641 HIS A CD2 
476 C  CE1 . HIS A 81 ? 0.4288 0.8649 0.8397 -0.0767 0.0766  0.0956  641 HIS A CE1 
477 N  NE2 . HIS A 81 ? 0.3812 0.8020 0.7800 -0.1023 0.0623  0.0966  641 HIS A NE2 
478 O  O   . HOH B .  ? 0.4432 0.6258 0.6137 -0.0969 -0.0619 -0.0185 701 HOH A O   
479 O  O   . HOH B .  ? 0.4731 0.5594 0.6390 -0.1065 -0.0101 0.0110  702 HOH A O   
480 O  O   . HOH B .  ? 0.4999 0.4571 0.7055 0.0067  0.0172  0.0205  703 HOH A O   
481 O  O   . HOH B .  ? 0.7535 0.5102 0.5510 0.0588  0.1365  -0.1070 704 HOH A O   
482 O  O   . HOH B .  ? 0.4871 0.6701 0.6490 0.0231  0.0345  -0.0174 705 HOH A O   
483 O  O   . HOH B .  ? 0.5274 0.6608 0.6377 -0.0780 0.0332  0.0424  706 HOH A O   
484 O  O   . HOH B .  ? 0.5931 0.6726 0.7019 -0.1144 0.0182  0.0816  707 HOH A O   
485 O  O   . HOH B .  ? 0.4721 0.6815 0.6236 -0.0988 -0.0978 -0.0108 708 HOH A O   
486 O  O   . HOH B .  ? 0.7006 0.5734 0.8521 -0.0936 0.0008  0.0695  709 HOH A O   
487 O  O   . HOH B .  ? 0.5476 0.6442 0.6110 -0.0771 0.0189  0.0510  710 HOH A O   
488 O  O   . HOH B .  ? 0.6039 0.4891 0.7877 0.0130  0.0510  -0.0121 711 HOH A O   
489 O  O   . HOH B .  ? 0.5804 0.6000 0.5693 0.0471  0.0974  -0.0562 712 HOH A O   
490 O  O   . HOH B .  ? 0.7774 0.6364 0.9077 -0.1330 0.0012  0.0369  713 HOH A O   
# 
